data_7FBR
#
_entry.id   7FBR
#
_entity_poly.entity_id   1
_entity_poly.type   'polypeptide(L)'
_entity_poly.pdbx_seq_one_letter_code
;GSSGSSGQKGRVETRRVVHIMDFQRGKNLRYQLLQLVEPFGVISNHLILNKINEAFIEMATTEDAQAAVDYYTTTPALVF
GKPVRVHLSQKYKRIKSGPSSG
;
_entity_poly.pdbx_strand_id   A
#
# COMPACT_ATOMS: atom_id res chain seq x y z
N GLY A 1 1.42 23.83 -13.59
CA GLY A 1 0.46 24.55 -14.46
C GLY A 1 -0.86 24.79 -13.75
N SER A 2 -1.59 25.84 -14.18
CA SER A 2 -2.87 26.31 -13.60
C SER A 2 -2.80 26.80 -12.13
N SER A 3 -3.86 27.46 -11.67
CA SER A 3 -3.97 27.99 -10.30
C SER A 3 -3.97 26.90 -9.21
N GLY A 4 -3.45 27.23 -8.03
CA GLY A 4 -3.46 26.35 -6.84
C GLY A 4 -4.85 26.19 -6.20
N SER A 5 -4.98 25.22 -5.30
CA SER A 5 -6.23 24.87 -4.59
C SER A 5 -7.40 24.64 -5.57
N SER A 6 -8.45 25.46 -5.52
CA SER A 6 -9.63 25.44 -6.41
C SER A 6 -10.44 24.12 -6.39
N GLY A 7 -10.27 23.30 -5.34
CA GLY A 7 -10.91 22.00 -5.16
C GLY A 7 -10.22 21.14 -4.07
N GLN A 8 -10.82 20.00 -3.72
CA GLN A 8 -10.31 19.05 -2.73
C GLN A 8 -10.55 17.59 -3.17
N LYS A 9 -9.60 16.70 -2.87
CA LYS A 9 -9.72 15.24 -3.10
C LYS A 9 -10.65 14.58 -2.07
N GLY A 10 -11.40 13.56 -2.51
CA GLY A 10 -12.18 12.68 -1.62
C GLY A 10 -11.29 11.80 -0.73
N ARG A 11 -11.54 11.83 0.59
CA ARG A 11 -10.77 11.14 1.65
C ARG A 11 -11.69 10.55 2.73
N VAL A 12 -11.25 9.47 3.37
CA VAL A 12 -11.93 8.79 4.49
C VAL A 12 -10.92 8.42 5.58
N GLU A 13 -11.35 8.46 6.85
CA GLU A 13 -10.52 8.13 8.02
C GLU A 13 -10.58 6.65 8.43
N THR A 14 -11.45 5.85 7.80
CA THR A 14 -11.45 4.38 7.95
C THR A 14 -10.27 3.68 7.27
N ARG A 15 -9.75 2.61 7.90
CA ARG A 15 -8.61 1.79 7.46
C ARG A 15 -7.27 2.53 7.35
N ARG A 16 -6.18 1.75 7.31
CA ARG A 16 -4.77 2.21 7.41
C ARG A 16 -3.85 1.43 6.46
N VAL A 17 -4.40 0.80 5.42
CA VAL A 17 -3.69 -0.15 4.55
C VAL A 17 -3.38 0.42 3.17
N VAL A 18 -2.09 0.58 2.88
CA VAL A 18 -1.56 0.91 1.55
C VAL A 18 -1.50 -0.35 0.67
N HIS A 19 -2.23 -0.34 -0.44
CA HIS A 19 -2.19 -1.33 -1.51
C HIS A 19 -1.11 -0.92 -2.54
N ILE A 20 -0.25 -1.87 -2.93
CA ILE A 20 0.83 -1.68 -3.90
C ILE A 20 0.73 -2.79 -4.96
N MET A 21 0.85 -2.42 -6.24
CA MET A 21 0.64 -3.30 -7.40
C MET A 21 1.70 -3.12 -8.49
N ASP A 22 1.77 -4.06 -9.44
CA ASP A 22 2.57 -3.99 -10.67
C ASP A 22 4.11 -4.10 -10.54
N PHE A 23 4.59 -4.47 -9.35
CA PHE A 23 6.02 -4.56 -9.03
C PHE A 23 6.88 -5.64 -9.71
N GLN A 24 8.14 -5.32 -9.98
CA GLN A 24 9.16 -6.31 -10.35
C GLN A 24 9.66 -7.04 -9.09
N ARG A 25 10.11 -8.30 -9.22
CA ARG A 25 10.55 -9.13 -8.08
C ARG A 25 12.08 -9.27 -7.97
N GLY A 26 12.55 -9.56 -6.76
CA GLY A 26 13.97 -9.73 -6.39
C GLY A 26 14.14 -9.97 -4.89
N LYS A 27 15.37 -10.29 -4.45
CA LYS A 27 15.66 -10.72 -3.06
C LYS A 27 15.29 -9.70 -1.97
N ASN A 28 15.30 -8.40 -2.30
CA ASN A 28 14.93 -7.29 -1.41
C ASN A 28 13.50 -6.75 -1.62
N LEU A 29 12.60 -7.48 -2.31
CA LEU A 29 11.25 -7.01 -2.66
C LEU A 29 10.44 -6.50 -1.46
N ARG A 30 10.46 -7.24 -0.34
CA ARG A 30 9.81 -6.86 0.93
C ARG A 30 10.26 -5.47 1.39
N TYR A 31 11.58 -5.24 1.38
CA TYR A 31 12.18 -3.94 1.64
C TYR A 31 11.81 -2.82 0.67
N GLN A 32 11.85 -3.11 -0.64
CA GLN A 32 11.51 -2.14 -1.69
C GLN A 32 10.06 -1.63 -1.55
N LEU A 33 9.12 -2.53 -1.24
CA LEU A 33 7.71 -2.19 -1.01
C LEU A 33 7.50 -1.43 0.31
N LEU A 34 8.19 -1.84 1.39
CA LEU A 34 8.18 -1.10 2.67
C LEU A 34 8.70 0.34 2.51
N GLN A 35 9.77 0.56 1.73
CA GLN A 35 10.33 1.90 1.50
C GLN A 35 9.40 2.90 0.79
N LEU A 36 8.26 2.46 0.23
CA LEU A 36 7.22 3.36 -0.29
C LEU A 36 6.36 4.00 0.83
N VAL A 37 6.44 3.50 2.07
CA VAL A 37 5.61 3.93 3.21
C VAL A 37 6.38 4.11 4.54
N GLU A 38 7.57 3.50 4.68
CA GLU A 38 8.53 3.74 5.79
C GLU A 38 8.82 5.23 6.10
N PRO A 39 9.13 6.10 5.12
CA PRO A 39 9.33 7.53 5.41
C PRO A 39 8.03 8.28 5.76
N PHE A 40 6.87 7.69 5.47
CA PHE A 40 5.54 8.28 5.70
C PHE A 40 4.92 8.09 7.08
N GLY A 41 5.46 7.15 7.87
CA GLY A 41 4.97 6.85 9.22
C GLY A 41 5.43 5.49 9.75
N VAL A 42 4.76 5.06 10.82
CA VAL A 42 5.04 3.80 11.51
C VAL A 42 4.40 2.60 10.81
N ILE A 43 5.22 1.64 10.38
CA ILE A 43 4.77 0.32 9.89
C ILE A 43 4.15 -0.45 11.06
N SER A 44 2.90 -0.88 10.92
CA SER A 44 2.24 -1.81 11.86
C SER A 44 2.42 -3.26 11.41
N ASN A 45 2.19 -3.54 10.13
CA ASN A 45 2.25 -4.87 9.50
C ASN A 45 2.48 -4.78 7.97
N HIS A 46 2.96 -5.86 7.35
CA HIS A 46 3.04 -6.01 5.89
C HIS A 46 2.65 -7.42 5.42
N LEU A 47 2.20 -7.53 4.16
CA LEU A 47 1.78 -8.76 3.47
C LEU A 47 2.12 -8.65 1.97
N ILE A 48 2.92 -9.57 1.44
CA ILE A 48 3.30 -9.62 0.01
C ILE A 48 2.70 -10.89 -0.63
N LEU A 49 1.90 -10.76 -1.69
CA LEU A 49 1.25 -11.89 -2.37
C LEU A 49 2.25 -12.65 -3.26
N ASN A 50 2.14 -13.99 -3.30
CA ASN A 50 2.98 -14.86 -4.12
C ASN A 50 2.42 -15.08 -5.55
N LYS A 51 1.10 -15.33 -5.67
CA LYS A 51 0.44 -15.70 -6.93
C LYS A 51 0.33 -14.54 -7.94
N ILE A 52 0.15 -13.32 -7.44
CA ILE A 52 -0.02 -12.07 -8.19
C ILE A 52 0.85 -10.97 -7.58
N ASN A 53 1.19 -9.95 -8.38
CA ASN A 53 1.98 -8.79 -7.97
C ASN A 53 1.11 -7.77 -7.22
N GLU A 54 0.69 -8.15 -6.01
CA GLU A 54 -0.06 -7.36 -5.04
C GLU A 54 0.63 -7.37 -3.66
N ALA A 55 0.56 -6.27 -2.93
CA ALA A 55 1.06 -6.17 -1.56
C ALA A 55 0.24 -5.18 -0.73
N PHE A 56 0.12 -5.48 0.56
CA PHE A 56 -0.67 -4.71 1.53
C PHE A 56 0.17 -4.35 2.76
N ILE A 57 0.29 -3.07 3.07
CA ILE A 57 1.10 -2.58 4.20
C ILE A 57 0.23 -1.70 5.10
N GLU A 58 0.03 -2.15 6.33
CA GLU A 58 -0.79 -1.49 7.34
C GLU A 58 0.09 -0.54 8.16
N MET A 59 -0.28 0.74 8.17
CA MET A 59 0.33 1.76 9.02
C MET A 59 -0.35 1.80 10.39
N ALA A 60 0.35 2.31 11.41
CA ALA A 60 -0.21 2.48 12.75
C ALA A 60 -1.33 3.54 12.82
N THR A 61 -1.39 4.46 11.84
CA THR A 61 -2.44 5.47 11.68
C THR A 61 -3.01 5.60 10.26
N THR A 62 -4.28 6.01 10.14
CA THR A 62 -4.86 6.38 8.84
C THR A 62 -4.13 7.54 8.17
N GLU A 63 -3.68 8.55 8.92
CA GLU A 63 -2.95 9.70 8.38
C GLU A 63 -1.59 9.31 7.80
N ASP A 64 -0.91 8.34 8.41
CA ASP A 64 0.34 7.75 7.91
C ASP A 64 0.19 7.02 6.56
N ALA A 65 -0.89 6.24 6.42
CA ALA A 65 -1.26 5.57 5.17
C ALA A 65 -1.71 6.57 4.10
N GLN A 66 -2.53 7.55 4.47
CA GLN A 66 -3.02 8.61 3.58
C GLN A 66 -1.86 9.47 3.03
N ALA A 67 -0.88 9.82 3.86
CA ALA A 67 0.27 10.62 3.46
C ALA A 67 1.13 9.93 2.38
N ALA A 68 1.34 8.62 2.50
CA ALA A 68 2.08 7.83 1.50
C ALA A 68 1.38 7.83 0.13
N VAL A 69 0.08 7.56 0.11
CA VAL A 69 -0.71 7.51 -1.13
C VAL A 69 -0.93 8.90 -1.72
N ASP A 70 -1.13 9.93 -0.91
CA ASP A 70 -1.22 11.33 -1.36
C ASP A 70 0.03 11.83 -2.12
N TYR A 71 1.21 11.36 -1.69
CA TYR A 71 2.47 11.58 -2.41
C TYR A 71 2.64 10.68 -3.65
N TYR A 72 2.38 9.37 -3.52
CA TYR A 72 2.57 8.39 -4.59
C TYR A 72 1.49 8.25 -5.68
N THR A 73 0.34 8.90 -5.50
CA THR A 73 -0.67 9.07 -6.54
C THR A 73 -0.28 10.10 -7.62
N THR A 74 0.48 11.12 -7.22
CA THR A 74 1.08 12.14 -8.11
C THR A 74 2.55 11.88 -8.53
N THR A 75 3.40 11.52 -7.58
CA THR A 75 4.78 11.08 -7.79
C THR A 75 4.91 9.63 -8.27
N PRO A 76 5.72 9.31 -9.30
CA PRO A 76 5.91 7.93 -9.76
C PRO A 76 6.58 7.06 -8.69
N ALA A 77 5.86 6.05 -8.19
CA ALA A 77 6.40 5.01 -7.32
C ALA A 77 7.24 4.02 -8.14
N LEU A 78 8.39 3.58 -7.60
CA LEU A 78 9.32 2.65 -8.24
C LEU A 78 9.71 1.47 -7.33
N VAL A 79 9.90 0.29 -7.91
CA VAL A 79 10.48 -0.92 -7.28
C VAL A 79 11.50 -1.51 -8.27
N PHE A 80 12.71 -1.78 -7.81
CA PHE A 80 13.83 -2.25 -8.65
C PHE A 80 14.21 -1.36 -9.85
N GLY A 81 13.90 -0.07 -9.77
CA GLY A 81 14.05 0.91 -10.86
C GLY A 81 12.93 0.90 -11.91
N LYS A 82 11.83 0.17 -11.70
CA LYS A 82 10.66 0.07 -12.60
C LYS A 82 9.37 0.55 -11.91
N PRO A 83 8.42 1.16 -12.66
CA PRO A 83 7.25 1.82 -12.09
C PRO A 83 6.20 0.85 -11.51
N VAL A 84 5.53 1.30 -10.45
CA VAL A 84 4.49 0.59 -9.68
C VAL A 84 3.28 1.47 -9.36
N ARG A 85 2.19 0.87 -8.85
CA ARG A 85 0.95 1.56 -8.47
C ARG A 85 0.75 1.54 -6.95
N VAL A 86 0.27 2.63 -6.37
CA VAL A 86 0.15 2.84 -4.91
C VAL A 86 -1.17 3.53 -4.55
N HIS A 87 -2.02 2.87 -3.77
CA HIS A 87 -3.40 3.27 -3.44
C HIS A 87 -3.76 2.87 -1.99
N LEU A 88 -4.91 3.29 -1.45
CA LEU A 88 -5.45 2.75 -0.19
C LEU A 88 -6.41 1.57 -0.48
N SER A 89 -6.34 0.52 0.34
CA SER A 89 -7.30 -0.59 0.28
C SER A 89 -8.59 -0.25 1.04
N GLN A 90 -9.73 -0.43 0.37
CA GLN A 90 -11.08 -0.36 0.97
C GLN A 90 -11.54 -1.73 1.52
N LYS A 91 -10.74 -2.80 1.30
CA LYS A 91 -11.01 -4.18 1.76
C LYS A 91 -10.22 -4.51 3.03
N TYR A 92 -8.90 -4.43 2.99
CA TYR A 92 -8.02 -4.84 4.08
C TYR A 92 -8.16 -4.13 5.43
N LYS A 93 -7.98 -4.89 6.52
CA LYS A 93 -8.07 -4.43 7.93
C LYS A 93 -6.77 -4.77 8.67
N ARG A 94 -6.84 -5.20 9.94
CA ARG A 94 -5.68 -5.65 10.73
C ARG A 94 -5.00 -6.86 10.06
N ILE A 95 -3.77 -6.69 9.57
CA ILE A 95 -3.00 -7.75 8.89
C ILE A 95 -2.41 -8.72 9.93
N LYS A 96 -2.34 -10.01 9.58
CA LYS A 96 -1.77 -11.08 10.43
C LYS A 96 -1.12 -12.18 9.58
N SER A 97 0.08 -12.63 9.98
CA SER A 97 0.85 -13.70 9.31
C SER A 97 0.25 -15.10 9.55
N GLY A 98 0.43 -16.01 8.58
CA GLY A 98 0.10 -17.43 8.73
C GLY A 98 1.07 -18.19 9.65
N PRO A 99 0.70 -19.40 10.13
CA PRO A 99 1.53 -20.22 11.01
C PRO A 99 2.78 -20.76 10.29
N SER A 100 3.89 -20.90 11.02
CA SER A 100 5.19 -21.35 10.50
C SER A 100 5.64 -20.53 9.27
N SER A 101 5.78 -21.16 8.09
CA SER A 101 6.13 -20.49 6.82
C SER A 101 5.03 -19.55 6.29
N GLY A 102 3.76 -19.79 6.68
CA GLY A 102 2.57 -19.04 6.23
C GLY A 102 2.23 -19.24 4.76
N GLY A 1 -7.81 13.58 -22.65
CA GLY A 1 -7.74 12.56 -21.57
C GLY A 1 -8.76 11.45 -21.80
N SER A 2 -8.38 10.22 -21.44
CA SER A 2 -9.19 8.99 -21.71
C SER A 2 -10.50 8.89 -20.89
N SER A 3 -10.58 9.58 -19.75
CA SER A 3 -11.76 9.62 -18.86
C SER A 3 -11.77 10.88 -17.98
N GLY A 4 -12.96 11.38 -17.65
CA GLY A 4 -13.16 12.45 -16.65
C GLY A 4 -12.78 12.03 -15.22
N SER A 5 -12.62 10.73 -14.95
CA SER A 5 -12.14 10.16 -13.69
C SER A 5 -10.60 10.22 -13.54
N SER A 6 -9.87 10.72 -14.56
CA SER A 6 -8.40 10.85 -14.55
C SER A 6 -7.90 11.85 -13.49
N GLY A 7 -6.62 11.74 -13.10
CA GLY A 7 -6.00 12.48 -12.00
C GLY A 7 -6.28 11.89 -10.61
N GLN A 8 -5.95 12.62 -9.55
CA GLN A 8 -6.15 12.18 -8.16
C GLN A 8 -7.65 12.07 -7.81
N LYS A 9 -8.08 10.88 -7.40
CA LYS A 9 -9.45 10.58 -6.90
C LYS A 9 -9.68 11.04 -5.45
N GLY A 10 -10.95 11.07 -5.04
CA GLY A 10 -11.35 11.27 -3.64
C GLY A 10 -10.90 10.13 -2.71
N ARG A 11 -10.82 10.39 -1.40
CA ARG A 11 -10.23 9.51 -0.38
C ARG A 11 -11.01 9.55 0.94
N VAL A 12 -11.00 8.43 1.68
CA VAL A 12 -11.67 8.25 2.99
C VAL A 12 -10.69 7.91 4.12
N GLU A 13 -11.05 8.28 5.34
CA GLU A 13 -10.21 8.12 6.54
C GLU A 13 -10.25 6.70 7.16
N THR A 14 -11.28 5.89 6.86
CA THR A 14 -11.40 4.52 7.35
C THR A 14 -10.42 3.52 6.72
N ARG A 15 -9.86 2.62 7.56
CA ARG A 15 -8.79 1.64 7.25
C ARG A 15 -7.44 2.31 6.91
N ARG A 16 -6.35 1.62 7.26
CA ARG A 16 -4.97 2.18 7.27
C ARG A 16 -4.00 1.35 6.43
N VAL A 17 -4.51 0.68 5.39
CA VAL A 17 -3.74 -0.24 4.53
C VAL A 17 -3.41 0.40 3.19
N VAL A 18 -2.12 0.50 2.89
CA VAL A 18 -1.58 0.84 1.57
C VAL A 18 -1.48 -0.40 0.68
N HIS A 19 -2.20 -0.39 -0.44
CA HIS A 19 -2.13 -1.37 -1.52
C HIS A 19 -1.05 -0.95 -2.53
N ILE A 20 -0.18 -1.88 -2.92
CA ILE A 20 0.90 -1.69 -3.90
C ILE A 20 0.81 -2.79 -4.96
N MET A 21 0.89 -2.41 -6.25
CA MET A 21 0.65 -3.29 -7.40
C MET A 21 1.68 -3.12 -8.51
N ASP A 22 1.77 -4.12 -9.39
CA ASP A 22 2.58 -4.10 -10.62
C ASP A 22 4.12 -4.15 -10.50
N PHE A 23 4.62 -4.49 -9.31
CA PHE A 23 6.05 -4.55 -8.99
C PHE A 23 6.90 -5.64 -9.68
N GLN A 24 8.17 -5.32 -9.94
CA GLN A 24 9.19 -6.30 -10.32
C GLN A 24 9.70 -7.04 -9.06
N ARG A 25 10.13 -8.30 -9.19
CA ARG A 25 10.60 -9.13 -8.07
C ARG A 25 12.12 -9.26 -7.95
N GLY A 26 12.60 -9.56 -6.75
CA GLY A 26 14.02 -9.72 -6.41
C GLY A 26 14.24 -9.99 -4.91
N LYS A 27 15.49 -10.24 -4.51
CA LYS A 27 15.87 -10.69 -3.14
C LYS A 27 15.50 -9.71 -2.01
N ASN A 28 15.35 -8.42 -2.31
CA ASN A 28 14.97 -7.35 -1.37
C ASN A 28 13.53 -6.80 -1.60
N LEU A 29 12.64 -7.56 -2.26
CA LEU A 29 11.29 -7.09 -2.64
C LEU A 29 10.46 -6.55 -1.46
N ARG A 30 10.44 -7.23 -0.31
CA ARG A 30 9.73 -6.76 0.89
C ARG A 30 10.25 -5.39 1.36
N TYR A 31 11.56 -5.18 1.34
CA TYR A 31 12.17 -3.86 1.55
C TYR A 31 11.75 -2.78 0.53
N GLN A 32 11.81 -3.12 -0.76
CA GLN A 32 11.42 -2.21 -1.86
C GLN A 32 9.97 -1.74 -1.75
N LEU A 33 9.07 -2.58 -1.23
CA LEU A 33 7.66 -2.25 -1.00
C LEU A 33 7.45 -1.49 0.31
N LEU A 34 8.12 -1.88 1.41
CA LEU A 34 8.07 -1.18 2.70
C LEU A 34 8.62 0.25 2.60
N GLN A 35 9.75 0.45 1.92
CA GLN A 35 10.43 1.75 1.87
C GLN A 35 9.64 2.85 1.12
N LEU A 36 8.56 2.48 0.40
CA LEU A 36 7.60 3.44 -0.18
C LEU A 36 6.69 4.08 0.89
N VAL A 37 6.61 3.52 2.10
CA VAL A 37 5.72 3.97 3.19
C VAL A 37 6.42 4.12 4.56
N GLU A 38 7.59 3.50 4.76
CA GLU A 38 8.48 3.74 5.91
C GLU A 38 8.77 5.23 6.23
N PRO A 39 9.15 6.09 5.26
CA PRO A 39 9.38 7.51 5.52
C PRO A 39 8.08 8.29 5.81
N PHE A 40 6.92 7.72 5.46
CA PHE A 40 5.60 8.29 5.71
C PHE A 40 4.98 8.08 7.09
N GLY A 41 5.53 7.13 7.86
CA GLY A 41 5.06 6.84 9.21
C GLY A 41 5.43 5.44 9.73
N VAL A 42 4.75 5.04 10.80
CA VAL A 42 4.98 3.77 11.51
C VAL A 42 4.33 2.58 10.78
N ILE A 43 5.13 1.61 10.38
CA ILE A 43 4.66 0.31 9.88
C ILE A 43 3.99 -0.46 11.02
N SER A 44 2.72 -0.83 10.85
CA SER A 44 2.01 -1.76 11.74
C SER A 44 2.29 -3.21 11.33
N ASN A 45 2.12 -3.53 10.05
CA ASN A 45 2.32 -4.88 9.49
C ASN A 45 2.39 -4.91 7.95
N HIS A 46 2.84 -6.03 7.38
CA HIS A 46 2.98 -6.24 5.92
C HIS A 46 2.45 -7.60 5.45
N LEU A 47 2.08 -7.69 4.17
CA LEU A 47 1.66 -8.89 3.45
C LEU A 47 2.04 -8.75 1.97
N ILE A 48 2.83 -9.68 1.43
CA ILE A 48 3.27 -9.71 0.02
C ILE A 48 2.70 -10.96 -0.66
N LEU A 49 1.92 -10.80 -1.74
CA LEU A 49 1.29 -11.92 -2.46
C LEU A 49 2.31 -12.67 -3.35
N ASN A 50 2.16 -13.99 -3.44
CA ASN A 50 2.99 -14.87 -4.27
C ASN A 50 2.43 -15.10 -5.69
N LYS A 51 1.12 -15.37 -5.82
CA LYS A 51 0.45 -15.71 -7.10
C LYS A 51 0.37 -14.53 -8.08
N ILE A 52 0.18 -13.32 -7.56
CA ILE A 52 0.05 -12.06 -8.30
C ILE A 52 0.92 -10.97 -7.66
N ASN A 53 1.27 -9.95 -8.45
CA ASN A 53 2.07 -8.80 -8.02
C ASN A 53 1.22 -7.77 -7.25
N GLU A 54 0.77 -8.17 -6.06
CA GLU A 54 0.00 -7.38 -5.09
C GLU A 54 0.67 -7.40 -3.72
N ALA A 55 0.58 -6.30 -2.97
CA ALA A 55 1.09 -6.21 -1.61
C ALA A 55 0.26 -5.23 -0.77
N PHE A 56 0.11 -5.54 0.51
CA PHE A 56 -0.68 -4.78 1.48
C PHE A 56 0.15 -4.45 2.72
N ILE A 57 0.27 -3.16 3.05
CA ILE A 57 1.07 -2.67 4.18
C ILE A 57 0.20 -1.79 5.06
N GLU A 58 0.00 -2.21 6.31
CA GLU A 58 -0.79 -1.49 7.29
C GLU A 58 0.09 -0.48 8.03
N MET A 59 -0.35 0.76 8.13
CA MET A 59 0.26 1.79 8.98
C MET A 59 -0.44 1.86 10.34
N ALA A 60 0.28 2.32 11.36
CA ALA A 60 -0.30 2.52 12.69
C ALA A 60 -1.41 3.59 12.70
N THR A 61 -1.34 4.58 11.81
CA THR A 61 -2.32 5.67 11.65
C THR A 61 -2.89 5.87 10.24
N THR A 62 -4.12 6.39 10.16
CA THR A 62 -4.72 6.85 8.89
C THR A 62 -3.93 7.99 8.24
N GLU A 63 -3.40 8.93 9.01
CA GLU A 63 -2.59 10.03 8.47
C GLU A 63 -1.28 9.52 7.85
N ASP A 64 -0.68 8.49 8.44
CA ASP A 64 0.53 7.82 7.93
C ASP A 64 0.28 7.06 6.60
N ALA A 65 -0.84 6.33 6.52
CA ALA A 65 -1.27 5.63 5.31
C ALA A 65 -1.69 6.61 4.20
N GLN A 66 -2.46 7.64 4.54
CA GLN A 66 -2.92 8.66 3.59
C GLN A 66 -1.76 9.49 3.04
N ALA A 67 -0.78 9.87 3.86
CA ALA A 67 0.35 10.69 3.41
C ALA A 67 1.20 9.99 2.34
N ALA A 68 1.42 8.67 2.47
CA ALA A 68 2.14 7.89 1.46
C ALA A 68 1.40 7.88 0.11
N VAL A 69 0.09 7.62 0.12
CA VAL A 69 -0.72 7.54 -1.11
C VAL A 69 -0.95 8.93 -1.71
N ASP A 70 -1.14 9.98 -0.90
CA ASP A 70 -1.34 11.35 -1.38
C ASP A 70 -0.10 11.87 -2.12
N TYR A 71 1.10 11.40 -1.75
CA TYR A 71 2.33 11.64 -2.49
C TYR A 71 2.50 10.74 -3.74
N TYR A 72 2.27 9.43 -3.59
CA TYR A 72 2.46 8.43 -4.66
C TYR A 72 1.34 8.24 -5.70
N THR A 73 0.18 8.87 -5.49
CA THR A 73 -0.89 8.99 -6.48
C THR A 73 -0.55 9.97 -7.63
N THR A 74 0.25 11.00 -7.31
CA THR A 74 0.82 11.96 -8.27
C THR A 74 2.29 11.72 -8.68
N THR A 75 3.16 11.44 -7.70
CA THR A 75 4.56 11.02 -7.91
C THR A 75 4.71 9.56 -8.37
N PRO A 76 5.56 9.24 -9.37
CA PRO A 76 5.79 7.84 -9.79
C PRO A 76 6.50 7.03 -8.68
N ALA A 77 5.81 6.02 -8.15
CA ALA A 77 6.40 5.02 -7.27
C ALA A 77 7.24 4.01 -8.08
N LEU A 78 8.38 3.57 -7.54
CA LEU A 78 9.31 2.65 -8.21
C LEU A 78 9.70 1.47 -7.30
N VAL A 79 9.87 0.28 -7.90
CA VAL A 79 10.46 -0.93 -7.28
C VAL A 79 11.48 -1.50 -8.26
N PHE A 80 12.70 -1.77 -7.80
CA PHE A 80 13.83 -2.23 -8.62
C PHE A 80 14.21 -1.35 -9.84
N GLY A 81 13.88 -0.05 -9.76
CA GLY A 81 14.03 0.93 -10.85
C GLY A 81 12.90 0.92 -11.90
N LYS A 82 11.80 0.19 -11.68
CA LYS A 82 10.64 0.09 -12.57
C LYS A 82 9.34 0.58 -11.90
N PRO A 83 8.40 1.19 -12.64
CA PRO A 83 7.23 1.85 -12.07
C PRO A 83 6.17 0.89 -11.49
N VAL A 84 5.50 1.34 -10.43
CA VAL A 84 4.46 0.64 -9.66
C VAL A 84 3.26 1.54 -9.30
N ARG A 85 2.16 0.95 -8.82
CA ARG A 85 0.99 1.68 -8.31
C ARG A 85 0.91 1.62 -6.78
N VAL A 86 0.43 2.71 -6.15
CA VAL A 86 0.32 2.87 -4.69
C VAL A 86 -1.00 3.59 -4.36
N HIS A 87 -1.90 2.90 -3.65
CA HIS A 87 -3.27 3.32 -3.33
C HIS A 87 -3.69 2.84 -1.94
N LEU A 88 -4.85 3.25 -1.41
CA LEU A 88 -5.41 2.68 -0.16
C LEU A 88 -6.38 1.52 -0.44
N SER A 89 -6.56 0.64 0.56
CA SER A 89 -7.55 -0.44 0.57
C SER A 89 -8.46 -0.38 1.81
N GLN A 90 -9.78 -0.37 1.57
CA GLN A 90 -10.81 -0.54 2.59
C GLN A 90 -11.27 -2.02 2.71
N LYS A 91 -10.96 -2.86 1.72
CA LYS A 91 -11.15 -4.32 1.79
C LYS A 91 -10.28 -4.93 2.88
N TYR A 92 -9.01 -4.55 2.92
CA TYR A 92 -8.05 -5.01 3.93
C TYR A 92 -8.21 -4.43 5.35
N LYS A 93 -7.96 -5.28 6.35
CA LYS A 93 -8.16 -5.02 7.79
C LYS A 93 -6.82 -5.17 8.54
N ARG A 94 -6.82 -5.58 9.81
CA ARG A 94 -5.60 -5.90 10.57
C ARG A 94 -4.79 -7.01 9.88
N ILE A 95 -3.58 -6.68 9.42
CA ILE A 95 -2.73 -7.57 8.62
C ILE A 95 -1.90 -8.51 9.52
N LYS A 96 -1.81 -9.80 9.12
CA LYS A 96 -0.90 -10.83 9.69
C LYS A 96 -1.01 -11.00 11.22
N SER A 97 -2.18 -10.70 11.78
CA SER A 97 -2.50 -10.70 13.22
C SER A 97 -4.02 -10.66 13.43
N GLY A 98 -4.49 -10.78 14.67
CA GLY A 98 -5.90 -10.60 15.05
C GLY A 98 -6.14 -10.63 16.56
N PRO A 99 -7.15 -9.88 17.08
CA PRO A 99 -7.48 -9.86 18.51
C PRO A 99 -8.04 -11.20 19.00
N SER A 100 -7.74 -11.56 20.26
CA SER A 100 -8.17 -12.80 20.93
C SER A 100 -7.83 -14.10 20.17
N SER A 101 -6.78 -14.09 19.35
CA SER A 101 -6.32 -15.26 18.57
C SER A 101 -5.72 -16.35 19.47
N GLY A 102 -5.84 -17.62 19.04
CA GLY A 102 -5.40 -18.82 19.77
C GLY A 102 -6.33 -19.20 20.92
N GLY A 1 -13.49 26.00 -11.81
CA GLY A 1 -13.32 24.62 -11.30
C GLY A 1 -14.00 23.60 -12.20
N SER A 2 -13.47 22.37 -12.25
CA SER A 2 -14.03 21.27 -13.05
C SER A 2 -15.37 20.76 -12.50
N SER A 3 -16.27 20.33 -13.39
CA SER A 3 -17.61 19.81 -13.05
C SER A 3 -17.59 18.38 -12.48
N GLY A 4 -18.59 18.04 -11.65
CA GLY A 4 -18.79 16.70 -11.09
C GLY A 4 -20.14 16.57 -10.34
N SER A 5 -20.67 15.35 -10.27
CA SER A 5 -21.98 15.06 -9.66
C SER A 5 -21.97 15.21 -8.14
N SER A 6 -22.88 16.01 -7.60
CA SER A 6 -22.99 16.32 -6.16
C SER A 6 -23.42 15.13 -5.28
N GLY A 7 -24.02 14.08 -5.86
CA GLY A 7 -24.43 12.86 -5.18
C GLY A 7 -23.29 11.88 -4.84
N GLN A 8 -22.06 12.10 -5.35
CA GLN A 8 -20.89 11.27 -5.06
C GLN A 8 -20.39 11.42 -3.62
N LYS A 9 -19.97 10.31 -3.01
CA LYS A 9 -19.40 10.27 -1.64
C LYS A 9 -17.98 10.85 -1.61
N GLY A 10 -17.64 11.58 -0.54
CA GLY A 10 -16.31 12.15 -0.29
C GLY A 10 -15.28 11.14 0.25
N ARG A 11 -14.19 11.67 0.84
CA ARG A 11 -13.16 10.87 1.53
C ARG A 11 -13.75 10.12 2.74
N VAL A 12 -13.26 8.91 2.99
CA VAL A 12 -13.54 8.11 4.20
C VAL A 12 -12.24 7.62 4.84
N GLU A 13 -12.13 7.75 6.15
CA GLU A 13 -10.91 7.49 6.94
C GLU A 13 -10.81 6.03 7.46
N THR A 14 -11.52 5.08 6.84
CA THR A 14 -11.41 3.65 7.15
C THR A 14 -10.09 2.99 6.72
N ARG A 15 -9.63 2.02 7.51
CA ARG A 15 -8.34 1.29 7.43
C ARG A 15 -7.09 2.20 7.51
N ARG A 16 -5.93 1.54 7.57
CA ARG A 16 -4.58 2.15 7.42
C ARG A 16 -3.75 1.41 6.35
N VAL A 17 -4.42 0.72 5.42
CA VAL A 17 -3.79 -0.22 4.47
C VAL A 17 -3.47 0.46 3.14
N VAL A 18 -2.17 0.54 2.83
CA VAL A 18 -1.63 0.91 1.53
C VAL A 18 -1.51 -0.33 0.64
N HIS A 19 -2.23 -0.33 -0.48
CA HIS A 19 -2.18 -1.33 -1.55
C HIS A 19 -1.12 -0.93 -2.59
N ILE A 20 -0.24 -1.86 -2.95
CA ILE A 20 0.84 -1.68 -3.93
C ILE A 20 0.74 -2.78 -4.99
N MET A 21 0.82 -2.40 -6.27
CA MET A 21 0.59 -3.30 -7.43
C MET A 21 1.61 -3.10 -8.55
N ASP A 22 1.78 -4.11 -9.39
CA ASP A 22 2.61 -4.08 -10.62
C ASP A 22 4.15 -4.14 -10.48
N PHE A 23 4.65 -4.46 -9.28
CA PHE A 23 6.09 -4.59 -9.03
C PHE A 23 6.84 -5.70 -9.78
N GLN A 24 8.15 -5.54 -9.93
CA GLN A 24 9.06 -6.61 -10.35
C GLN A 24 9.55 -7.42 -9.14
N ARG A 25 9.75 -8.72 -9.30
CA ARG A 25 10.26 -9.62 -8.25
C ARG A 25 11.78 -9.50 -8.04
N GLY A 26 12.23 -9.75 -6.81
CA GLY A 26 13.65 -9.77 -6.42
C GLY A 26 13.87 -10.03 -4.93
N LYS A 27 15.13 -10.25 -4.53
CA LYS A 27 15.51 -10.69 -3.16
C LYS A 27 15.05 -9.72 -2.06
N ASN A 28 15.21 -8.41 -2.29
CA ASN A 28 14.87 -7.32 -1.36
C ASN A 28 13.45 -6.74 -1.57
N LEU A 29 12.54 -7.45 -2.26
CA LEU A 29 11.21 -6.95 -2.63
C LEU A 29 10.40 -6.42 -1.43
N ARG A 30 10.36 -7.18 -0.32
CA ARG A 30 9.66 -6.77 0.91
C ARG A 30 10.18 -5.44 1.45
N TYR A 31 11.50 -5.24 1.42
CA TYR A 31 12.13 -3.95 1.70
C TYR A 31 11.79 -2.81 0.73
N GLN A 32 11.85 -3.08 -0.58
CA GLN A 32 11.52 -2.12 -1.64
C GLN A 32 10.08 -1.59 -1.51
N LEU A 33 9.12 -2.47 -1.18
CA LEU A 33 7.72 -2.13 -0.97
C LEU A 33 7.51 -1.36 0.36
N LEU A 34 8.18 -1.77 1.45
CA LEU A 34 8.15 -1.04 2.73
C LEU A 34 8.68 0.39 2.58
N GLN A 35 9.75 0.60 1.80
CA GLN A 35 10.34 1.94 1.58
C GLN A 35 9.41 2.96 0.90
N LEU A 36 8.28 2.54 0.32
CA LEU A 36 7.24 3.45 -0.19
C LEU A 36 6.40 4.09 0.92
N VAL A 37 6.45 3.57 2.16
CA VAL A 37 5.62 4.01 3.29
C VAL A 37 6.38 4.16 4.63
N GLU A 38 7.57 3.55 4.78
CA GLU A 38 8.52 3.77 5.89
C GLU A 38 8.82 5.25 6.20
N PRO A 39 9.13 6.13 5.22
CA PRO A 39 9.33 7.56 5.49
C PRO A 39 8.04 8.30 5.87
N PHE A 40 6.87 7.71 5.59
CA PHE A 40 5.56 8.30 5.87
C PHE A 40 4.97 8.07 7.26
N GLY A 41 5.53 7.14 8.03
CA GLY A 41 5.10 6.83 9.40
C GLY A 41 5.52 5.45 9.89
N VAL A 42 4.87 5.02 10.97
CA VAL A 42 5.09 3.73 11.64
C VAL A 42 4.42 2.59 10.88
N ILE A 43 5.20 1.59 10.47
CA ILE A 43 4.69 0.31 9.92
C ILE A 43 4.00 -0.48 11.05
N SER A 44 2.74 -0.86 10.86
CA SER A 44 2.02 -1.80 11.72
C SER A 44 2.29 -3.24 11.28
N ASN A 45 2.10 -3.52 9.98
CA ASN A 45 2.11 -4.86 9.37
C ASN A 45 2.41 -4.78 7.86
N HIS A 46 2.95 -5.85 7.26
CA HIS A 46 3.08 -6.00 5.81
C HIS A 46 2.71 -7.43 5.33
N LEU A 47 2.23 -7.54 4.09
CA LEU A 47 1.79 -8.76 3.42
C LEU A 47 2.11 -8.66 1.92
N ILE A 48 3.01 -9.51 1.42
CA ILE A 48 3.41 -9.56 0.01
C ILE A 48 2.82 -10.84 -0.61
N LEU A 49 1.99 -10.73 -1.65
CA LEU A 49 1.37 -11.90 -2.29
C LEU A 49 2.36 -12.62 -3.23
N ASN A 50 2.31 -13.96 -3.26
CA ASN A 50 3.20 -14.80 -4.08
C ASN A 50 2.60 -15.21 -5.45
N LYS A 51 1.26 -15.27 -5.57
CA LYS A 51 0.57 -15.65 -6.83
C LYS A 51 0.66 -14.57 -7.91
N ILE A 52 0.55 -13.30 -7.50
CA ILE A 52 0.50 -12.10 -8.33
C ILE A 52 1.33 -10.98 -7.69
N ASN A 53 1.77 -10.01 -8.49
CA ASN A 53 2.52 -8.83 -8.01
C ASN A 53 1.61 -7.78 -7.34
N GLU A 54 1.09 -8.16 -6.18
CA GLU A 54 0.27 -7.35 -5.28
C GLU A 54 0.79 -7.43 -3.83
N ALA A 55 0.65 -6.35 -3.07
CA ALA A 55 1.07 -6.27 -1.67
C ALA A 55 0.22 -5.27 -0.87
N PHE A 56 0.09 -5.53 0.44
CA PHE A 56 -0.61 -4.71 1.41
C PHE A 56 0.30 -4.33 2.58
N ILE A 57 0.35 -3.04 2.94
CA ILE A 57 1.12 -2.56 4.11
C ILE A 57 0.22 -1.68 4.98
N GLU A 58 0.02 -2.09 6.23
CA GLU A 58 -0.77 -1.38 7.22
C GLU A 58 0.13 -0.42 8.00
N MET A 59 -0.25 0.85 8.06
CA MET A 59 0.38 1.83 8.93
C MET A 59 -0.29 1.84 10.32
N ALA A 60 0.40 2.34 11.34
CA ALA A 60 -0.20 2.47 12.67
C ALA A 60 -1.36 3.49 12.71
N THR A 61 -1.30 4.53 11.86
CA THR A 61 -2.35 5.55 11.69
C THR A 61 -2.87 5.72 10.26
N THR A 62 -4.17 6.00 10.11
CA THR A 62 -4.76 6.29 8.79
C THR A 62 -4.12 7.51 8.13
N GLU A 63 -3.73 8.53 8.90
CA GLU A 63 -3.07 9.73 8.37
C GLU A 63 -1.69 9.43 7.76
N ASP A 64 -0.95 8.48 8.33
CA ASP A 64 0.33 8.00 7.78
C ASP A 64 0.19 7.26 6.43
N ALA A 65 -0.83 6.40 6.32
CA ALA A 65 -1.19 5.71 5.08
C ALA A 65 -1.71 6.68 4.02
N GLN A 66 -2.57 7.63 4.41
CA GLN A 66 -3.09 8.67 3.54
C GLN A 66 -1.98 9.58 3.00
N ALA A 67 -1.01 9.97 3.83
CA ALA A 67 0.13 10.79 3.41
C ALA A 67 1.02 10.09 2.38
N ALA A 68 1.26 8.77 2.54
CA ALA A 68 2.04 7.99 1.59
C ALA A 68 1.38 7.94 0.20
N VAL A 69 0.07 7.64 0.14
CA VAL A 69 -0.70 7.60 -1.11
C VAL A 69 -0.88 9.00 -1.70
N ASP A 70 -1.11 10.03 -0.88
CA ASP A 70 -1.15 11.43 -1.31
C ASP A 70 0.10 11.93 -2.04
N TYR A 71 1.28 11.41 -1.67
CA TYR A 71 2.53 11.62 -2.39
C TYR A 71 2.72 10.71 -3.61
N TYR A 72 2.46 9.40 -3.47
CA TYR A 72 2.66 8.40 -4.53
C TYR A 72 1.59 8.26 -5.62
N THR A 73 0.45 8.92 -5.46
CA THR A 73 -0.57 9.08 -6.51
C THR A 73 -0.17 10.09 -7.59
N THR A 74 0.59 11.13 -7.20
CA THR A 74 1.18 12.14 -8.11
C THR A 74 2.64 11.88 -8.51
N THR A 75 3.50 11.52 -7.55
CA THR A 75 4.88 11.08 -7.76
C THR A 75 5.00 9.63 -8.23
N PRO A 76 5.79 9.30 -9.27
CA PRO A 76 5.96 7.92 -9.74
C PRO A 76 6.65 7.04 -8.68
N ALA A 77 5.91 6.07 -8.14
CA ALA A 77 6.46 5.01 -7.29
C ALA A 77 7.25 3.99 -8.12
N LEU A 78 8.43 3.58 -7.63
CA LEU A 78 9.31 2.60 -8.29
C LEU A 78 9.69 1.44 -7.36
N VAL A 79 9.79 0.23 -7.92
CA VAL A 79 10.36 -0.98 -7.28
C VAL A 79 11.33 -1.62 -8.28
N PHE A 80 12.56 -1.89 -7.84
CA PHE A 80 13.66 -2.36 -8.69
C PHE A 80 14.02 -1.49 -9.92
N GLY A 81 13.70 -0.19 -9.85
CA GLY A 81 13.82 0.77 -10.95
C GLY A 81 12.68 0.75 -11.98
N LYS A 82 11.59 -0.01 -11.73
CA LYS A 82 10.41 -0.12 -12.60
C LYS A 82 9.14 0.43 -11.91
N PRO A 83 8.21 1.05 -12.65
CA PRO A 83 7.06 1.76 -12.07
C PRO A 83 6.00 0.84 -11.46
N VAL A 84 5.35 1.32 -10.40
CA VAL A 84 4.29 0.64 -9.62
C VAL A 84 3.12 1.57 -9.28
N ARG A 85 1.98 1.00 -8.86
CA ARG A 85 0.81 1.73 -8.35
C ARG A 85 0.76 1.70 -6.82
N VAL A 86 0.29 2.79 -6.20
CA VAL A 86 0.18 2.96 -4.73
C VAL A 86 -1.12 3.67 -4.36
N HIS A 87 -2.01 2.97 -3.66
CA HIS A 87 -3.38 3.40 -3.31
C HIS A 87 -3.79 2.91 -1.91
N LEU A 88 -4.96 3.31 -1.40
CA LEU A 88 -5.57 2.74 -0.18
C LEU A 88 -6.56 1.62 -0.54
N SER A 89 -6.82 0.70 0.40
CA SER A 89 -7.76 -0.42 0.20
C SER A 89 -8.55 -0.79 1.45
N GLN A 90 -9.79 -1.25 1.25
CA GLN A 90 -10.66 -1.83 2.28
C GLN A 90 -10.45 -3.34 2.50
N LYS A 91 -9.65 -4.01 1.66
CA LYS A 91 -9.47 -5.48 1.62
C LYS A 91 -9.02 -6.09 2.96
N TYR A 92 -8.20 -5.36 3.72
CA TYR A 92 -7.78 -5.72 5.08
C TYR A 92 -8.26 -4.79 6.19
N LYS A 93 -8.97 -5.33 7.20
CA LYS A 93 -9.33 -4.59 8.44
C LYS A 93 -8.12 -4.44 9.38
N ARG A 94 -7.33 -5.52 9.46
CA ARG A 94 -6.01 -5.64 10.13
C ARG A 94 -5.25 -6.75 9.38
N ILE A 95 -4.02 -6.49 8.94
CA ILE A 95 -3.27 -7.44 8.08
C ILE A 95 -2.88 -8.70 8.86
N LYS A 96 -3.04 -9.87 8.23
CA LYS A 96 -2.69 -11.19 8.79
C LYS A 96 -1.17 -11.39 8.96
N SER A 97 -0.79 -12.30 9.85
CA SER A 97 0.61 -12.65 10.15
C SER A 97 0.78 -14.16 10.38
N GLY A 98 1.99 -14.68 10.13
CA GLY A 98 2.27 -16.13 10.09
C GLY A 98 1.72 -16.83 8.84
N PRO A 99 1.85 -18.17 8.74
CA PRO A 99 1.34 -18.95 7.62
C PRO A 99 -0.20 -18.97 7.55
N SER A 100 -0.75 -19.16 6.34
CA SER A 100 -2.19 -19.28 6.08
C SER A 100 -2.48 -20.14 4.84
N SER A 101 -3.66 -20.77 4.80
CA SER A 101 -4.07 -21.77 3.79
C SER A 101 -4.53 -21.17 2.45
N GLY A 102 -3.84 -20.13 1.96
CA GLY A 102 -4.12 -19.42 0.70
C GLY A 102 -3.69 -20.21 -0.54
N GLY A 1 -9.97 -2.70 -25.34
CA GLY A 1 -9.85 -1.22 -25.37
C GLY A 1 -10.00 -0.63 -23.97
N SER A 2 -9.36 0.51 -23.72
CA SER A 2 -9.42 1.24 -22.44
C SER A 2 -10.81 1.85 -22.17
N SER A 3 -11.20 1.92 -20.89
CA SER A 3 -12.38 2.67 -20.41
C SER A 3 -12.20 4.19 -20.45
N GLY A 4 -10.96 4.68 -20.55
CA GLY A 4 -10.61 6.11 -20.66
C GLY A 4 -10.73 6.94 -19.37
N SER A 5 -11.19 6.36 -18.26
CA SER A 5 -11.33 7.03 -16.95
C SER A 5 -11.37 6.05 -15.76
N SER A 6 -10.96 6.54 -14.59
CA SER A 6 -10.93 5.79 -13.31
C SER A 6 -11.29 6.68 -12.12
N GLY A 7 -12.12 6.19 -11.20
CA GLY A 7 -12.51 6.90 -9.98
C GLY A 7 -11.53 6.69 -8.81
N GLN A 8 -11.16 7.77 -8.11
CA GLN A 8 -10.30 7.73 -6.91
C GLN A 8 -11.03 7.36 -5.61
N LYS A 9 -12.37 7.30 -5.64
CA LYS A 9 -13.30 6.83 -4.57
C LYS A 9 -13.31 7.61 -3.23
N GLY A 10 -12.39 8.55 -3.03
CA GLY A 10 -12.28 9.38 -1.82
C GLY A 10 -11.50 8.71 -0.69
N ARG A 11 -10.76 9.52 0.08
CA ARG A 11 -10.04 9.10 1.29
C ARG A 11 -11.01 8.93 2.47
N VAL A 12 -10.73 7.99 3.36
CA VAL A 12 -11.54 7.67 4.57
C VAL A 12 -10.62 7.40 5.76
N GLU A 13 -11.07 7.78 6.96
CA GLU A 13 -10.33 7.63 8.21
C GLU A 13 -10.36 6.20 8.78
N THR A 14 -11.33 5.37 8.35
CA THR A 14 -11.37 3.93 8.66
C THR A 14 -10.40 3.08 7.83
N ARG A 15 -9.71 2.13 8.48
CA ARG A 15 -8.60 1.31 7.95
C ARG A 15 -7.36 2.13 7.57
N ARG A 16 -6.20 1.45 7.53
CA ARG A 16 -4.85 2.09 7.46
C ARG A 16 -3.91 1.33 6.53
N VAL A 17 -4.44 0.67 5.50
CA VAL A 17 -3.68 -0.21 4.59
C VAL A 17 -3.38 0.45 3.25
N VAL A 18 -2.10 0.53 2.90
CA VAL A 18 -1.60 0.91 1.58
C VAL A 18 -1.49 -0.34 0.69
N HIS A 19 -2.21 -0.34 -0.43
CA HIS A 19 -2.16 -1.33 -1.50
C HIS A 19 -1.11 -0.94 -2.55
N ILE A 20 -0.28 -1.89 -2.99
CA ILE A 20 0.79 -1.70 -3.98
C ILE A 20 0.69 -2.80 -5.04
N MET A 21 0.82 -2.44 -6.31
CA MET A 21 0.63 -3.32 -7.48
C MET A 21 1.71 -3.10 -8.56
N ASP A 22 1.81 -4.03 -9.50
CA ASP A 22 2.62 -3.92 -10.73
C ASP A 22 4.16 -4.00 -10.59
N PHE A 23 4.65 -4.38 -9.41
CA PHE A 23 6.08 -4.49 -9.10
C PHE A 23 6.89 -5.57 -9.82
N GLN A 24 8.21 -5.34 -9.97
CA GLN A 24 9.17 -6.37 -10.35
C GLN A 24 9.67 -7.10 -9.10
N ARG A 25 9.99 -8.40 -9.21
CA ARG A 25 10.44 -9.23 -8.07
C ARG A 25 11.97 -9.32 -7.95
N GLY A 26 12.45 -9.61 -6.75
CA GLY A 26 13.87 -9.77 -6.39
C GLY A 26 14.07 -10.03 -4.89
N LYS A 27 15.31 -10.32 -4.47
CA LYS A 27 15.64 -10.74 -3.09
C LYS A 27 15.25 -9.74 -1.99
N ASN A 28 15.21 -8.44 -2.31
CA ASN A 28 14.86 -7.34 -1.40
C ASN A 28 13.45 -6.76 -1.63
N LEU A 29 12.55 -7.50 -2.29
CA LEU A 29 11.21 -7.03 -2.69
C LEU A 29 10.39 -6.46 -1.53
N ARG A 30 10.34 -7.15 -0.39
CA ARG A 30 9.64 -6.67 0.83
C ARG A 30 10.18 -5.31 1.29
N TYR A 31 11.51 -5.15 1.30
CA TYR A 31 12.16 -3.87 1.56
C TYR A 31 11.81 -2.75 0.57
N GLN A 32 11.83 -3.05 -0.73
CA GLN A 32 11.49 -2.08 -1.79
C GLN A 32 10.05 -1.57 -1.65
N LEU A 33 9.10 -2.45 -1.31
CA LEU A 33 7.70 -2.11 -1.08
C LEU A 33 7.50 -1.35 0.24
N LEU A 34 8.18 -1.74 1.32
CA LEU A 34 8.18 -1.02 2.60
C LEU A 34 8.69 0.41 2.45
N GLN A 35 9.75 0.65 1.67
CA GLN A 35 10.29 1.98 1.43
C GLN A 35 9.34 3.00 0.74
N LEU A 36 8.19 2.55 0.21
CA LEU A 36 7.14 3.43 -0.30
C LEU A 36 6.29 4.05 0.84
N VAL A 37 6.39 3.54 2.07
CA VAL A 37 5.57 3.95 3.23
C VAL A 37 6.35 4.12 4.55
N GLU A 38 7.55 3.53 4.68
CA GLU A 38 8.51 3.78 5.77
C GLU A 38 8.79 5.27 6.10
N PRO A 39 9.08 6.15 5.11
CA PRO A 39 9.24 7.58 5.39
C PRO A 39 7.94 8.30 5.79
N PHE A 40 6.77 7.68 5.51
CA PHE A 40 5.45 8.24 5.81
C PHE A 40 4.87 7.98 7.19
N GLY A 41 5.46 7.03 7.94
CA GLY A 41 5.03 6.68 9.28
C GLY A 41 5.50 5.30 9.75
N VAL A 42 4.99 4.90 10.91
CA VAL A 42 5.27 3.60 11.54
C VAL A 42 4.56 2.46 10.82
N ILE A 43 5.34 1.47 10.37
CA ILE A 43 4.84 0.20 9.84
C ILE A 43 4.21 -0.60 10.99
N SER A 44 2.93 -0.96 10.86
CA SER A 44 2.22 -1.85 11.77
C SER A 44 2.20 -3.31 11.30
N ASN A 45 2.00 -3.57 10.01
CA ASN A 45 2.06 -4.91 9.38
C ASN A 45 2.44 -4.84 7.88
N HIS A 46 2.89 -5.96 7.32
CA HIS A 46 3.10 -6.15 5.87
C HIS A 46 2.56 -7.52 5.38
N LEU A 47 2.19 -7.59 4.11
CA LEU A 47 1.74 -8.79 3.40
C LEU A 47 2.10 -8.68 1.91
N ILE A 48 2.90 -9.62 1.40
CA ILE A 48 3.32 -9.66 -0.02
C ILE A 48 2.72 -10.92 -0.67
N LEU A 49 1.91 -10.77 -1.73
CA LEU A 49 1.24 -11.89 -2.41
C LEU A 49 2.23 -12.67 -3.29
N ASN A 50 2.08 -14.00 -3.33
CA ASN A 50 2.92 -14.90 -4.14
C ASN A 50 2.37 -15.17 -5.55
N LYS A 51 1.06 -15.40 -5.68
CA LYS A 51 0.39 -15.81 -6.94
C LYS A 51 0.33 -14.65 -7.94
N ILE A 52 0.12 -13.43 -7.45
CA ILE A 52 0.00 -12.18 -8.21
C ILE A 52 0.89 -11.09 -7.58
N ASN A 53 1.30 -10.10 -8.37
CA ASN A 53 2.17 -9.00 -7.94
C ASN A 53 1.36 -7.90 -7.24
N GLU A 54 0.84 -8.24 -6.06
CA GLU A 54 0.08 -7.40 -5.13
C GLU A 54 0.75 -7.39 -3.74
N ALA A 55 0.63 -6.29 -3.01
CA ALA A 55 1.12 -6.17 -1.63
C ALA A 55 0.29 -5.19 -0.80
N PHE A 56 0.20 -5.45 0.49
CA PHE A 56 -0.58 -4.69 1.46
C PHE A 56 0.25 -4.34 2.70
N ILE A 57 0.36 -3.06 3.04
CA ILE A 57 1.16 -2.58 4.19
C ILE A 57 0.29 -1.72 5.08
N GLU A 58 0.09 -2.16 6.32
CA GLU A 58 -0.74 -1.49 7.33
C GLU A 58 0.11 -0.52 8.16
N MET A 59 -0.35 0.71 8.30
CA MET A 59 0.29 1.78 9.07
C MET A 59 -0.32 1.92 10.46
N ALA A 60 0.44 2.48 11.40
CA ALA A 60 -0.05 2.76 12.75
C ALA A 60 -1.19 3.80 12.78
N THR A 61 -1.23 4.73 11.82
CA THR A 61 -2.29 5.74 11.64
C THR A 61 -2.89 5.82 10.24
N THR A 62 -4.16 6.21 10.13
CA THR A 62 -4.79 6.53 8.83
C THR A 62 -4.11 7.70 8.12
N GLU A 63 -3.66 8.72 8.86
CA GLU A 63 -2.96 9.87 8.26
C GLU A 63 -1.60 9.47 7.65
N ASP A 64 -0.91 8.50 8.26
CA ASP A 64 0.33 7.93 7.74
C ASP A 64 0.15 7.13 6.43
N ALA A 65 -0.93 6.34 6.35
CA ALA A 65 -1.33 5.62 5.15
C ALA A 65 -1.79 6.59 4.05
N GLN A 66 -2.62 7.59 4.41
CA GLN A 66 -3.13 8.60 3.48
C GLN A 66 -1.99 9.45 2.89
N ALA A 67 -1.02 9.87 3.70
CA ALA A 67 0.11 10.69 3.25
C ALA A 67 1.00 9.96 2.22
N ALA A 68 1.22 8.66 2.39
CA ALA A 68 1.99 7.85 1.44
C ALA A 68 1.32 7.80 0.05
N VAL A 69 0.02 7.51 0.01
CA VAL A 69 -0.74 7.46 -1.25
C VAL A 69 -0.92 8.85 -1.86
N ASP A 70 -1.18 9.88 -1.04
CA ASP A 70 -1.24 11.28 -1.47
C ASP A 70 0.03 11.82 -2.15
N TYR A 71 1.19 11.31 -1.77
CA TYR A 71 2.46 11.55 -2.45
C TYR A 71 2.69 10.64 -3.68
N TYR A 72 2.44 9.34 -3.55
CA TYR A 72 2.68 8.34 -4.60
C TYR A 72 1.65 8.20 -5.73
N THR A 73 0.50 8.89 -5.61
CA THR A 73 -0.47 9.07 -6.70
C THR A 73 -0.02 10.10 -7.74
N THR A 74 0.68 11.14 -7.29
CA THR A 74 1.30 12.19 -8.14
C THR A 74 2.76 11.96 -8.52
N THR A 75 3.60 11.56 -7.57
CA THR A 75 4.98 11.11 -7.77
C THR A 75 5.09 9.65 -8.23
N PRO A 76 5.90 9.31 -9.25
CA PRO A 76 6.05 7.93 -9.70
C PRO A 76 6.70 7.04 -8.62
N ALA A 77 5.95 6.06 -8.12
CA ALA A 77 6.45 5.01 -7.24
C ALA A 77 7.31 4.01 -8.04
N LEU A 78 8.44 3.56 -7.49
CA LEU A 78 9.37 2.62 -8.12
C LEU A 78 9.73 1.43 -7.21
N VAL A 79 9.89 0.25 -7.81
CA VAL A 79 10.46 -0.97 -7.19
C VAL A 79 11.50 -1.54 -8.15
N PHE A 80 12.72 -1.77 -7.67
CA PHE A 80 13.88 -2.14 -8.47
C PHE A 80 14.26 -1.18 -9.63
N GLY A 81 13.82 0.08 -9.50
CA GLY A 81 13.90 1.13 -10.53
C GLY A 81 12.74 1.14 -11.54
N LYS A 82 11.79 0.19 -11.46
CA LYS A 82 10.65 0.04 -12.39
C LYS A 82 9.35 0.58 -11.78
N PRO A 83 8.46 1.21 -12.57
CA PRO A 83 7.26 1.88 -12.06
C PRO A 83 6.20 0.93 -11.50
N VAL A 84 5.53 1.37 -10.44
CA VAL A 84 4.48 0.64 -9.68
C VAL A 84 3.26 1.52 -9.37
N ARG A 85 2.17 0.91 -8.88
CA ARG A 85 0.91 1.59 -8.52
C ARG A 85 0.68 1.54 -7.00
N VAL A 86 0.19 2.63 -6.42
CA VAL A 86 0.05 2.81 -4.95
C VAL A 86 -1.28 3.49 -4.59
N HIS A 87 -2.09 2.82 -3.77
CA HIS A 87 -3.48 3.20 -3.42
C HIS A 87 -3.82 2.82 -1.96
N LEU A 88 -4.98 3.21 -1.43
CA LEU A 88 -5.49 2.73 -0.14
C LEU A 88 -6.45 1.53 -0.33
N SER A 89 -6.60 0.72 0.72
CA SER A 89 -7.62 -0.34 0.81
C SER A 89 -8.42 -0.26 2.10
N GLN A 90 -9.74 -0.12 1.97
CA GLN A 90 -10.70 -0.26 3.07
C GLN A 90 -11.19 -1.73 3.22
N LYS A 91 -10.94 -2.59 2.23
CA LYS A 91 -11.27 -4.02 2.24
C LYS A 91 -10.34 -4.82 3.15
N TYR A 92 -9.05 -4.52 3.13
CA TYR A 92 -8.04 -5.15 3.99
C TYR A 92 -8.10 -4.79 5.49
N LYS A 93 -8.74 -5.67 6.28
CA LYS A 93 -8.74 -5.65 7.75
C LYS A 93 -7.33 -5.88 8.35
N ARG A 94 -7.20 -5.86 9.68
CA ARG A 94 -5.94 -6.07 10.42
C ARG A 94 -5.14 -7.25 9.85
N ILE A 95 -3.98 -6.97 9.26
CA ILE A 95 -3.21 -7.95 8.47
C ILE A 95 -2.71 -9.14 9.32
N LYS A 96 -2.38 -8.88 10.58
CA LYS A 96 -1.89 -9.87 11.56
C LYS A 96 -2.90 -10.99 11.89
N SER A 97 -4.21 -10.73 11.74
CA SER A 97 -5.27 -11.69 12.09
C SER A 97 -5.25 -12.96 11.22
N GLY A 98 -5.60 -14.10 11.82
CA GLY A 98 -5.58 -15.42 11.18
C GLY A 98 -6.07 -16.55 12.08
N PRO A 99 -5.86 -17.83 11.68
CA PRO A 99 -6.32 -19.01 12.43
C PRO A 99 -5.73 -19.13 13.85
N SER A 100 -6.47 -19.80 14.73
CA SER A 100 -6.08 -20.06 16.13
C SER A 100 -4.87 -21.00 16.27
N SER A 101 -4.15 -20.88 17.38
CA SER A 101 -2.95 -21.68 17.72
C SER A 101 -2.78 -21.87 19.23
N GLY A 102 -1.99 -22.89 19.63
CA GLY A 102 -1.67 -23.22 21.03
C GLY A 102 -0.69 -22.24 21.69
N GLY A 1 -15.87 21.72 -21.18
CA GLY A 1 -14.63 21.30 -21.87
C GLY A 1 -13.46 22.22 -21.53
N SER A 2 -12.24 21.75 -21.82
CA SER A 2 -10.95 22.41 -21.51
C SER A 2 -10.66 22.63 -20.00
N SER A 3 -9.43 23.03 -19.68
CA SER A 3 -8.95 23.32 -18.31
C SER A 3 -9.05 22.15 -17.30
N GLY A 4 -8.98 20.91 -17.81
CA GLY A 4 -9.06 19.67 -17.02
C GLY A 4 -10.49 19.20 -16.71
N SER A 5 -10.67 17.88 -16.59
CA SER A 5 -11.96 17.21 -16.36
C SER A 5 -11.78 15.81 -15.75
N SER A 6 -12.87 15.23 -15.23
CA SER A 6 -12.95 13.85 -14.71
C SER A 6 -11.90 13.51 -13.62
N GLY A 7 -11.66 14.45 -12.70
CA GLY A 7 -10.62 14.35 -11.66
C GLY A 7 -10.86 13.26 -10.60
N GLN A 8 -12.11 12.77 -10.47
CA GLN A 8 -12.53 11.61 -9.64
C GLN A 8 -12.01 11.61 -8.19
N LYS A 9 -11.95 12.79 -7.56
CA LYS A 9 -11.43 13.00 -6.20
C LYS A 9 -12.25 12.28 -5.12
N GLY A 10 -11.57 11.74 -4.10
CA GLY A 10 -12.17 11.08 -2.95
C GLY A 10 -11.13 10.39 -2.05
N ARG A 11 -11.38 10.37 -0.73
CA ARG A 11 -10.50 9.78 0.31
C ARG A 11 -11.32 9.43 1.57
N VAL A 12 -10.90 8.42 2.31
CA VAL A 12 -11.55 7.92 3.54
C VAL A 12 -10.60 7.79 4.73
N GLU A 13 -11.13 7.96 5.94
CA GLU A 13 -10.41 7.78 7.22
C GLU A 13 -10.53 6.34 7.79
N THR A 14 -11.30 5.47 7.14
CA THR A 14 -11.34 4.03 7.45
C THR A 14 -10.11 3.25 6.99
N ARG A 15 -9.67 2.27 7.80
CA ARG A 15 -8.45 1.43 7.61
C ARG A 15 -7.15 2.26 7.58
N ARG A 16 -6.00 1.57 7.56
CA ARG A 16 -4.66 2.15 7.34
C ARG A 16 -3.85 1.37 6.30
N VAL A 17 -4.53 0.66 5.40
CA VAL A 17 -3.92 -0.30 4.46
C VAL A 17 -3.59 0.33 3.10
N VAL A 18 -2.29 0.47 2.84
CA VAL A 18 -1.73 0.85 1.54
C VAL A 18 -1.63 -0.39 0.63
N HIS A 19 -2.32 -0.36 -0.50
CA HIS A 19 -2.23 -1.31 -1.60
C HIS A 19 -1.09 -0.90 -2.55
N ILE A 20 -0.23 -1.84 -2.93
CA ILE A 20 0.85 -1.65 -3.91
C ILE A 20 0.76 -2.73 -4.99
N MET A 21 0.84 -2.33 -6.26
CA MET A 21 0.60 -3.18 -7.44
C MET A 21 1.68 -3.02 -8.51
N ASP A 22 1.80 -4.02 -9.39
CA ASP A 22 2.62 -3.99 -10.62
C ASP A 22 4.16 -4.02 -10.47
N PHE A 23 4.65 -4.39 -9.29
CA PHE A 23 6.08 -4.49 -9.00
C PHE A 23 6.89 -5.58 -9.72
N GLN A 24 8.20 -5.37 -9.85
CA GLN A 24 9.16 -6.41 -10.24
C GLN A 24 9.64 -7.15 -8.98
N ARG A 25 10.01 -8.43 -9.09
CA ARG A 25 10.46 -9.26 -7.96
C ARG A 25 11.99 -9.39 -7.85
N GLY A 26 12.47 -9.67 -6.64
CA GLY A 26 13.88 -9.85 -6.28
C GLY A 26 14.05 -10.04 -4.77
N LYS A 27 15.27 -10.37 -4.30
CA LYS A 27 15.53 -10.76 -2.89
C LYS A 27 15.19 -9.66 -1.87
N ASN A 28 15.31 -8.39 -2.27
CA ASN A 28 14.99 -7.21 -1.45
C ASN A 28 13.54 -6.71 -1.57
N LEU A 29 12.63 -7.45 -2.22
CA LEU A 29 11.26 -6.99 -2.54
C LEU A 29 10.49 -6.46 -1.32
N ARG A 30 10.61 -7.13 -0.17
CA ARG A 30 10.00 -6.70 1.10
C ARG A 30 10.45 -5.28 1.49
N TYR A 31 11.76 -5.00 1.41
CA TYR A 31 12.30 -3.65 1.54
C TYR A 31 11.81 -2.65 0.50
N GLN A 32 11.84 -3.04 -0.77
CA GLN A 32 11.43 -2.18 -1.90
C GLN A 32 9.98 -1.68 -1.79
N LEU A 33 9.08 -2.49 -1.23
CA LEU A 33 7.69 -2.11 -0.98
C LEU A 33 7.51 -1.34 0.33
N LEU A 34 8.21 -1.71 1.41
CA LEU A 34 8.18 -0.98 2.69
C LEU A 34 8.76 0.44 2.57
N GLN A 35 9.86 0.63 1.85
CA GLN A 35 10.57 1.91 1.73
C GLN A 35 9.78 3.01 1.00
N LEU A 36 8.66 2.65 0.34
CA LEU A 36 7.70 3.61 -0.22
C LEU A 36 6.80 4.27 0.84
N VAL A 37 6.72 3.69 2.06
CA VAL A 37 5.83 4.14 3.15
C VAL A 37 6.51 4.28 4.53
N GLU A 38 7.67 3.66 4.74
CA GLU A 38 8.57 3.87 5.88
C GLU A 38 8.88 5.35 6.21
N PRO A 39 9.23 6.22 5.22
CA PRO A 39 9.44 7.65 5.49
C PRO A 39 8.15 8.40 5.83
N PHE A 40 6.98 7.84 5.50
CA PHE A 40 5.66 8.42 5.77
C PHE A 40 5.04 8.18 7.15
N GLY A 41 5.57 7.22 7.90
CA GLY A 41 5.10 6.88 9.24
C GLY A 41 5.53 5.49 9.71
N VAL A 42 4.96 5.08 10.85
CA VAL A 42 5.20 3.79 11.50
C VAL A 42 4.51 2.64 10.75
N ILE A 43 5.28 1.63 10.35
CA ILE A 43 4.75 0.37 9.81
C ILE A 43 4.09 -0.42 10.95
N SER A 44 2.81 -0.77 10.78
CA SER A 44 2.10 -1.71 11.66
C SER A 44 2.35 -3.15 11.22
N ASN A 45 2.19 -3.45 9.92
CA ASN A 45 2.28 -4.80 9.36
C ASN A 45 2.46 -4.79 7.83
N HIS A 46 2.90 -5.89 7.23
CA HIS A 46 3.05 -6.08 5.78
C HIS A 46 2.58 -7.47 5.31
N LEU A 47 2.17 -7.57 4.03
CA LEU A 47 1.72 -8.79 3.35
C LEU A 47 2.06 -8.68 1.85
N ILE A 48 2.80 -9.66 1.32
CA ILE A 48 3.16 -9.73 -0.11
C ILE A 48 2.48 -10.97 -0.74
N LEU A 49 1.73 -10.78 -1.82
CA LEU A 49 1.04 -11.87 -2.53
C LEU A 49 2.02 -12.70 -3.38
N ASN A 50 1.80 -14.01 -3.45
CA ASN A 50 2.64 -14.95 -4.23
C ASN A 50 2.11 -15.15 -5.67
N LYS A 51 0.80 -15.33 -5.84
CA LYS A 51 0.17 -15.67 -7.13
C LYS A 51 0.17 -14.52 -8.14
N ILE A 52 0.02 -13.28 -7.65
CA ILE A 52 -0.01 -12.02 -8.40
C ILE A 52 0.90 -10.99 -7.73
N ASN A 53 1.37 -10.00 -8.48
CA ASN A 53 2.28 -8.94 -8.01
C ASN A 53 1.48 -7.82 -7.33
N GLU A 54 0.90 -8.16 -6.17
CA GLU A 54 0.15 -7.31 -5.25
C GLU A 54 0.74 -7.37 -3.84
N ALA A 55 0.62 -6.28 -3.08
CA ALA A 55 1.06 -6.21 -1.69
C ALA A 55 0.21 -5.23 -0.88
N PHE A 56 0.12 -5.51 0.42
CA PHE A 56 -0.62 -4.71 1.39
C PHE A 56 0.24 -4.35 2.61
N ILE A 57 0.32 -3.07 2.96
CA ILE A 57 1.06 -2.60 4.14
C ILE A 57 0.13 -1.76 5.01
N GLU A 58 -0.02 -2.16 6.27
CA GLU A 58 -0.79 -1.41 7.26
C GLU A 58 0.13 -0.43 8.00
N MET A 59 -0.27 0.83 8.06
CA MET A 59 0.39 1.85 8.89
C MET A 59 -0.23 1.90 10.29
N ALA A 60 0.50 2.39 11.29
CA ALA A 60 -0.02 2.50 12.67
C ALA A 60 -1.16 3.53 12.80
N THR A 61 -1.26 4.48 11.86
CA THR A 61 -2.36 5.45 11.72
C THR A 61 -2.90 5.60 10.30
N THR A 62 -4.21 5.84 10.16
CA THR A 62 -4.81 6.19 8.86
C THR A 62 -4.14 7.40 8.21
N GLU A 63 -3.74 8.41 8.99
CA GLU A 63 -3.06 9.62 8.50
C GLU A 63 -1.70 9.31 7.86
N ASP A 64 -0.95 8.35 8.41
CA ASP A 64 0.32 7.87 7.86
C ASP A 64 0.18 7.15 6.51
N ALA A 65 -0.86 6.31 6.37
CA ALA A 65 -1.22 5.65 5.12
C ALA A 65 -1.73 6.66 4.07
N GLN A 66 -2.57 7.61 4.49
CA GLN A 66 -3.08 8.68 3.64
C GLN A 66 -1.96 9.58 3.13
N ALA A 67 -0.97 9.94 3.97
CA ALA A 67 0.17 10.75 3.56
C ALA A 67 1.06 10.06 2.51
N ALA A 68 1.33 8.76 2.66
CA ALA A 68 2.11 7.99 1.69
C ALA A 68 1.42 7.92 0.32
N VAL A 69 0.12 7.61 0.30
CA VAL A 69 -0.66 7.51 -0.93
C VAL A 69 -0.90 8.90 -1.53
N ASP A 70 -1.11 9.95 -0.75
CA ASP A 70 -1.32 11.31 -1.28
C ASP A 70 -0.12 11.83 -2.09
N TYR A 71 1.08 11.40 -1.72
CA TYR A 71 2.30 11.61 -2.51
C TYR A 71 2.43 10.65 -3.70
N TYR A 72 2.28 9.34 -3.49
CA TYR A 72 2.49 8.31 -4.51
C TYR A 72 1.34 7.99 -5.49
N THR A 73 0.16 8.54 -5.27
CA THR A 73 -0.95 8.52 -6.23
C THR A 73 -0.70 9.41 -7.46
N THR A 74 0.06 10.49 -7.27
CA THR A 74 0.57 11.38 -8.33
C THR A 74 2.03 11.18 -8.73
N THR A 75 2.94 11.02 -7.77
CA THR A 75 4.35 10.68 -7.96
C THR A 75 4.59 9.24 -8.44
N PRO A 76 5.48 8.99 -9.42
CA PRO A 76 5.85 7.63 -9.82
C PRO A 76 6.59 6.88 -8.71
N ALA A 77 5.93 5.92 -8.08
CA ALA A 77 6.54 4.96 -7.18
C ALA A 77 7.39 3.96 -8.00
N LEU A 78 8.53 3.53 -7.47
CA LEU A 78 9.47 2.61 -8.15
C LEU A 78 9.84 1.41 -7.26
N VAL A 79 9.97 0.22 -7.87
CA VAL A 79 10.53 -1.01 -7.27
C VAL A 79 11.54 -1.59 -8.26
N PHE A 80 12.75 -1.88 -7.79
CA PHE A 80 13.87 -2.35 -8.63
C PHE A 80 14.27 -1.49 -9.84
N GLY A 81 13.96 -0.18 -9.76
CA GLY A 81 14.12 0.79 -10.86
C GLY A 81 12.99 0.79 -11.91
N LYS A 82 11.88 0.07 -11.67
CA LYS A 82 10.70 -0.02 -12.56
C LYS A 82 9.43 0.53 -11.87
N PRO A 83 8.51 1.17 -12.62
CA PRO A 83 7.36 1.87 -12.05
C PRO A 83 6.27 0.94 -11.50
N VAL A 84 5.63 1.40 -10.41
CA VAL A 84 4.56 0.72 -9.66
C VAL A 84 3.42 1.67 -9.27
N ARG A 85 2.32 1.15 -8.72
CA ARG A 85 1.17 1.94 -8.24
C ARG A 85 0.93 1.75 -6.75
N VAL A 86 0.58 2.83 -6.05
CA VAL A 86 0.44 2.92 -4.58
C VAL A 86 -0.83 3.69 -4.22
N HIS A 87 -1.80 3.01 -3.59
CA HIS A 87 -3.16 3.51 -3.30
C HIS A 87 -3.68 2.99 -1.96
N LEU A 88 -4.83 3.46 -1.46
CA LEU A 88 -5.52 2.89 -0.28
C LEU A 88 -6.56 1.84 -0.69
N SER A 89 -6.86 0.89 0.21
CA SER A 89 -7.94 -0.08 0.04
C SER A 89 -9.05 0.06 1.09
N GLN A 90 -10.29 0.14 0.62
CA GLN A 90 -11.51 0.05 1.43
C GLN A 90 -12.03 -1.40 1.57
N LYS A 91 -11.49 -2.34 0.77
CA LYS A 91 -11.75 -3.78 0.88
C LYS A 91 -10.93 -4.42 2.00
N TYR A 92 -9.62 -4.15 2.02
CA TYR A 92 -8.68 -4.70 3.00
C TYR A 92 -8.79 -4.21 4.45
N LYS A 93 -8.37 -5.06 5.39
CA LYS A 93 -8.58 -4.92 6.84
C LYS A 93 -7.28 -5.21 7.62
N ARG A 94 -7.34 -5.20 8.96
CA ARG A 94 -6.18 -5.41 9.86
C ARG A 94 -5.42 -6.68 9.45
N ILE A 95 -4.17 -6.54 9.02
CA ILE A 95 -3.38 -7.63 8.43
C ILE A 95 -3.03 -8.67 9.51
N LYS A 96 -3.02 -9.97 9.16
CA LYS A 96 -2.74 -11.09 10.09
C LYS A 96 -1.32 -11.05 10.69
N SER A 97 -1.14 -11.64 11.87
CA SER A 97 0.14 -11.73 12.60
C SER A 97 0.49 -13.16 13.01
N GLY A 98 1.78 -13.51 12.95
CA GLY A 98 2.33 -14.78 13.43
C GLY A 98 2.65 -14.80 14.95
N PRO A 99 3.31 -15.85 15.44
CA PRO A 99 3.76 -15.97 16.83
C PRO A 99 4.73 -14.86 17.27
N SER A 100 4.83 -14.62 18.58
CA SER A 100 5.70 -13.58 19.18
C SER A 100 7.22 -13.80 18.96
N SER A 101 7.63 -15.00 18.53
CA SER A 101 9.01 -15.31 18.12
C SER A 101 9.43 -14.59 16.82
N GLY A 102 8.47 -14.23 15.96
CA GLY A 102 8.67 -13.54 14.67
C GLY A 102 9.20 -12.10 14.81
N GLY A 1 -29.00 11.02 -25.27
CA GLY A 1 -27.76 10.64 -24.54
C GLY A 1 -28.08 9.94 -23.23
N SER A 2 -27.17 9.07 -22.78
CA SER A 2 -27.31 8.27 -21.54
C SER A 2 -27.04 9.03 -20.23
N SER A 3 -26.49 10.24 -20.30
CA SER A 3 -26.15 11.10 -19.15
C SER A 3 -27.39 11.51 -18.31
N GLY A 4 -27.16 11.76 -17.01
CA GLY A 4 -28.20 12.18 -16.06
C GLY A 4 -27.63 12.66 -14.71
N SER A 5 -28.52 13.07 -13.80
CA SER A 5 -28.17 13.64 -12.49
C SER A 5 -27.65 12.60 -11.46
N SER A 6 -27.90 11.31 -11.70
CA SER A 6 -27.53 10.22 -10.79
C SER A 6 -26.02 10.07 -10.57
N GLY A 7 -25.60 9.87 -9.32
CA GLY A 7 -24.20 9.71 -8.92
C GLY A 7 -23.99 9.80 -7.41
N GLN A 8 -22.74 9.68 -6.97
CA GLN A 8 -22.31 9.81 -5.56
C GLN A 8 -20.86 10.32 -5.45
N LYS A 9 -20.52 10.96 -4.32
CA LYS A 9 -19.22 11.61 -4.04
C LYS A 9 -18.63 11.24 -2.67
N GLY A 10 -18.94 10.04 -2.17
CA GLY A 10 -18.54 9.56 -0.84
C GLY A 10 -17.04 9.30 -0.68
N ARG A 11 -16.54 9.48 0.55
CA ARG A 11 -15.14 9.26 0.99
C ARG A 11 -15.10 8.66 2.41
N VAL A 12 -14.06 7.90 2.73
CA VAL A 12 -13.87 7.23 4.03
C VAL A 12 -12.49 7.45 4.66
N GLU A 13 -12.45 7.56 6.00
CA GLU A 13 -11.23 7.62 6.82
C GLU A 13 -10.82 6.24 7.39
N THR A 14 -11.74 5.27 7.38
CA THR A 14 -11.52 3.90 7.90
C THR A 14 -10.57 3.02 7.07
N ARG A 15 -9.88 2.10 7.77
CA ARG A 15 -8.74 1.28 7.31
C ARG A 15 -7.49 2.08 6.96
N ARG A 16 -6.33 1.47 7.26
CA ARG A 16 -4.99 2.12 7.26
C ARG A 16 -4.01 1.35 6.37
N VAL A 17 -4.53 0.66 5.35
CA VAL A 17 -3.79 -0.27 4.49
C VAL A 17 -3.41 0.34 3.13
N VAL A 18 -2.11 0.55 2.91
CA VAL A 18 -1.55 0.91 1.61
C VAL A 18 -1.42 -0.33 0.72
N HIS A 19 -2.07 -0.31 -0.43
CA HIS A 19 -2.02 -1.32 -1.48
C HIS A 19 -0.98 -0.91 -2.54
N ILE A 20 -0.09 -1.84 -2.91
CA ILE A 20 0.96 -1.66 -3.92
C ILE A 20 0.83 -2.77 -4.97
N MET A 21 0.93 -2.41 -6.25
CA MET A 21 0.72 -3.30 -7.40
C MET A 21 1.76 -3.09 -8.51
N ASP A 22 1.80 -4.02 -9.48
CA ASP A 22 2.62 -3.96 -10.71
C ASP A 22 4.15 -4.14 -10.55
N PHE A 23 4.61 -4.49 -9.35
CA PHE A 23 6.03 -4.59 -9.01
C PHE A 23 6.88 -5.66 -9.71
N GLN A 24 8.15 -5.33 -10.00
CA GLN A 24 9.17 -6.30 -10.40
C GLN A 24 9.69 -7.05 -9.17
N ARG A 25 10.05 -8.33 -9.31
CA ARG A 25 10.48 -9.20 -8.20
C ARG A 25 12.01 -9.35 -8.08
N GLY A 26 12.47 -9.62 -6.87
CA GLY A 26 13.89 -9.79 -6.50
C GLY A 26 14.07 -10.02 -4.99
N LYS A 27 15.29 -10.35 -4.55
CA LYS A 27 15.57 -10.80 -3.16
C LYS A 27 15.21 -9.77 -2.07
N ASN A 28 15.27 -8.46 -2.40
CA ASN A 28 14.92 -7.35 -1.50
C ASN A 28 13.51 -6.76 -1.73
N LEU A 29 12.61 -7.46 -2.44
CA LEU A 29 11.27 -6.96 -2.80
C LEU A 29 10.46 -6.45 -1.60
N ARG A 30 10.46 -7.21 -0.50
CA ARG A 30 9.77 -6.87 0.76
C ARG A 30 10.25 -5.52 1.30
N TYR A 31 11.56 -5.29 1.28
CA TYR A 31 12.18 -3.99 1.58
C TYR A 31 11.83 -2.85 0.62
N GLN A 32 11.90 -3.11 -0.69
CA GLN A 32 11.56 -2.13 -1.74
C GLN A 32 10.12 -1.62 -1.59
N LEU A 33 9.18 -2.50 -1.27
CA LEU A 33 7.77 -2.17 -1.03
C LEU A 33 7.57 -1.42 0.30
N LEU A 34 8.23 -1.84 1.38
CA LEU A 34 8.21 -1.12 2.67
C LEU A 34 8.73 0.32 2.53
N GLN A 35 9.79 0.54 1.75
CA GLN A 35 10.38 1.87 1.54
C GLN A 35 9.46 2.90 0.85
N LEU A 36 8.31 2.47 0.28
CA LEU A 36 7.29 3.39 -0.25
C LEU A 36 6.43 4.03 0.87
N VAL A 37 6.49 3.51 2.10
CA VAL A 37 5.66 3.95 3.23
C VAL A 37 6.41 4.10 4.58
N GLU A 38 7.59 3.50 4.73
CA GLU A 38 8.54 3.72 5.84
C GLU A 38 8.84 5.20 6.17
N PRO A 39 9.16 6.08 5.19
CA PRO A 39 9.36 7.51 5.48
C PRO A 39 8.07 8.26 5.83
N PHE A 40 6.90 7.69 5.50
CA PHE A 40 5.58 8.30 5.72
C PHE A 40 4.94 8.12 7.10
N GLY A 41 5.46 7.17 7.88
CA GLY A 41 4.94 6.86 9.22
C GLY A 41 5.35 5.49 9.75
N VAL A 42 4.66 5.07 10.80
CA VAL A 42 4.92 3.80 11.51
C VAL A 42 4.29 2.60 10.79
N ILE A 43 5.11 1.64 10.38
CA ILE A 43 4.65 0.33 9.89
C ILE A 43 4.03 -0.44 11.06
N SER A 44 2.76 -0.82 10.95
CA SER A 44 2.11 -1.74 11.90
C SER A 44 2.36 -3.19 11.49
N ASN A 45 2.12 -3.50 10.20
CA ASN A 45 2.25 -4.83 9.58
C ASN A 45 2.48 -4.71 8.07
N HIS A 46 3.03 -5.75 7.43
CA HIS A 46 3.11 -5.88 5.97
C HIS A 46 2.83 -7.31 5.48
N LEU A 47 2.41 -7.45 4.22
CA LEU A 47 2.03 -8.70 3.55
C LEU A 47 2.32 -8.60 2.04
N ILE A 48 3.17 -9.49 1.52
CA ILE A 48 3.52 -9.56 0.08
C ILE A 48 2.89 -10.84 -0.52
N LEU A 49 2.04 -10.73 -1.54
CA LEU A 49 1.42 -11.90 -2.19
C LEU A 49 2.34 -12.49 -3.28
N ASN A 50 2.25 -13.81 -3.49
CA ASN A 50 3.06 -14.55 -4.48
C ASN A 50 2.28 -15.06 -5.70
N LYS A 51 0.95 -15.27 -5.59
CA LYS A 51 0.09 -15.67 -6.72
C LYS A 51 -0.10 -14.55 -7.74
N ILE A 52 -0.19 -13.31 -7.27
CA ILE A 52 -0.33 -12.07 -8.05
C ILE A 52 0.60 -10.98 -7.49
N ASN A 53 0.92 -9.97 -8.30
CA ASN A 53 1.70 -8.79 -7.91
C ASN A 53 0.85 -7.78 -7.12
N GLU A 54 0.42 -8.18 -5.91
CA GLU A 54 -0.22 -7.36 -4.89
C GLU A 54 0.58 -7.40 -3.57
N ALA A 55 0.67 -6.28 -2.87
CA ALA A 55 1.24 -6.18 -1.54
C ALA A 55 0.47 -5.15 -0.69
N PHE A 56 0.36 -5.44 0.61
CA PHE A 56 -0.43 -4.69 1.57
C PHE A 56 0.39 -4.28 2.79
N ILE A 57 0.40 -2.99 3.13
CA ILE A 57 1.14 -2.47 4.28
C ILE A 57 0.20 -1.66 5.16
N GLU A 58 -0.05 -2.16 6.37
CA GLU A 58 -0.92 -1.55 7.36
C GLU A 58 -0.09 -0.57 8.20
N MET A 59 -0.42 0.72 8.12
CA MET A 59 0.18 1.76 8.95
C MET A 59 -0.50 1.82 10.31
N ALA A 60 0.23 2.28 11.33
CA ALA A 60 -0.33 2.46 12.68
C ALA A 60 -1.46 3.51 12.72
N THR A 61 -1.44 4.49 11.81
CA THR A 61 -2.47 5.54 11.65
C THR A 61 -3.03 5.70 10.23
N THR A 62 -4.29 6.14 10.12
CA THR A 62 -4.88 6.53 8.83
C THR A 62 -4.15 7.70 8.16
N GLU A 63 -3.68 8.68 8.93
CA GLU A 63 -2.92 9.82 8.42
C GLU A 63 -1.56 9.38 7.81
N ASP A 64 -0.91 8.39 8.42
CA ASP A 64 0.32 7.77 7.92
C ASP A 64 0.15 7.03 6.58
N ALA A 65 -0.95 6.28 6.45
CA ALA A 65 -1.34 5.61 5.22
C ALA A 65 -1.76 6.62 4.12
N GLN A 66 -2.56 7.61 4.49
CA GLN A 66 -3.02 8.66 3.57
C GLN A 66 -1.87 9.51 3.03
N ALA A 67 -0.89 9.85 3.86
CA ALA A 67 0.28 10.65 3.46
C ALA A 67 1.13 9.96 2.39
N ALA A 68 1.34 8.64 2.51
CA ALA A 68 2.09 7.86 1.52
C ALA A 68 1.41 7.84 0.15
N VAL A 69 0.10 7.56 0.11
CA VAL A 69 -0.69 7.52 -1.13
C VAL A 69 -0.89 8.92 -1.72
N ASP A 70 -1.10 9.95 -0.91
CA ASP A 70 -1.20 11.34 -1.38
C ASP A 70 0.06 11.84 -2.13
N TYR A 71 1.24 11.38 -1.70
CA TYR A 71 2.50 11.58 -2.42
C TYR A 71 2.68 10.69 -3.65
N TYR A 72 2.41 9.38 -3.52
CA TYR A 72 2.61 8.38 -4.59
C TYR A 72 1.52 8.25 -5.67
N THR A 73 0.38 8.90 -5.50
CA THR A 73 -0.65 9.07 -6.55
C THR A 73 -0.24 10.08 -7.63
N THR A 74 0.52 11.11 -7.24
CA THR A 74 1.12 12.12 -8.14
C THR A 74 2.57 11.86 -8.55
N THR A 75 3.43 11.50 -7.59
CA THR A 75 4.81 11.07 -7.80
C THR A 75 4.94 9.61 -8.28
N PRO A 76 5.75 9.29 -9.30
CA PRO A 76 5.93 7.91 -9.75
C PRO A 76 6.63 7.05 -8.68
N ALA A 77 5.91 6.06 -8.16
CA ALA A 77 6.47 5.01 -7.30
C ALA A 77 7.31 4.01 -8.12
N LEU A 78 8.46 3.59 -7.58
CA LEU A 78 9.39 2.65 -8.24
C LEU A 78 9.78 1.48 -7.32
N VAL A 79 9.96 0.30 -7.92
CA VAL A 79 10.55 -0.91 -7.30
C VAL A 79 11.54 -1.49 -8.30
N PHE A 80 12.77 -1.78 -7.85
CA PHE A 80 13.88 -2.22 -8.70
C PHE A 80 14.24 -1.32 -9.90
N GLY A 81 13.95 -0.02 -9.79
CA GLY A 81 14.08 0.98 -10.85
C GLY A 81 12.97 0.95 -11.92
N LYS A 82 11.87 0.21 -11.70
CA LYS A 82 10.71 0.10 -12.60
C LYS A 82 9.41 0.56 -11.92
N PRO A 83 8.45 1.16 -12.66
CA PRO A 83 7.27 1.81 -12.08
C PRO A 83 6.25 0.85 -11.48
N VAL A 84 5.58 1.29 -10.42
CA VAL A 84 4.54 0.58 -9.65
C VAL A 84 3.33 1.47 -9.33
N ARG A 85 2.23 0.88 -8.86
CA ARG A 85 0.99 1.58 -8.49
C ARG A 85 0.76 1.55 -6.99
N VAL A 86 0.27 2.65 -6.40
CA VAL A 86 0.13 2.84 -4.94
C VAL A 86 -1.21 3.50 -4.60
N HIS A 87 -2.02 2.83 -3.78
CA HIS A 87 -3.41 3.19 -3.44
C HIS A 87 -3.75 2.81 -1.98
N LEU A 88 -4.93 3.20 -1.47
CA LEU A 88 -5.47 2.69 -0.20
C LEU A 88 -6.45 1.54 -0.46
N SER A 89 -6.60 0.62 0.49
CA SER A 89 -7.51 -0.54 0.37
C SER A 89 -8.19 -0.93 1.69
N GLN A 90 -9.40 -1.48 1.56
CA GLN A 90 -10.22 -2.05 2.63
C GLN A 90 -10.03 -3.59 2.79
N LYS A 91 -9.26 -4.23 1.89
CA LYS A 91 -9.18 -5.70 1.72
C LYS A 91 -8.69 -6.49 2.96
N TYR A 92 -7.65 -6.00 3.64
CA TYR A 92 -6.96 -6.75 4.72
C TYR A 92 -7.16 -6.34 6.19
N LYS A 93 -7.61 -5.10 6.46
CA LYS A 93 -7.76 -4.53 7.82
C LYS A 93 -6.51 -4.79 8.69
N ARG A 94 -6.63 -5.55 9.80
CA ARG A 94 -5.51 -6.05 10.60
C ARG A 94 -4.82 -7.21 9.86
N ILE A 95 -3.65 -6.95 9.29
CA ILE A 95 -2.90 -7.96 8.51
C ILE A 95 -2.49 -9.14 9.40
N LYS A 96 -2.03 -8.87 10.64
CA LYS A 96 -1.74 -9.88 11.66
C LYS A 96 -3.02 -10.34 12.38
N SER A 97 -3.88 -11.04 11.65
CA SER A 97 -5.13 -11.65 12.16
C SER A 97 -4.89 -12.87 13.07
N GLY A 98 -3.79 -13.60 12.83
CA GLY A 98 -3.37 -14.79 13.59
C GLY A 98 -4.09 -16.09 13.19
N PRO A 99 -3.39 -17.25 13.16
CA PRO A 99 -3.97 -18.55 12.84
C PRO A 99 -4.81 -19.12 14.00
N SER A 100 -5.76 -20.00 13.66
CA SER A 100 -6.65 -20.74 14.59
C SER A 100 -7.49 -19.84 15.50
N SER A 101 -8.23 -20.44 16.45
CA SER A 101 -9.07 -19.75 17.45
C SER A 101 -8.26 -18.94 18.46
N GLY A 102 -8.85 -17.86 18.98
CA GLY A 102 -8.29 -17.00 20.04
C GLY A 102 -8.24 -17.68 21.41
N GLY A 1 -25.13 3.48 -19.37
CA GLY A 1 -23.67 3.36 -19.14
C GLY A 1 -23.20 4.24 -17.98
N SER A 2 -21.89 4.42 -17.85
CA SER A 2 -21.24 5.25 -16.82
C SER A 2 -19.86 5.76 -17.27
N SER A 3 -19.46 6.93 -16.77
CA SER A 3 -18.10 7.48 -16.90
C SER A 3 -17.05 6.76 -16.04
N GLY A 4 -17.48 6.04 -15.01
CA GLY A 4 -16.62 5.33 -14.05
C GLY A 4 -15.92 6.22 -13.00
N SER A 5 -16.08 7.55 -13.08
CA SER A 5 -15.50 8.53 -12.14
C SER A 5 -16.24 9.87 -12.19
N SER A 6 -16.44 10.51 -11.03
CA SER A 6 -17.12 11.82 -10.90
C SER A 6 -16.68 12.54 -9.60
N GLY A 7 -16.78 13.87 -9.60
CA GLY A 7 -16.46 14.73 -8.45
C GLY A 7 -17.55 14.78 -7.37
N GLN A 8 -17.38 15.70 -6.41
CA GLN A 8 -18.28 16.02 -5.29
C GLN A 8 -18.59 14.92 -4.26
N LYS A 9 -18.32 13.63 -4.57
CA LYS A 9 -18.50 12.50 -3.65
C LYS A 9 -17.56 12.58 -2.42
N GLY A 10 -18.09 12.25 -1.24
CA GLY A 10 -17.33 12.11 0.01
C GLY A 10 -16.76 10.71 0.24
N ARG A 11 -15.72 10.62 1.08
CA ARG A 11 -15.07 9.36 1.53
C ARG A 11 -14.48 9.58 2.93
N VAL A 12 -15.13 9.03 3.96
CA VAL A 12 -14.67 9.11 5.36
C VAL A 12 -13.41 8.29 5.65
N GLU A 13 -12.61 8.71 6.63
CA GLU A 13 -11.33 8.07 6.98
C GLU A 13 -11.53 6.68 7.64
N THR A 14 -11.25 5.61 6.89
CA THR A 14 -11.22 4.22 7.37
C THR A 14 -9.98 3.42 6.98
N ARG A 15 -9.52 2.51 7.85
CA ARG A 15 -8.33 1.63 7.71
C ARG A 15 -7.00 2.39 7.51
N ARG A 16 -5.88 1.66 7.51
CA ARG A 16 -4.53 2.22 7.25
C ARG A 16 -3.76 1.43 6.17
N VAL A 17 -4.46 0.69 5.30
CA VAL A 17 -3.84 -0.24 4.34
C VAL A 17 -3.49 0.47 3.04
N VAL A 18 -2.18 0.54 2.75
CA VAL A 18 -1.63 0.94 1.45
C VAL A 18 -1.53 -0.29 0.54
N HIS A 19 -2.24 -0.24 -0.58
CA HIS A 19 -2.28 -1.25 -1.64
C HIS A 19 -1.26 -0.92 -2.73
N ILE A 20 -0.42 -1.89 -3.11
CA ILE A 20 0.68 -1.75 -4.07
C ILE A 20 0.60 -2.86 -5.12
N MET A 21 0.70 -2.52 -6.40
CA MET A 21 0.47 -3.42 -7.54
C MET A 21 1.49 -3.19 -8.66
N ASP A 22 1.63 -4.18 -9.57
CA ASP A 22 2.46 -4.10 -10.78
C ASP A 22 4.00 -4.06 -10.61
N PHE A 23 4.51 -4.43 -9.43
CA PHE A 23 5.95 -4.48 -9.16
C PHE A 23 6.77 -5.57 -9.88
N GLN A 24 8.07 -5.36 -10.00
CA GLN A 24 9.03 -6.42 -10.37
C GLN A 24 9.49 -7.18 -9.11
N ARG A 25 9.78 -8.47 -9.22
CA ARG A 25 10.22 -9.31 -8.09
C ARG A 25 11.75 -9.38 -7.95
N GLY A 26 12.22 -9.68 -6.73
CA GLY A 26 13.64 -9.81 -6.36
C GLY A 26 13.82 -10.07 -4.86
N LYS A 27 15.06 -10.37 -4.42
CA LYS A 27 15.34 -10.80 -3.03
C LYS A 27 15.01 -9.74 -1.97
N ASN A 28 15.11 -8.45 -2.32
CA ASN A 28 14.80 -7.30 -1.46
C ASN A 28 13.35 -6.78 -1.62
N LEU A 29 12.44 -7.51 -2.28
CA LEU A 29 11.12 -7.03 -2.66
C LEU A 29 10.30 -6.44 -1.48
N ARG A 30 10.27 -7.15 -0.34
CA ARG A 30 9.60 -6.66 0.88
C ARG A 30 10.16 -5.31 1.33
N TYR A 31 11.48 -5.15 1.32
CA TYR A 31 12.14 -3.87 1.57
C TYR A 31 11.77 -2.75 0.59
N GLN A 32 11.80 -3.05 -0.71
CA GLN A 32 11.45 -2.08 -1.77
C GLN A 32 10.01 -1.56 -1.61
N LEU A 33 9.07 -2.44 -1.27
CA LEU A 33 7.67 -2.08 -1.02
C LEU A 33 7.48 -1.33 0.30
N LEU A 34 8.17 -1.73 1.38
CA LEU A 34 8.17 -1.01 2.66
C LEU A 34 8.70 0.43 2.51
N GLN A 35 9.76 0.65 1.72
CA GLN A 35 10.32 1.99 1.48
C GLN A 35 9.36 3.00 0.81
N LEU A 36 8.23 2.56 0.26
CA LEU A 36 7.16 3.46 -0.23
C LEU A 36 6.34 4.10 0.91
N VAL A 37 6.44 3.57 2.15
CA VAL A 37 5.63 4.00 3.30
C VAL A 37 6.42 4.15 4.62
N GLU A 38 7.60 3.54 4.75
CA GLU A 38 8.57 3.75 5.85
C GLU A 38 8.86 5.23 6.18
N PRO A 39 9.17 6.13 5.22
CA PRO A 39 9.39 7.55 5.51
C PRO A 39 8.09 8.29 5.90
N PHE A 40 6.91 7.71 5.62
CA PHE A 40 5.60 8.31 5.89
C PHE A 40 4.99 8.08 7.28
N GLY A 41 5.55 7.13 8.04
CA GLY A 41 5.10 6.81 9.39
C GLY A 41 5.51 5.42 9.88
N VAL A 42 4.83 4.98 10.94
CA VAL A 42 5.05 3.68 11.60
C VAL A 42 4.40 2.53 10.83
N ILE A 43 5.20 1.54 10.42
CA ILE A 43 4.71 0.26 9.87
C ILE A 43 4.05 -0.53 11.01
N SER A 44 2.78 -0.91 10.83
CA SER A 44 2.07 -1.82 11.74
C SER A 44 2.25 -3.28 11.32
N ASN A 45 2.08 -3.56 10.01
CA ASN A 45 2.26 -4.89 9.43
C ASN A 45 2.35 -4.85 7.89
N HIS A 46 2.82 -5.96 7.29
CA HIS A 46 2.97 -6.13 5.83
C HIS A 46 2.45 -7.50 5.36
N LEU A 47 2.05 -7.58 4.08
CA LEU A 47 1.62 -8.78 3.37
C LEU A 47 2.01 -8.66 1.90
N ILE A 48 2.94 -9.50 1.44
CA ILE A 48 3.40 -9.56 0.03
C ILE A 48 2.88 -10.87 -0.58
N LEU A 49 2.09 -10.79 -1.65
CA LEU A 49 1.49 -11.97 -2.30
C LEU A 49 2.55 -12.78 -3.07
N ASN A 50 2.41 -14.11 -3.08
CA ASN A 50 3.32 -15.04 -3.75
C ASN A 50 2.89 -15.35 -5.21
N LYS A 51 1.60 -15.61 -5.44
CA LYS A 51 1.04 -16.04 -6.73
C LYS A 51 1.05 -14.90 -7.78
N ILE A 52 0.75 -13.68 -7.32
CA ILE A 52 0.62 -12.45 -8.12
C ILE A 52 1.44 -11.31 -7.51
N ASN A 53 1.81 -10.32 -8.33
CA ASN A 53 2.65 -9.17 -7.95
C ASN A 53 1.85 -8.05 -7.25
N GLU A 54 1.13 -8.43 -6.19
CA GLU A 54 0.30 -7.55 -5.33
C GLU A 54 0.86 -7.50 -3.90
N ALA A 55 0.65 -6.40 -3.17
CA ALA A 55 1.05 -6.25 -1.77
C ALA A 55 0.16 -5.27 -1.00
N PHE A 56 0.11 -5.48 0.32
CA PHE A 56 -0.66 -4.68 1.27
C PHE A 56 0.21 -4.35 2.50
N ILE A 57 0.29 -3.07 2.89
CA ILE A 57 1.05 -2.63 4.06
C ILE A 57 0.16 -1.75 4.95
N GLU A 58 -0.01 -2.14 6.21
CA GLU A 58 -0.82 -1.42 7.20
C GLU A 58 0.07 -0.49 8.03
N MET A 59 -0.24 0.81 8.03
CA MET A 59 0.38 1.79 8.91
C MET A 59 -0.30 1.80 10.30
N ALA A 60 0.36 2.32 11.33
CA ALA A 60 -0.24 2.39 12.67
C ALA A 60 -1.38 3.42 12.78
N THR A 61 -1.40 4.45 11.92
CA THR A 61 -2.51 5.40 11.76
C THR A 61 -2.93 5.66 10.32
N THR A 62 -4.24 5.84 10.08
CA THR A 62 -4.77 6.23 8.77
C THR A 62 -4.08 7.45 8.13
N GLU A 63 -3.70 8.45 8.93
CA GLU A 63 -3.02 9.66 8.45
C GLU A 63 -1.65 9.35 7.82
N ASP A 64 -0.91 8.38 8.36
CA ASP A 64 0.38 7.92 7.82
C ASP A 64 0.25 7.23 6.44
N ALA A 65 -0.78 6.38 6.30
CA ALA A 65 -1.13 5.73 5.03
C ALA A 65 -1.63 6.77 4.00
N GLN A 66 -2.49 7.69 4.42
CA GLN A 66 -2.99 8.78 3.57
C GLN A 66 -1.86 9.68 3.06
N ALA A 67 -0.88 10.02 3.91
CA ALA A 67 0.29 10.81 3.53
C ALA A 67 1.16 10.11 2.47
N ALA A 68 1.38 8.79 2.60
CA ALA A 68 2.13 8.02 1.62
C ALA A 68 1.46 7.99 0.24
N VAL A 69 0.16 7.70 0.20
CA VAL A 69 -0.62 7.65 -1.06
C VAL A 69 -0.83 9.04 -1.67
N ASP A 70 -1.02 10.08 -0.85
CA ASP A 70 -1.11 11.48 -1.33
C ASP A 70 0.15 11.95 -2.08
N TYR A 71 1.33 11.49 -1.62
CA TYR A 71 2.59 11.68 -2.34
C TYR A 71 2.77 10.78 -3.57
N TYR A 72 2.48 9.48 -3.44
CA TYR A 72 2.65 8.46 -4.49
C TYR A 72 1.58 8.34 -5.59
N THR A 73 0.45 9.04 -5.44
CA THR A 73 -0.55 9.21 -6.50
C THR A 73 -0.13 10.23 -7.56
N THR A 74 0.63 11.27 -7.15
CA THR A 74 1.24 12.28 -8.03
C THR A 74 2.70 12.00 -8.44
N THR A 75 3.55 11.61 -7.49
CA THR A 75 4.92 11.12 -7.72
C THR A 75 4.99 9.66 -8.16
N PRO A 76 5.77 9.29 -9.20
CA PRO A 76 5.89 7.90 -9.65
C PRO A 76 6.55 7.02 -8.58
N ALA A 77 5.80 6.03 -8.07
CA ALA A 77 6.32 4.97 -7.21
C ALA A 77 7.16 3.97 -8.03
N LEU A 78 8.31 3.53 -7.50
CA LEU A 78 9.24 2.61 -8.16
C LEU A 78 9.60 1.41 -7.26
N VAL A 79 9.76 0.23 -7.86
CA VAL A 79 10.33 -0.99 -7.26
C VAL A 79 11.34 -1.58 -8.25
N PHE A 80 12.56 -1.86 -7.79
CA PHE A 80 13.68 -2.31 -8.62
C PHE A 80 14.05 -1.43 -9.83
N GLY A 81 13.74 -0.13 -9.74
CA GLY A 81 13.89 0.85 -10.83
C GLY A 81 12.77 0.84 -11.89
N LYS A 82 11.67 0.11 -11.66
CA LYS A 82 10.49 0.02 -12.55
C LYS A 82 9.22 0.57 -11.87
N PRO A 83 8.30 1.21 -12.61
CA PRO A 83 7.14 1.89 -12.05
C PRO A 83 6.05 0.94 -11.53
N VAL A 84 5.36 1.37 -10.46
CA VAL A 84 4.32 0.64 -9.73
C VAL A 84 3.11 1.51 -9.36
N ARG A 85 2.01 0.88 -8.94
CA ARG A 85 0.79 1.56 -8.49
C ARG A 85 0.74 1.63 -6.96
N VAL A 86 0.19 2.71 -6.41
CA VAL A 86 0.05 2.94 -4.95
C VAL A 86 -1.29 3.61 -4.66
N HIS A 87 -2.14 2.95 -3.84
CA HIS A 87 -3.50 3.36 -3.49
C HIS A 87 -3.84 2.99 -2.03
N LEU A 88 -4.98 3.43 -1.50
CA LEU A 88 -5.53 2.94 -0.22
C LEU A 88 -6.53 1.80 -0.45
N SER A 89 -6.73 0.96 0.57
CA SER A 89 -7.71 -0.13 0.59
C SER A 89 -8.35 -0.32 1.97
N GLN A 90 -9.50 -1.00 2.01
CA GLN A 90 -10.20 -1.44 3.22
C GLN A 90 -10.52 -2.95 3.22
N LYS A 91 -10.00 -3.72 2.24
CA LYS A 91 -10.25 -5.17 2.12
C LYS A 91 -9.73 -5.94 3.33
N TYR A 92 -8.48 -5.71 3.70
CA TYR A 92 -7.85 -6.27 4.91
C TYR A 92 -8.25 -5.60 6.23
N LYS A 93 -9.12 -6.24 7.02
CA LYS A 93 -9.63 -5.70 8.30
C LYS A 93 -8.54 -5.51 9.37
N ARG A 94 -7.49 -6.34 9.30
CA ARG A 94 -6.21 -6.23 9.99
C ARG A 94 -5.19 -7.11 9.27
N ILE A 95 -4.06 -6.56 8.83
CA ILE A 95 -3.02 -7.34 8.16
C ILE A 95 -2.28 -8.26 9.15
N LYS A 96 -1.95 -9.47 8.70
CA LYS A 96 -1.07 -10.44 9.36
C LYS A 96 -0.35 -11.30 8.30
N SER A 97 0.84 -11.80 8.64
CA SER A 97 1.70 -12.62 7.76
C SER A 97 2.71 -13.46 8.58
N GLY A 98 3.34 -14.45 7.95
CA GLY A 98 4.37 -15.31 8.56
C GLY A 98 5.14 -16.17 7.54
N PRO A 99 6.20 -16.90 7.97
CA PRO A 99 7.09 -17.62 7.06
C PRO A 99 6.45 -18.78 6.28
N SER A 100 5.41 -19.41 6.84
CA SER A 100 4.73 -20.60 6.31
C SER A 100 3.22 -20.58 6.57
N SER A 101 2.45 -21.26 5.71
CA SER A 101 0.97 -21.35 5.80
C SER A 101 0.46 -22.21 6.97
N GLY A 102 1.31 -23.07 7.54
CA GLY A 102 1.02 -23.96 8.68
C GLY A 102 2.17 -24.91 9.01
N GLY A 1 -29.71 -9.18 7.53
CA GLY A 1 -29.72 -7.81 6.95
C GLY A 1 -30.85 -7.63 5.95
N SER A 2 -31.38 -6.41 5.85
CA SER A 2 -32.50 -6.05 4.95
C SER A 2 -32.13 -6.01 3.46
N SER A 3 -30.84 -5.86 3.12
CA SER A 3 -30.30 -5.83 1.76
C SER A 3 -28.82 -6.25 1.73
N GLY A 4 -28.33 -6.71 0.59
CA GLY A 4 -26.91 -7.03 0.36
C GLY A 4 -25.98 -5.81 0.26
N SER A 5 -26.53 -4.60 0.08
CA SER A 5 -25.79 -3.33 0.05
C SER A 5 -26.69 -2.15 0.42
N SER A 6 -26.16 -1.17 1.16
CA SER A 6 -26.88 0.05 1.58
C SER A 6 -25.90 1.19 1.94
N GLY A 7 -26.30 2.45 1.70
CA GLY A 7 -25.53 3.65 2.00
C GLY A 7 -24.32 3.90 1.08
N GLN A 8 -23.62 5.01 1.32
CA GLN A 8 -22.43 5.42 0.55
C GLN A 8 -21.19 4.56 0.85
N LYS A 9 -21.08 4.02 2.08
CA LYS A 9 -20.01 3.12 2.56
C LYS A 9 -18.59 3.71 2.39
N GLY A 10 -18.47 5.02 2.60
CA GLY A 10 -17.21 5.79 2.45
C GLY A 10 -16.19 5.58 3.59
N ARG A 11 -14.97 6.10 3.39
CA ARG A 11 -13.87 6.07 4.36
C ARG A 11 -14.18 6.92 5.61
N VAL A 12 -13.89 6.40 6.80
CA VAL A 12 -14.08 7.07 8.10
C VAL A 12 -12.86 6.78 9.00
N GLU A 13 -11.68 7.08 8.46
CA GLU A 13 -10.34 6.87 9.06
C GLU A 13 -10.01 5.38 9.38
N THR A 14 -10.77 4.47 8.77
CA THR A 14 -10.81 3.02 8.97
C THR A 14 -9.83 2.34 8.01
N ARG A 15 -9.38 1.13 8.40
CA ARG A 15 -8.61 0.16 7.60
C ARG A 15 -7.41 0.79 6.86
N ARG A 16 -6.42 1.18 7.67
CA ARG A 16 -5.25 2.02 7.35
C ARG A 16 -4.17 1.24 6.58
N VAL A 17 -4.55 0.68 5.44
CA VAL A 17 -3.74 -0.26 4.64
C VAL A 17 -3.41 0.28 3.25
N VAL A 18 -2.13 0.47 2.97
CA VAL A 18 -1.61 0.85 1.64
C VAL A 18 -1.51 -0.38 0.73
N HIS A 19 -2.21 -0.35 -0.39
CA HIS A 19 -2.16 -1.33 -1.47
C HIS A 19 -1.10 -0.94 -2.51
N ILE A 20 -0.26 -1.88 -2.94
CA ILE A 20 0.81 -1.69 -3.93
C ILE A 20 0.70 -2.80 -4.98
N MET A 21 0.82 -2.42 -6.26
CA MET A 21 0.62 -3.30 -7.43
C MET A 21 1.67 -3.08 -8.51
N ASP A 22 1.76 -4.00 -9.48
CA ASP A 22 2.56 -3.89 -10.70
C ASP A 22 4.10 -3.98 -10.56
N PHE A 23 4.60 -4.36 -9.37
CA PHE A 23 6.02 -4.45 -9.08
C PHE A 23 6.85 -5.52 -9.80
N GLN A 24 8.15 -5.27 -9.98
CA GLN A 24 9.12 -6.29 -10.38
C GLN A 24 9.60 -7.04 -9.13
N ARG A 25 9.95 -8.32 -9.26
CA ARG A 25 10.42 -9.16 -8.14
C ARG A 25 11.95 -9.25 -8.03
N GLY A 26 12.43 -9.56 -6.82
CA GLY A 26 13.85 -9.72 -6.48
C GLY A 26 14.07 -10.01 -4.99
N LYS A 27 15.32 -10.23 -4.57
CA LYS A 27 15.69 -10.65 -3.21
C LYS A 27 15.16 -9.71 -2.11
N ASN A 28 15.27 -8.39 -2.34
CA ASN A 28 14.90 -7.33 -1.40
C ASN A 28 13.47 -6.77 -1.63
N LEU A 29 12.57 -7.52 -2.28
CA LEU A 29 11.24 -7.04 -2.67
C LEU A 29 10.41 -6.48 -1.51
N ARG A 30 10.34 -7.18 -0.38
CA ARG A 30 9.64 -6.71 0.83
C ARG A 30 10.18 -5.37 1.31
N TYR A 31 11.51 -5.21 1.33
CA TYR A 31 12.17 -3.93 1.60
C TYR A 31 11.84 -2.79 0.65
N GLN A 32 11.85 -3.06 -0.66
CA GLN A 32 11.51 -2.10 -1.70
C GLN A 32 10.06 -1.59 -1.56
N LEU A 33 9.12 -2.50 -1.26
CA LEU A 33 7.71 -2.17 -1.03
C LEU A 33 7.50 -1.42 0.30
N LEU A 34 8.18 -1.82 1.39
CA LEU A 34 8.18 -1.10 2.66
C LEU A 34 8.69 0.35 2.51
N GLN A 35 9.75 0.58 1.71
CA GLN A 35 10.29 1.93 1.48
C GLN A 35 9.32 2.93 0.81
N LEU A 36 8.19 2.47 0.26
CA LEU A 36 7.13 3.36 -0.23
C LEU A 36 6.28 3.97 0.91
N VAL A 37 6.39 3.47 2.14
CA VAL A 37 5.58 3.90 3.30
C VAL A 37 6.36 4.05 4.61
N GLU A 38 7.56 3.47 4.73
CA GLU A 38 8.54 3.69 5.83
C GLU A 38 8.84 5.18 6.14
N PRO A 39 9.17 6.05 5.17
CA PRO A 39 9.39 7.48 5.44
C PRO A 39 8.09 8.22 5.81
N PHE A 40 6.92 7.65 5.51
CA PHE A 40 5.61 8.23 5.76
C PHE A 40 5.02 8.05 7.16
N GLY A 41 5.56 7.11 7.94
CA GLY A 41 5.12 6.85 9.31
C GLY A 41 5.43 5.46 9.82
N VAL A 42 4.71 5.06 10.86
CA VAL A 42 4.92 3.81 11.60
C VAL A 42 4.29 2.61 10.87
N ILE A 43 5.13 1.65 10.45
CA ILE A 43 4.69 0.35 9.94
C ILE A 43 4.05 -0.45 11.10
N SER A 44 2.81 -0.87 10.92
CA SER A 44 2.10 -1.78 11.85
C SER A 44 2.14 -3.24 11.40
N ASN A 45 2.00 -3.52 10.09
CA ASN A 45 2.11 -4.88 9.53
C ASN A 45 2.37 -4.86 8.01
N HIS A 46 2.80 -5.98 7.42
CA HIS A 46 3.01 -6.17 5.98
C HIS A 46 2.51 -7.53 5.48
N LEU A 47 2.17 -7.61 4.19
CA LEU A 47 1.77 -8.82 3.46
C LEU A 47 2.13 -8.68 1.97
N ILE A 48 2.94 -9.59 1.45
CA ILE A 48 3.35 -9.63 0.02
C ILE A 48 2.76 -10.89 -0.62
N LEU A 49 1.97 -10.76 -1.70
CA LEU A 49 1.31 -11.88 -2.38
C LEU A 49 2.31 -12.65 -3.26
N ASN A 50 2.13 -13.97 -3.37
CA ASN A 50 2.95 -14.89 -4.17
C ASN A 50 2.39 -15.14 -5.59
N LYS A 51 1.09 -15.43 -5.70
CA LYS A 51 0.42 -15.80 -6.96
C LYS A 51 0.30 -14.64 -7.96
N ILE A 52 0.10 -13.43 -7.45
CA ILE A 52 -0.03 -12.16 -8.18
C ILE A 52 0.86 -11.08 -7.54
N ASN A 53 1.26 -10.09 -8.33
CA ASN A 53 2.13 -8.99 -7.90
C ASN A 53 1.32 -7.89 -7.19
N GLU A 54 0.80 -8.25 -6.02
CA GLU A 54 0.06 -7.40 -5.08
C GLU A 54 0.75 -7.39 -3.71
N ALA A 55 0.63 -6.29 -2.96
CA ALA A 55 1.14 -6.18 -1.60
C ALA A 55 0.31 -5.20 -0.77
N PHE A 56 0.22 -5.46 0.53
CA PHE A 56 -0.54 -4.71 1.51
C PHE A 56 0.31 -4.35 2.73
N ILE A 57 0.36 -3.07 3.10
CA ILE A 57 1.14 -2.59 4.25
C ILE A 57 0.25 -1.73 5.15
N GLU A 58 0.06 -2.17 6.39
CA GLU A 58 -0.80 -1.52 7.38
C GLU A 58 0.03 -0.52 8.21
N MET A 59 -0.49 0.70 8.35
CA MET A 59 0.11 1.77 9.16
C MET A 59 -0.59 1.90 10.52
N ALA A 60 0.11 2.44 11.52
CA ALA A 60 -0.47 2.72 12.83
C ALA A 60 -1.58 3.79 12.77
N THR A 61 -1.43 4.78 11.88
CA THR A 61 -2.39 5.88 11.66
C THR A 61 -2.92 6.01 10.24
N THR A 62 -4.15 6.54 10.10
CA THR A 62 -4.70 6.94 8.80
C THR A 62 -3.91 8.05 8.12
N GLU A 63 -3.36 9.01 8.86
CA GLU A 63 -2.55 10.08 8.30
C GLU A 63 -1.23 9.55 7.71
N ASP A 64 -0.65 8.53 8.34
CA ASP A 64 0.56 7.83 7.86
C ASP A 64 0.33 7.07 6.54
N ALA A 65 -0.82 6.39 6.42
CA ALA A 65 -1.25 5.70 5.20
C ALA A 65 -1.65 6.70 4.09
N GLN A 66 -2.42 7.74 4.45
CA GLN A 66 -2.90 8.76 3.51
C GLN A 66 -1.75 9.60 2.94
N ALA A 67 -0.75 9.95 3.75
CA ALA A 67 0.41 10.75 3.31
C ALA A 67 1.24 10.01 2.23
N ALA A 68 1.43 8.70 2.38
CA ALA A 68 2.14 7.88 1.40
C ALA A 68 1.42 7.87 0.03
N VAL A 69 0.10 7.61 0.03
CA VAL A 69 -0.69 7.56 -1.20
C VAL A 69 -0.88 8.95 -1.82
N ASP A 70 -1.08 10.00 -1.01
CA ASP A 70 -1.16 11.38 -1.49
C ASP A 70 0.10 11.86 -2.23
N TYR A 71 1.27 11.40 -1.78
CA TYR A 71 2.54 11.61 -2.48
C TYR A 71 2.71 10.71 -3.73
N TYR A 72 2.42 9.40 -3.60
CA TYR A 72 2.61 8.41 -4.67
C TYR A 72 1.53 8.29 -5.77
N THR A 73 0.38 8.97 -5.60
CA THR A 73 -0.62 9.14 -6.66
C THR A 73 -0.20 10.17 -7.72
N THR A 74 0.56 11.20 -7.30
CA THR A 74 1.17 12.21 -8.19
C THR A 74 2.63 11.95 -8.60
N THR A 75 3.48 11.57 -7.63
CA THR A 75 4.86 11.11 -7.84
C THR A 75 4.97 9.66 -8.32
N PRO A 76 5.78 9.33 -9.34
CA PRO A 76 5.95 7.94 -9.79
C PRO A 76 6.61 7.07 -8.70
N ALA A 77 5.88 6.09 -8.19
CA ALA A 77 6.40 5.04 -7.30
C ALA A 77 7.25 4.04 -8.11
N LEU A 78 8.39 3.60 -7.56
CA LEU A 78 9.32 2.67 -8.20
C LEU A 78 9.69 1.49 -7.29
N VAL A 79 9.88 0.30 -7.87
CA VAL A 79 10.46 -0.90 -7.24
C VAL A 79 11.47 -1.49 -8.23
N PHE A 80 12.69 -1.77 -7.76
CA PHE A 80 13.81 -2.23 -8.60
C PHE A 80 14.19 -1.34 -9.80
N GLY A 81 13.86 -0.04 -9.71
CA GLY A 81 14.02 0.94 -10.79
C GLY A 81 12.90 0.94 -11.85
N LYS A 82 11.81 0.18 -11.64
CA LYS A 82 10.65 0.09 -12.55
C LYS A 82 9.34 0.57 -11.88
N PRO A 83 8.41 1.18 -12.63
CA PRO A 83 7.24 1.84 -12.06
C PRO A 83 6.18 0.89 -11.48
N VAL A 84 5.50 1.35 -10.43
CA VAL A 84 4.46 0.64 -9.66
C VAL A 84 3.24 1.51 -9.34
N ARG A 85 2.15 0.90 -8.85
CA ARG A 85 0.91 1.59 -8.46
C ARG A 85 0.70 1.55 -6.95
N VAL A 86 0.21 2.64 -6.35
CA VAL A 86 0.10 2.84 -4.89
C VAL A 86 -1.22 3.52 -4.52
N HIS A 87 -2.05 2.85 -3.71
CA HIS A 87 -3.43 3.23 -3.36
C HIS A 87 -3.77 2.84 -1.91
N LEU A 88 -4.93 3.25 -1.38
CA LEU A 88 -5.46 2.73 -0.10
C LEU A 88 -6.44 1.57 -0.35
N SER A 89 -6.23 0.45 0.33
CA SER A 89 -7.18 -0.67 0.36
C SER A 89 -8.40 -0.34 1.22
N GLN A 90 -9.58 -0.79 0.80
CA GLN A 90 -10.80 -0.78 1.61
C GLN A 90 -11.18 -2.19 2.10
N LYS A 91 -10.44 -3.23 1.69
CA LYS A 91 -10.76 -4.66 1.90
C LYS A 91 -10.21 -5.20 3.23
N TYR A 92 -8.93 -4.94 3.52
CA TYR A 92 -8.23 -5.55 4.65
C TYR A 92 -8.70 -5.20 6.07
N LYS A 93 -9.39 -6.15 6.73
CA LYS A 93 -9.87 -6.09 8.13
C LYS A 93 -8.70 -6.30 9.12
N ARG A 94 -7.64 -5.49 8.95
CA ARG A 94 -6.28 -5.63 9.51
C ARG A 94 -5.54 -6.85 8.93
N ILE A 95 -4.24 -6.74 8.72
CA ILE A 95 -3.41 -7.81 8.13
C ILE A 95 -3.20 -8.94 9.13
N LYS A 96 -3.25 -10.20 8.66
CA LYS A 96 -3.02 -11.43 9.42
C LYS A 96 -2.13 -12.37 8.58
N SER A 97 -0.96 -12.72 9.10
CA SER A 97 0.09 -13.48 8.39
C SER A 97 -0.29 -14.93 8.06
N GLY A 98 0.33 -15.49 7.02
CA GLY A 98 0.05 -16.85 6.53
C GLY A 98 -1.32 -17.01 5.84
N PRO A 99 -1.78 -18.25 5.61
CA PRO A 99 -3.07 -18.54 4.96
C PRO A 99 -4.29 -17.99 5.68
N SER A 100 -5.37 -17.74 4.94
CA SER A 100 -6.69 -17.38 5.48
C SER A 100 -7.47 -18.58 6.07
N SER A 101 -7.12 -19.81 5.67
CA SER A 101 -7.68 -21.07 6.17
C SER A 101 -7.20 -21.43 7.58
N GLY A 102 -7.94 -22.32 8.25
CA GLY A 102 -7.66 -22.81 9.62
C GLY A 102 -8.60 -23.95 10.05
N GLY A 1 -6.90 -0.98 -14.43
CA GLY A 1 -6.76 -0.66 -15.86
C GLY A 1 -5.76 0.47 -16.06
N SER A 2 -6.17 1.53 -16.77
CA SER A 2 -5.40 2.79 -16.91
C SER A 2 -5.29 3.58 -15.59
N SER A 3 -6.17 3.30 -14.63
CA SER A 3 -6.14 3.79 -13.25
C SER A 3 -6.64 2.68 -12.28
N GLY A 4 -6.70 2.98 -10.99
CA GLY A 4 -7.32 2.12 -9.97
C GLY A 4 -8.86 2.05 -10.02
N SER A 5 -9.50 2.80 -10.93
CA SER A 5 -10.96 2.95 -11.14
C SER A 5 -11.74 3.60 -9.98
N SER A 6 -11.60 3.10 -8.75
CA SER A 6 -12.21 3.68 -7.54
C SER A 6 -11.54 4.99 -7.09
N GLY A 7 -12.30 5.84 -6.38
CA GLY A 7 -11.83 7.11 -5.83
C GLY A 7 -12.97 8.01 -5.32
N GLN A 8 -12.61 9.05 -4.55
CA GLN A 8 -13.52 10.07 -4.00
C GLN A 8 -12.78 11.40 -3.77
N LYS A 9 -13.46 12.54 -3.95
CA LYS A 9 -12.89 13.88 -3.79
C LYS A 9 -12.49 14.20 -2.34
N GLY A 10 -13.39 13.94 -1.40
CA GLY A 10 -13.11 13.97 0.04
C GLY A 10 -12.36 12.71 0.49
N ARG A 11 -11.21 12.87 1.15
CA ARG A 11 -10.40 11.75 1.65
C ARG A 11 -11.00 11.17 2.93
N VAL A 12 -11.27 9.85 2.93
CA VAL A 12 -11.86 9.15 4.09
C VAL A 12 -10.88 8.94 5.25
N GLU A 13 -11.33 9.15 6.48
CA GLU A 13 -10.55 9.00 7.72
C GLU A 13 -10.80 7.61 8.36
N THR A 14 -10.73 6.57 7.53
CA THR A 14 -10.87 5.16 7.94
C THR A 14 -9.95 4.19 7.20
N ARG A 15 -9.57 3.09 7.86
CA ARG A 15 -8.52 2.13 7.46
C ARG A 15 -7.12 2.76 7.33
N ARG A 16 -6.10 1.89 7.34
CA ARG A 16 -4.67 2.26 7.46
C ARG A 16 -3.82 1.45 6.47
N VAL A 17 -4.41 1.01 5.37
CA VAL A 17 -3.84 0.04 4.42
C VAL A 17 -3.37 0.66 3.11
N VAL A 18 -2.05 0.65 2.87
CA VAL A 18 -1.46 1.00 1.57
C VAL A 18 -1.39 -0.23 0.68
N HIS A 19 -2.12 -0.20 -0.44
CA HIS A 19 -2.13 -1.20 -1.50
C HIS A 19 -1.12 -0.83 -2.59
N ILE A 20 -0.26 -1.77 -2.98
CA ILE A 20 0.80 -1.60 -3.98
C ILE A 20 0.68 -2.71 -5.04
N MET A 21 0.77 -2.35 -6.32
CA MET A 21 0.55 -3.25 -7.47
C MET A 21 1.59 -3.08 -8.57
N ASP A 22 1.70 -4.09 -9.44
CA ASP A 22 2.51 -4.05 -10.68
C ASP A 22 4.05 -4.13 -10.55
N PHE A 23 4.55 -4.49 -9.38
CA PHE A 23 5.99 -4.60 -9.09
C PHE A 23 6.78 -5.72 -9.78
N GLN A 24 8.09 -5.48 -9.97
CA GLN A 24 9.07 -6.52 -10.33
C GLN A 24 9.57 -7.20 -9.05
N ARG A 25 10.03 -8.46 -9.13
CA ARG A 25 10.51 -9.25 -7.98
C ARG A 25 12.05 -9.31 -7.87
N GLY A 26 12.54 -9.59 -6.67
CA GLY A 26 13.95 -9.73 -6.31
C GLY A 26 14.14 -9.98 -4.81
N LYS A 27 15.39 -10.27 -4.38
CA LYS A 27 15.70 -10.70 -3.00
C LYS A 27 15.32 -9.68 -1.90
N ASN A 28 15.30 -8.39 -2.23
CA ASN A 28 14.93 -7.28 -1.33
C ASN A 28 13.49 -6.74 -1.55
N LEU A 29 12.60 -7.50 -2.20
CA LEU A 29 11.26 -7.02 -2.59
C LEU A 29 10.43 -6.45 -1.43
N ARG A 30 10.39 -7.13 -0.28
CA ARG A 30 9.70 -6.64 0.92
C ARG A 30 10.23 -5.27 1.36
N TYR A 31 11.55 -5.10 1.38
CA TYR A 31 12.20 -3.81 1.60
C TYR A 31 11.83 -2.70 0.60
N GLN A 32 11.88 -3.02 -0.69
CA GLN A 32 11.50 -2.09 -1.77
C GLN A 32 10.07 -1.58 -1.63
N LEU A 33 9.13 -2.45 -1.27
CA LEU A 33 7.72 -2.10 -1.05
C LEU A 33 7.52 -1.33 0.27
N LEU A 34 8.20 -1.72 1.35
CA LEU A 34 8.19 -0.99 2.63
C LEU A 34 8.71 0.43 2.48
N GLN A 35 9.76 0.66 1.69
CA GLN A 35 10.33 2.00 1.45
C GLN A 35 9.37 3.01 0.78
N LEU A 36 8.23 2.57 0.24
CA LEU A 36 7.17 3.46 -0.26
C LEU A 36 6.33 4.08 0.88
N VAL A 37 6.44 3.56 2.11
CA VAL A 37 5.61 3.95 3.27
C VAL A 37 6.37 4.12 4.59
N GLU A 38 7.58 3.56 4.72
CA GLU A 38 8.54 3.80 5.82
C GLU A 38 8.79 5.28 6.17
N PRO A 39 9.08 6.18 5.19
CA PRO A 39 9.23 7.62 5.48
C PRO A 39 7.91 8.31 5.88
N PHE A 40 6.76 7.69 5.58
CA PHE A 40 5.42 8.23 5.84
C PHE A 40 4.80 7.97 7.21
N GLY A 41 5.39 7.03 7.97
CA GLY A 41 4.92 6.66 9.30
C GLY A 41 5.43 5.31 9.78
N VAL A 42 4.92 4.89 10.93
CA VAL A 42 5.24 3.61 11.57
C VAL A 42 4.56 2.45 10.85
N ILE A 43 5.36 1.49 10.40
CA ILE A 43 4.90 0.19 9.88
C ILE A 43 4.29 -0.61 11.02
N SER A 44 3.02 -0.98 10.91
CA SER A 44 2.34 -1.89 11.84
C SER A 44 2.41 -3.36 11.38
N ASN A 45 2.17 -3.64 10.09
CA ASN A 45 2.29 -4.98 9.47
C ASN A 45 2.50 -4.92 7.94
N HIS A 46 2.95 -6.01 7.32
CA HIS A 46 3.13 -6.16 5.87
C HIS A 46 2.58 -7.51 5.35
N LEU A 47 2.15 -7.54 4.08
CA LEU A 47 1.69 -8.73 3.35
C LEU A 47 2.05 -8.60 1.87
N ILE A 48 2.86 -9.52 1.33
CA ILE A 48 3.24 -9.57 -0.08
C ILE A 48 2.64 -10.83 -0.72
N LEU A 49 1.86 -10.69 -1.80
CA LEU A 49 1.21 -11.81 -2.49
C LEU A 49 2.24 -12.58 -3.35
N ASN A 50 2.14 -13.91 -3.36
CA ASN A 50 3.02 -14.80 -4.13
C ASN A 50 2.54 -15.06 -5.57
N LYS A 51 1.22 -15.30 -5.76
CA LYS A 51 0.62 -15.66 -7.05
C LYS A 51 0.62 -14.50 -8.07
N ILE A 52 0.39 -13.28 -7.58
CA ILE A 52 0.32 -12.03 -8.35
C ILE A 52 1.16 -10.95 -7.65
N ASN A 53 1.62 -9.95 -8.40
CA ASN A 53 2.37 -8.79 -7.89
C ASN A 53 1.45 -7.74 -7.24
N GLU A 54 0.88 -8.13 -6.09
CA GLU A 54 0.08 -7.31 -5.18
C GLU A 54 0.68 -7.31 -3.77
N ALA A 55 0.56 -6.21 -3.04
CA ALA A 55 1.03 -6.10 -1.65
C ALA A 55 0.19 -5.12 -0.83
N PHE A 56 0.05 -5.41 0.45
CA PHE A 56 -0.67 -4.61 1.44
C PHE A 56 0.21 -4.29 2.64
N ILE A 57 0.29 -3.03 3.04
CA ILE A 57 1.07 -2.58 4.20
C ILE A 57 0.17 -1.78 5.14
N GLU A 58 0.07 -2.24 6.38
CA GLU A 58 -0.72 -1.62 7.44
C GLU A 58 0.14 -0.63 8.22
N MET A 59 -0.33 0.62 8.34
CA MET A 59 0.30 1.69 9.11
C MET A 59 -0.30 1.81 10.51
N ALA A 60 0.44 2.39 11.46
CA ALA A 60 -0.06 2.65 12.80
C ALA A 60 -1.22 3.68 12.86
N THR A 61 -1.33 4.54 11.85
CA THR A 61 -2.43 5.53 11.68
C THR A 61 -3.03 5.62 10.28
N THR A 62 -4.29 6.07 10.18
CA THR A 62 -4.90 6.42 8.89
C THR A 62 -4.19 7.57 8.19
N GLU A 63 -3.75 8.60 8.92
CA GLU A 63 -3.01 9.73 8.35
C GLU A 63 -1.65 9.31 7.77
N ASP A 64 -0.98 8.34 8.38
CA ASP A 64 0.27 7.75 7.89
C ASP A 64 0.11 6.97 6.57
N ALA A 65 -0.98 6.22 6.43
CA ALA A 65 -1.35 5.53 5.20
C ALA A 65 -1.80 6.54 4.12
N GLN A 66 -2.61 7.52 4.49
CA GLN A 66 -3.08 8.58 3.57
C GLN A 66 -1.93 9.41 3.01
N ALA A 67 -0.95 9.78 3.84
CA ALA A 67 0.21 10.59 3.43
C ALA A 67 1.07 9.89 2.36
N ALA A 68 1.29 8.57 2.50
CA ALA A 68 2.03 7.77 1.52
C ALA A 68 1.33 7.75 0.15
N VAL A 69 0.02 7.49 0.12
CA VAL A 69 -0.76 7.44 -1.12
C VAL A 69 -0.94 8.84 -1.74
N ASP A 70 -1.17 9.88 -0.93
CA ASP A 70 -1.26 11.26 -1.41
C ASP A 70 0.00 11.75 -2.15
N TYR A 71 1.18 11.29 -1.70
CA TYR A 71 2.44 11.52 -2.39
C TYR A 71 2.64 10.60 -3.62
N TYR A 72 2.38 9.29 -3.49
CA TYR A 72 2.60 8.29 -4.55
C TYR A 72 1.53 8.13 -5.64
N THR A 73 0.37 8.79 -5.49
CA THR A 73 -0.63 8.94 -6.55
C THR A 73 -0.24 9.95 -7.63
N THR A 74 0.50 10.99 -7.23
CA THR A 74 1.10 12.01 -8.13
C THR A 74 2.57 11.76 -8.52
N THR A 75 3.42 11.41 -7.55
CA THR A 75 4.82 10.99 -7.76
C THR A 75 4.95 9.54 -8.24
N PRO A 76 5.77 9.24 -9.27
CA PRO A 76 5.96 7.86 -9.74
C PRO A 76 6.63 6.98 -8.67
N ALA A 77 5.90 6.00 -8.16
CA ALA A 77 6.45 4.95 -7.29
C ALA A 77 7.28 3.95 -8.11
N LEU A 78 8.43 3.51 -7.59
CA LEU A 78 9.34 2.57 -8.23
C LEU A 78 9.71 1.39 -7.32
N VAL A 79 9.86 0.19 -7.91
CA VAL A 79 10.42 -1.02 -7.29
C VAL A 79 11.42 -1.63 -8.28
N PHE A 80 12.64 -1.91 -7.82
CA PHE A 80 13.75 -2.39 -8.65
C PHE A 80 14.12 -1.53 -9.88
N GLY A 81 13.86 -0.22 -9.77
CA GLY A 81 14.02 0.76 -10.87
C GLY A 81 12.90 0.74 -11.93
N LYS A 82 11.78 0.03 -11.69
CA LYS A 82 10.61 -0.07 -12.58
C LYS A 82 9.33 0.47 -11.92
N PRO A 83 8.41 1.08 -12.67
CA PRO A 83 7.25 1.77 -12.11
C PRO A 83 6.17 0.84 -11.55
N VAL A 84 5.50 1.31 -10.48
CA VAL A 84 4.44 0.61 -9.73
C VAL A 84 3.25 1.53 -9.40
N ARG A 85 2.14 0.96 -8.91
CA ARG A 85 0.92 1.70 -8.53
C ARG A 85 0.69 1.65 -7.02
N VAL A 86 0.19 2.74 -6.43
CA VAL A 86 0.03 2.91 -4.97
C VAL A 86 -1.30 3.58 -4.65
N HIS A 87 -2.13 2.91 -3.83
CA HIS A 87 -3.51 3.30 -3.49
C HIS A 87 -3.85 2.92 -2.03
N LEU A 88 -5.01 3.33 -1.50
CA LEU A 88 -5.53 2.82 -0.21
C LEU A 88 -6.46 1.61 -0.42
N SER A 89 -6.59 0.76 0.61
CA SER A 89 -7.54 -0.37 0.65
C SER A 89 -8.39 -0.40 1.93
N GLN A 90 -9.65 -0.82 1.78
CA GLN A 90 -10.57 -1.06 2.90
C GLN A 90 -10.52 -2.49 3.46
N LYS A 91 -10.00 -3.47 2.69
CA LYS A 91 -10.08 -4.91 3.01
C LYS A 91 -9.17 -5.31 4.18
N TYR A 92 -7.86 -5.11 4.02
CA TYR A 92 -6.81 -5.59 4.93
C TYR A 92 -6.58 -4.80 6.23
N LYS A 93 -7.68 -4.38 6.88
CA LYS A 93 -7.71 -3.41 8.01
C LYS A 93 -6.81 -3.77 9.21
N ARG A 94 -6.46 -5.05 9.38
CA ARG A 94 -5.43 -5.56 10.29
C ARG A 94 -4.82 -6.83 9.67
N ILE A 95 -3.51 -6.84 9.43
CA ILE A 95 -2.81 -7.88 8.66
C ILE A 95 -2.19 -8.96 9.57
N LYS A 96 -2.27 -10.23 9.15
CA LYS A 96 -1.72 -11.43 9.80
C LYS A 96 -2.26 -11.74 11.22
N SER A 97 -2.08 -12.99 11.65
CA SER A 97 -2.41 -13.49 12.99
C SER A 97 -1.35 -13.19 14.07
N GLY A 98 -0.17 -12.69 13.68
CA GLY A 98 0.99 -12.44 14.56
C GLY A 98 1.87 -13.68 14.80
N PRO A 99 3.02 -13.52 15.48
CA PRO A 99 3.96 -14.61 15.76
C PRO A 99 3.42 -15.64 16.74
N SER A 100 3.88 -16.90 16.63
CA SER A 100 3.50 -18.01 17.53
C SER A 100 3.96 -17.82 18.98
N SER A 101 4.95 -16.95 19.22
CA SER A 101 5.42 -16.55 20.56
C SER A 101 4.42 -15.69 21.34
N GLY A 102 3.43 -15.09 20.66
CA GLY A 102 2.42 -14.18 21.25
C GLY A 102 3.01 -12.87 21.80
N GLY A 1 -15.52 2.58 -9.89
CA GLY A 1 -15.03 1.40 -10.66
C GLY A 1 -13.80 1.74 -11.48
N SER A 2 -13.47 0.89 -12.45
CA SER A 2 -12.26 1.01 -13.30
C SER A 2 -12.32 2.11 -14.39
N SER A 3 -13.51 2.63 -14.68
CA SER A 3 -13.75 3.71 -15.66
C SER A 3 -13.23 5.08 -15.20
N GLY A 4 -13.14 6.04 -16.14
CA GLY A 4 -12.71 7.41 -15.88
C GLY A 4 -13.74 8.31 -15.17
N SER A 5 -14.97 7.82 -14.95
CA SER A 5 -16.04 8.55 -14.26
C SER A 5 -15.74 8.72 -12.75
N SER A 6 -16.16 9.85 -12.16
CA SER A 6 -15.94 10.15 -10.74
C SER A 6 -16.77 9.24 -9.83
N GLY A 7 -16.11 8.49 -8.93
CA GLY A 7 -16.71 7.53 -8.01
C GLY A 7 -17.25 8.14 -6.70
N GLN A 8 -17.66 7.26 -5.78
CA GLN A 8 -18.05 7.64 -4.42
C GLN A 8 -16.86 8.25 -3.63
N LYS A 9 -17.16 9.22 -2.76
CA LYS A 9 -16.19 10.08 -2.06
C LYS A 9 -16.64 10.45 -0.64
N GLY A 10 -15.75 11.09 0.13
CA GLY A 10 -15.98 11.44 1.53
C GLY A 10 -15.78 10.27 2.50
N ARG A 11 -14.65 9.54 2.34
CA ARG A 11 -14.25 8.40 3.19
C ARG A 11 -14.25 8.75 4.69
N VAL A 12 -14.81 7.87 5.51
CA VAL A 12 -14.98 7.99 6.97
C VAL A 12 -13.68 7.74 7.78
N GLU A 13 -12.53 8.08 7.21
CA GLU A 13 -11.16 7.87 7.75
C GLU A 13 -10.75 6.41 8.07
N THR A 14 -11.61 5.44 7.75
CA THR A 14 -11.44 4.00 8.04
C THR A 14 -10.47 3.25 7.12
N ARG A 15 -9.88 2.17 7.65
CA ARG A 15 -8.77 1.36 7.11
C ARG A 15 -7.47 2.15 6.91
N ARG A 16 -6.34 1.52 7.22
CA ARG A 16 -5.00 2.15 7.30
C ARG A 16 -3.97 1.40 6.46
N VAL A 17 -4.43 0.71 5.42
CA VAL A 17 -3.64 -0.19 4.56
C VAL A 17 -3.36 0.45 3.20
N VAL A 18 -2.08 0.59 2.87
CA VAL A 18 -1.59 0.97 1.53
C VAL A 18 -1.52 -0.28 0.63
N HIS A 19 -2.25 -0.25 -0.47
CA HIS A 19 -2.22 -1.26 -1.54
C HIS A 19 -1.21 -0.85 -2.62
N ILE A 20 -0.29 -1.75 -2.96
CA ILE A 20 0.76 -1.56 -3.97
C ILE A 20 0.69 -2.69 -5.01
N MET A 21 0.80 -2.35 -6.30
CA MET A 21 0.64 -3.28 -7.42
C MET A 21 1.67 -3.06 -8.53
N ASP A 22 1.79 -4.02 -9.46
CA ASP A 22 2.61 -3.95 -10.69
C ASP A 22 4.15 -4.10 -10.54
N PHE A 23 4.63 -4.43 -9.34
CA PHE A 23 6.06 -4.53 -9.03
C PHE A 23 6.89 -5.63 -9.71
N GLN A 24 8.17 -5.35 -9.98
CA GLN A 24 9.17 -6.35 -10.35
C GLN A 24 9.65 -7.10 -9.10
N ARG A 25 10.11 -8.35 -9.24
CA ARG A 25 10.58 -9.20 -8.12
C ARG A 25 12.09 -9.34 -8.02
N GLY A 26 12.58 -9.64 -6.81
CA GLY A 26 14.00 -9.80 -6.46
C GLY A 26 14.19 -10.09 -4.97
N LYS A 27 15.42 -10.40 -4.52
CA LYS A 27 15.70 -10.87 -3.15
C LYS A 27 15.34 -9.85 -2.05
N ASN A 28 15.40 -8.56 -2.36
CA ASN A 28 15.06 -7.44 -1.46
C ASN A 28 13.61 -6.95 -1.59
N LEU A 29 12.69 -7.70 -2.22
CA LEU A 29 11.35 -7.22 -2.57
C LEU A 29 10.57 -6.66 -1.37
N ARG A 30 10.56 -7.38 -0.24
CA ARG A 30 9.91 -6.94 1.02
C ARG A 30 10.39 -5.54 1.45
N TYR A 31 11.71 -5.31 1.40
CA TYR A 31 12.31 -4.00 1.63
C TYR A 31 11.91 -2.89 0.65
N GLN A 32 11.88 -3.21 -0.64
CA GLN A 32 11.48 -2.28 -1.70
C GLN A 32 10.02 -1.80 -1.53
N LEU A 33 9.07 -2.70 -1.25
CA LEU A 33 7.69 -2.34 -0.94
C LEU A 33 7.59 -1.51 0.35
N LEU A 34 8.29 -1.90 1.42
CA LEU A 34 8.31 -1.16 2.69
C LEU A 34 8.79 0.30 2.51
N GLN A 35 9.83 0.53 1.70
CA GLN A 35 10.37 1.88 1.47
C GLN A 35 9.40 2.87 0.79
N LEU A 36 8.26 2.41 0.25
CA LEU A 36 7.21 3.28 -0.27
C LEU A 36 6.35 3.92 0.84
N VAL A 37 6.45 3.43 2.09
CA VAL A 37 5.64 3.89 3.23
C VAL A 37 6.42 4.07 4.56
N GLU A 38 7.60 3.47 4.70
CA GLU A 38 8.56 3.71 5.80
C GLU A 38 8.84 5.20 6.11
N PRO A 39 9.16 6.07 5.13
CA PRO A 39 9.35 7.50 5.40
C PRO A 39 8.04 8.24 5.76
N PHE A 40 6.88 7.65 5.47
CA PHE A 40 5.56 8.24 5.70
C PHE A 40 4.93 8.05 7.09
N GLY A 41 5.49 7.12 7.88
CA GLY A 41 5.02 6.85 9.22
C GLY A 41 5.42 5.48 9.78
N VAL A 42 4.73 5.08 10.84
CA VAL A 42 4.96 3.81 11.57
C VAL A 42 4.32 2.62 10.83
N ILE A 43 5.13 1.64 10.43
CA ILE A 43 4.67 0.35 9.91
C ILE A 43 3.99 -0.44 11.04
N SER A 44 2.72 -0.80 10.86
CA SER A 44 1.99 -1.75 11.72
C SER A 44 2.28 -3.20 11.29
N ASN A 45 2.13 -3.48 9.99
CA ASN A 45 2.27 -4.83 9.42
C ASN A 45 2.50 -4.75 7.89
N HIS A 46 3.04 -5.82 7.29
CA HIS A 46 3.22 -5.96 5.83
C HIS A 46 2.81 -7.35 5.33
N LEU A 47 2.43 -7.45 4.06
CA LEU A 47 2.01 -8.67 3.36
C LEU A 47 2.31 -8.54 1.86
N ILE A 48 3.17 -9.41 1.32
CA ILE A 48 3.52 -9.48 -0.11
C ILE A 48 2.93 -10.77 -0.70
N LEU A 49 2.08 -10.68 -1.72
CA LEU A 49 1.42 -11.86 -2.32
C LEU A 49 2.39 -12.63 -3.23
N ASN A 50 2.24 -13.96 -3.28
CA ASN A 50 3.04 -14.87 -4.10
C ASN A 50 2.44 -15.13 -5.50
N LYS A 51 1.12 -15.39 -5.58
CA LYS A 51 0.40 -15.76 -6.81
C LYS A 51 0.26 -14.61 -7.82
N ILE A 52 0.09 -13.38 -7.31
CA ILE A 52 -0.11 -12.14 -8.07
C ILE A 52 0.78 -11.03 -7.50
N ASN A 53 1.07 -10.01 -8.32
CA ASN A 53 1.85 -8.82 -7.93
C ASN A 53 0.99 -7.80 -7.16
N GLU A 54 0.46 -8.24 -6.02
CA GLU A 54 -0.21 -7.42 -5.00
C GLU A 54 0.63 -7.35 -3.71
N ALA A 55 0.63 -6.22 -3.03
CA ALA A 55 1.24 -6.04 -1.73
C ALA A 55 0.41 -5.07 -0.88
N PHE A 56 0.37 -5.34 0.42
CA PHE A 56 -0.39 -4.60 1.42
C PHE A 56 0.51 -4.22 2.59
N ILE A 57 0.51 -2.95 2.99
CA ILE A 57 1.25 -2.48 4.17
C ILE A 57 0.33 -1.63 5.03
N GLU A 58 0.11 -2.06 6.26
CA GLU A 58 -0.71 -1.36 7.23
C GLU A 58 0.15 -0.39 8.03
N MET A 59 -0.34 0.84 8.18
CA MET A 59 0.27 1.86 9.05
C MET A 59 -0.44 1.90 10.40
N ALA A 60 0.27 2.33 11.44
CA ALA A 60 -0.31 2.50 12.77
C ALA A 60 -1.45 3.55 12.79
N THR A 61 -1.40 4.54 11.88
CA THR A 61 -2.41 5.60 11.73
C THR A 61 -2.98 5.78 10.32
N THR A 62 -4.22 6.28 10.24
CA THR A 62 -4.83 6.72 8.97
C THR A 62 -4.09 7.86 8.29
N GLU A 63 -3.55 8.82 9.05
CA GLU A 63 -2.77 9.93 8.50
C GLU A 63 -1.45 9.45 7.88
N ASP A 64 -0.81 8.45 8.48
CA ASP A 64 0.41 7.80 7.98
C ASP A 64 0.20 7.04 6.65
N ALA A 65 -0.91 6.31 6.55
CA ALA A 65 -1.34 5.62 5.32
C ALA A 65 -1.76 6.62 4.23
N GLN A 66 -2.53 7.65 4.60
CA GLN A 66 -2.98 8.68 3.66
C GLN A 66 -1.81 9.50 3.10
N ALA A 67 -0.81 9.85 3.91
CA ALA A 67 0.35 10.62 3.49
C ALA A 67 1.18 9.91 2.39
N ALA A 68 1.36 8.58 2.51
CA ALA A 68 2.06 7.79 1.51
C ALA A 68 1.35 7.81 0.15
N VAL A 69 0.03 7.54 0.13
CA VAL A 69 -0.76 7.54 -1.10
C VAL A 69 -0.94 8.94 -1.69
N ASP A 70 -1.13 9.97 -0.86
CA ASP A 70 -1.20 11.37 -1.32
C ASP A 70 0.04 11.85 -2.07
N TYR A 71 1.22 11.37 -1.66
CA TYR A 71 2.48 11.58 -2.37
C TYR A 71 2.62 10.69 -3.62
N TYR A 72 2.35 9.38 -3.50
CA TYR A 72 2.53 8.38 -4.57
C TYR A 72 1.44 8.26 -5.66
N THR A 73 0.29 8.92 -5.46
CA THR A 73 -0.73 9.10 -6.51
C THR A 73 -0.33 10.11 -7.59
N THR A 74 0.45 11.13 -7.21
CA THR A 74 1.07 12.13 -8.12
C THR A 74 2.52 11.86 -8.52
N THR A 75 3.38 11.50 -7.56
CA THR A 75 4.76 11.07 -7.77
C THR A 75 4.90 9.63 -8.26
N PRO A 76 5.73 9.31 -9.27
CA PRO A 76 5.93 7.95 -9.73
C PRO A 76 6.60 7.07 -8.66
N ALA A 77 5.85 6.08 -8.14
CA ALA A 77 6.38 5.04 -7.27
C ALA A 77 7.21 4.02 -8.07
N LEU A 78 8.34 3.57 -7.52
CA LEU A 78 9.25 2.61 -8.17
C LEU A 78 9.62 1.43 -7.24
N VAL A 79 9.79 0.24 -7.83
CA VAL A 79 10.36 -0.98 -7.21
C VAL A 79 11.36 -1.57 -8.19
N PHE A 80 12.58 -1.85 -7.72
CA PHE A 80 13.71 -2.28 -8.55
C PHE A 80 14.09 -1.37 -9.73
N GLY A 81 13.75 -0.08 -9.63
CA GLY A 81 13.91 0.93 -10.68
C GLY A 81 12.78 0.96 -11.74
N LYS A 82 11.73 0.14 -11.59
CA LYS A 82 10.56 0.07 -12.51
C LYS A 82 9.27 0.56 -11.83
N PRO A 83 8.34 1.18 -12.59
CA PRO A 83 7.17 1.84 -12.02
C PRO A 83 6.11 0.89 -11.45
N VAL A 84 5.43 1.36 -10.39
CA VAL A 84 4.38 0.65 -9.64
C VAL A 84 3.16 1.53 -9.33
N ARG A 85 2.05 0.92 -8.91
CA ARG A 85 0.79 1.62 -8.57
C ARG A 85 0.57 1.61 -7.06
N VAL A 86 0.04 2.71 -6.49
CA VAL A 86 -0.10 2.92 -5.03
C VAL A 86 -1.44 3.57 -4.69
N HIS A 87 -2.24 2.92 -3.84
CA HIS A 87 -3.60 3.30 -3.45
C HIS A 87 -3.89 2.93 -1.98
N LEU A 88 -5.03 3.35 -1.42
CA LEU A 88 -5.51 2.82 -0.12
C LEU A 88 -6.41 1.60 -0.40
N SER A 89 -6.25 0.55 0.41
CA SER A 89 -6.83 -0.78 0.16
C SER A 89 -8.36 -0.83 0.25
N GLN A 90 -8.94 -1.57 -0.70
CA GLN A 90 -10.34 -2.02 -0.75
C GLN A 90 -10.49 -3.51 -0.37
N LYS A 91 -9.37 -4.18 -0.02
CA LYS A 91 -9.26 -5.64 0.16
C LYS A 91 -8.85 -6.06 1.59
N TYR A 92 -8.19 -5.17 2.34
CA TYR A 92 -7.74 -5.37 3.72
C TYR A 92 -8.13 -4.30 4.75
N LYS A 93 -8.93 -4.68 5.76
CA LYS A 93 -9.24 -3.85 6.95
C LYS A 93 -8.15 -3.93 8.02
N ARG A 94 -7.59 -5.12 8.21
CA ARG A 94 -6.46 -5.45 9.10
C ARG A 94 -5.61 -6.53 8.42
N ILE A 95 -4.29 -6.34 8.32
CA ILE A 95 -3.37 -7.37 7.79
C ILE A 95 -3.14 -8.45 8.85
N LYS A 96 -3.38 -9.72 8.48
CA LYS A 96 -3.17 -10.94 9.29
C LYS A 96 -3.93 -10.97 10.64
N SER A 97 -3.79 -12.07 11.37
CA SER A 97 -4.50 -12.36 12.63
C SER A 97 -3.58 -12.94 13.71
N GLY A 98 -3.84 -12.58 14.98
CA GLY A 98 -3.13 -13.12 16.15
C GLY A 98 -3.69 -14.46 16.65
N PRO A 99 -3.28 -14.93 17.85
CA PRO A 99 -3.71 -16.19 18.45
C PRO A 99 -5.21 -16.29 18.85
N SER A 100 -5.98 -15.21 18.73
CA SER A 100 -7.37 -15.07 19.18
C SER A 100 -7.54 -15.32 20.71
N SER A 101 -6.50 -15.00 21.48
CA SER A 101 -6.44 -15.13 22.95
C SER A 101 -5.40 -14.16 23.54
N GLY A 102 -5.57 -13.77 24.81
CA GLY A 102 -4.71 -12.81 25.53
C GLY A 102 -5.13 -12.62 26.99
N GLY A 1 -8.95 9.63 -26.94
CA GLY A 1 -8.30 9.52 -25.62
C GLY A 1 -9.20 8.84 -24.61
N SER A 2 -8.65 7.94 -23.79
CA SER A 2 -9.41 7.09 -22.85
C SER A 2 -10.02 7.84 -21.65
N SER A 3 -9.47 9.00 -21.27
CA SER A 3 -9.83 9.87 -20.13
C SER A 3 -9.66 9.25 -18.73
N GLY A 4 -10.17 8.04 -18.49
CA GLY A 4 -10.13 7.35 -17.20
C GLY A 4 -11.11 7.89 -16.14
N SER A 5 -11.20 7.20 -15.01
CA SER A 5 -12.13 7.48 -13.89
C SER A 5 -11.70 8.65 -13.00
N SER A 6 -11.12 9.70 -13.57
CA SER A 6 -10.51 10.83 -12.85
C SER A 6 -11.51 11.56 -11.94
N GLY A 7 -11.16 11.70 -10.65
CA GLY A 7 -11.96 12.38 -9.63
C GLY A 7 -13.23 11.65 -9.16
N GLN A 8 -13.51 10.44 -9.65
CA GLN A 8 -14.74 9.70 -9.32
C GLN A 8 -14.72 9.02 -7.94
N LYS A 9 -13.53 8.68 -7.42
CA LYS A 9 -13.34 8.04 -6.10
C LYS A 9 -13.58 9.01 -4.94
N GLY A 10 -13.99 8.46 -3.79
CA GLY A 10 -14.09 9.18 -2.50
C GLY A 10 -12.90 8.94 -1.58
N ARG A 11 -12.76 9.76 -0.53
CA ARG A 11 -11.81 9.57 0.57
C ARG A 11 -12.38 8.59 1.63
N VAL A 12 -11.50 7.80 2.25
CA VAL A 12 -11.80 6.91 3.39
C VAL A 12 -10.78 7.07 4.52
N GLU A 13 -11.23 6.98 5.77
CA GLU A 13 -10.36 6.93 6.96
C GLU A 13 -10.19 5.50 7.52
N THR A 14 -11.15 4.61 7.27
CA THR A 14 -11.02 3.16 7.52
C THR A 14 -10.07 2.45 6.54
N ARG A 15 -9.59 1.25 6.88
CA ARG A 15 -8.56 0.48 6.15
C ARG A 15 -7.30 1.30 5.92
N ARG A 16 -6.61 1.66 7.01
CA ARG A 16 -5.32 2.39 6.99
C ARG A 16 -4.14 1.48 6.58
N VAL A 17 -4.25 0.99 5.35
CA VAL A 17 -3.45 -0.03 4.69
C VAL A 17 -3.13 0.42 3.27
N VAL A 18 -1.84 0.60 2.96
CA VAL A 18 -1.35 0.94 1.63
C VAL A 18 -1.26 -0.30 0.75
N HIS A 19 -2.01 -0.32 -0.34
CA HIS A 19 -1.97 -1.31 -1.41
C HIS A 19 -0.94 -0.87 -2.47
N ILE A 20 -0.04 -1.76 -2.86
CA ILE A 20 0.99 -1.55 -3.88
C ILE A 20 0.86 -2.66 -4.94
N MET A 21 0.89 -2.27 -6.23
CA MET A 21 0.66 -3.15 -7.38
C MET A 21 1.68 -2.95 -8.50
N ASP A 22 1.73 -3.89 -9.45
CA ASP A 22 2.54 -3.82 -10.69
C ASP A 22 4.06 -4.05 -10.58
N PHE A 23 4.55 -4.41 -9.39
CA PHE A 23 5.99 -4.58 -9.12
C PHE A 23 6.73 -5.75 -9.82
N GLN A 24 8.03 -5.57 -10.02
CA GLN A 24 8.97 -6.64 -10.38
C GLN A 24 9.48 -7.31 -9.08
N ARG A 25 9.88 -8.59 -9.15
CA ARG A 25 10.36 -9.35 -7.98
C ARG A 25 11.90 -9.45 -7.90
N GLY A 26 12.41 -9.69 -6.69
CA GLY A 26 13.82 -9.84 -6.36
C GLY A 26 14.06 -10.04 -4.86
N LYS A 27 15.29 -10.34 -4.45
CA LYS A 27 15.63 -10.72 -3.05
C LYS A 27 15.28 -9.66 -1.99
N ASN A 28 15.31 -8.38 -2.37
CA ASN A 28 14.98 -7.23 -1.51
C ASN A 28 13.54 -6.69 -1.68
N LEU A 29 12.63 -7.44 -2.32
CA LEU A 29 11.28 -6.97 -2.67
C LEU A 29 10.50 -6.42 -1.46
N ARG A 30 10.56 -7.10 -0.31
CA ARG A 30 9.91 -6.65 0.94
C ARG A 30 10.40 -5.27 1.36
N TYR A 31 11.72 -5.02 1.31
CA TYR A 31 12.28 -3.68 1.48
C TYR A 31 11.84 -2.64 0.45
N GLN A 32 11.87 -3.00 -0.83
CA GLN A 32 11.46 -2.12 -1.94
C GLN A 32 10.00 -1.65 -1.82
N LEU A 33 9.12 -2.47 -1.23
CA LEU A 33 7.72 -2.11 -0.96
C LEU A 33 7.55 -1.35 0.37
N LEU A 34 8.25 -1.74 1.45
CA LEU A 34 8.23 -1.03 2.74
C LEU A 34 8.76 0.40 2.62
N GLN A 35 9.84 0.63 1.87
CA GLN A 35 10.50 1.94 1.76
C GLN A 35 9.64 3.00 1.04
N LEU A 36 8.52 2.62 0.41
CA LEU A 36 7.52 3.55 -0.13
C LEU A 36 6.63 4.17 0.97
N VAL A 37 6.61 3.60 2.19
CA VAL A 37 5.73 4.02 3.29
C VAL A 37 6.43 4.16 4.65
N GLU A 38 7.60 3.56 4.86
CA GLU A 38 8.51 3.80 5.99
C GLU A 38 8.80 5.29 6.29
N PRO A 39 9.14 6.15 5.31
CA PRO A 39 9.33 7.59 5.56
C PRO A 39 8.02 8.32 5.91
N PHE A 40 6.85 7.74 5.57
CA PHE A 40 5.53 8.32 5.83
C PHE A 40 4.92 8.06 7.21
N GLY A 41 5.46 7.10 7.96
CA GLY A 41 5.01 6.75 9.30
C GLY A 41 5.44 5.37 9.78
N VAL A 42 4.90 4.98 10.92
CA VAL A 42 5.15 3.68 11.58
C VAL A 42 4.44 2.54 10.85
N ILE A 43 5.20 1.52 10.46
CA ILE A 43 4.68 0.25 9.94
C ILE A 43 4.01 -0.53 11.09
N SER A 44 2.73 -0.86 10.94
CA SER A 44 2.01 -1.77 11.83
C SER A 44 2.23 -3.23 11.41
N ASN A 45 2.07 -3.53 10.12
CA ASN A 45 2.15 -4.89 9.56
C ASN A 45 2.36 -4.86 8.03
N HIS A 46 2.80 -5.97 7.43
CA HIS A 46 2.96 -6.11 5.97
C HIS A 46 2.53 -7.50 5.46
N LEU A 47 2.21 -7.58 4.16
CA LEU A 47 1.81 -8.80 3.44
C LEU A 47 2.20 -8.65 1.95
N ILE A 48 2.92 -9.63 1.40
CA ILE A 48 3.29 -9.71 -0.03
C ILE A 48 2.60 -10.94 -0.65
N LEU A 49 1.81 -10.76 -1.71
CA LEU A 49 1.09 -11.85 -2.38
C LEU A 49 2.04 -12.70 -3.26
N ASN A 50 1.84 -14.02 -3.26
CA ASN A 50 2.61 -14.98 -4.06
C ASN A 50 2.06 -15.14 -5.50
N LYS A 51 0.74 -15.24 -5.66
CA LYS A 51 0.07 -15.49 -6.95
C LYS A 51 0.23 -14.36 -7.97
N ILE A 52 0.19 -13.11 -7.47
CA ILE A 52 0.13 -11.87 -8.23
C ILE A 52 1.01 -10.81 -7.54
N ASN A 53 1.45 -9.81 -8.31
CA ASN A 53 2.22 -8.67 -7.80
C ASN A 53 1.33 -7.63 -7.09
N GLU A 54 0.75 -8.04 -5.96
CA GLU A 54 0.03 -7.24 -4.98
C GLU A 54 0.76 -7.27 -3.62
N ALA A 55 0.76 -6.15 -2.89
CA ALA A 55 1.26 -6.09 -1.53
C ALA A 55 0.46 -5.10 -0.68
N PHE A 56 0.27 -5.43 0.59
CA PHE A 56 -0.51 -4.67 1.56
C PHE A 56 0.33 -4.32 2.79
N ILE A 57 0.40 -3.03 3.16
CA ILE A 57 1.19 -2.56 4.30
C ILE A 57 0.30 -1.70 5.21
N GLU A 58 0.01 -2.21 6.40
CA GLU A 58 -0.80 -1.52 7.41
C GLU A 58 0.08 -0.52 8.15
N MET A 59 -0.34 0.73 8.20
CA MET A 59 0.32 1.77 9.00
C MET A 59 -0.28 1.81 10.40
N ALA A 60 0.42 2.38 11.38
CA ALA A 60 -0.11 2.56 12.72
C ALA A 60 -1.24 3.61 12.80
N THR A 61 -1.30 4.53 11.82
CA THR A 61 -2.35 5.56 11.68
C THR A 61 -2.91 5.75 10.27
N THR A 62 -4.16 6.24 10.18
CA THR A 62 -4.75 6.68 8.90
C THR A 62 -4.05 7.86 8.23
N GLU A 63 -3.59 8.83 9.01
CA GLU A 63 -2.86 9.98 8.46
C GLU A 63 -1.51 9.56 7.82
N ASP A 64 -0.86 8.53 8.39
CA ASP A 64 0.37 7.94 7.85
C ASP A 64 0.17 7.21 6.51
N ALA A 65 -0.90 6.41 6.41
CA ALA A 65 -1.28 5.71 5.17
C ALA A 65 -1.76 6.70 4.09
N GLN A 66 -2.57 7.69 4.48
CA GLN A 66 -3.07 8.72 3.58
C GLN A 66 -1.94 9.59 3.03
N ALA A 67 -0.95 9.97 3.85
CA ALA A 67 0.21 10.75 3.41
C ALA A 67 1.06 10.01 2.35
N ALA A 68 1.29 8.71 2.52
CA ALA A 68 2.02 7.89 1.57
C ALA A 68 1.31 7.84 0.20
N VAL A 69 -0.01 7.57 0.17
CA VAL A 69 -0.78 7.49 -1.08
C VAL A 69 -0.98 8.87 -1.71
N ASP A 70 -1.20 9.92 -0.92
CA ASP A 70 -1.30 11.30 -1.43
C ASP A 70 -0.05 11.78 -2.17
N TYR A 71 1.13 11.36 -1.70
CA TYR A 71 2.39 11.59 -2.39
C TYR A 71 2.61 10.67 -3.61
N TYR A 72 2.35 9.36 -3.47
CA TYR A 72 2.58 8.36 -4.52
C TYR A 72 1.51 8.16 -5.61
N THR A 73 0.34 8.80 -5.46
CA THR A 73 -0.67 8.91 -6.52
C THR A 73 -0.27 9.92 -7.61
N THR A 74 0.45 10.99 -7.23
CA THR A 74 1.03 11.99 -8.15
C THR A 74 2.50 11.76 -8.53
N THR A 75 3.37 11.44 -7.56
CA THR A 75 4.76 11.03 -7.75
C THR A 75 4.93 9.59 -8.25
N PRO A 76 5.76 9.30 -9.26
CA PRO A 76 5.99 7.93 -9.74
C PRO A 76 6.70 7.07 -8.67
N ALA A 77 5.98 6.09 -8.11
CA ALA A 77 6.55 5.05 -7.25
C ALA A 77 7.34 4.04 -8.11
N LEU A 78 8.47 3.56 -7.60
CA LEU A 78 9.36 2.59 -8.27
C LEU A 78 9.73 1.40 -7.37
N VAL A 79 9.85 0.21 -7.97
CA VAL A 79 10.40 -1.02 -7.36
C VAL A 79 11.37 -1.63 -8.37
N PHE A 80 12.61 -1.92 -7.95
CA PHE A 80 13.69 -2.42 -8.80
C PHE A 80 14.05 -1.55 -10.03
N GLY A 81 13.75 -0.25 -9.95
CA GLY A 81 13.89 0.72 -11.05
C GLY A 81 12.72 0.73 -12.05
N LYS A 82 11.64 -0.02 -11.81
CA LYS A 82 10.44 -0.10 -12.67
C LYS A 82 9.21 0.48 -11.95
N PRO A 83 8.27 1.12 -12.68
CA PRO A 83 7.13 1.82 -12.08
C PRO A 83 6.09 0.90 -11.45
N VAL A 84 5.47 1.38 -10.37
CA VAL A 84 4.43 0.70 -9.57
C VAL A 84 3.25 1.61 -9.23
N ARG A 85 2.12 1.04 -8.80
CA ARG A 85 0.89 1.76 -8.42
C ARG A 85 0.68 1.70 -6.91
N VAL A 86 0.19 2.79 -6.30
CA VAL A 86 0.06 2.97 -4.84
C VAL A 86 -1.28 3.59 -4.46
N HIS A 87 -2.07 2.88 -3.64
CA HIS A 87 -3.47 3.21 -3.28
C HIS A 87 -3.78 2.79 -1.83
N LEU A 88 -4.96 3.16 -1.29
CA LEU A 88 -5.48 2.59 -0.04
C LEU A 88 -6.31 1.33 -0.34
N SER A 89 -6.21 0.33 0.54
CA SER A 89 -6.70 -1.04 0.30
C SER A 89 -8.17 -1.22 -0.09
N GLN A 90 -8.38 -1.62 -1.35
CA GLN A 90 -9.68 -2.05 -1.89
C GLN A 90 -10.08 -3.48 -1.45
N LYS A 91 -9.11 -4.33 -1.07
CA LYS A 91 -9.30 -5.77 -0.80
C LYS A 91 -9.15 -6.17 0.68
N TYR A 92 -7.98 -5.92 1.26
CA TYR A 92 -7.62 -6.27 2.63
C TYR A 92 -8.09 -5.34 3.75
N LYS A 93 -8.34 -5.92 4.93
CA LYS A 93 -8.71 -5.22 6.17
C LYS A 93 -7.50 -5.26 7.12
N ARG A 94 -7.66 -5.64 8.40
CA ARG A 94 -6.52 -5.95 9.29
C ARG A 94 -5.70 -7.07 8.69
N ILE A 95 -4.37 -6.88 8.55
CA ILE A 95 -3.53 -7.82 7.81
C ILE A 95 -3.50 -9.21 8.49
N LYS A 96 -3.85 -10.23 7.70
CA LYS A 96 -4.07 -11.64 8.10
C LYS A 96 -3.99 -12.55 6.86
N SER A 97 -3.63 -13.82 7.05
CA SER A 97 -3.54 -14.84 5.99
C SER A 97 -4.89 -15.16 5.32
N GLY A 98 -5.98 -15.19 6.08
CA GLY A 98 -7.37 -15.39 5.62
C GLY A 98 -8.38 -15.47 6.77
N PRO A 99 -9.69 -15.63 6.48
CA PRO A 99 -10.74 -15.75 7.49
C PRO A 99 -10.58 -16.98 8.41
N SER A 100 -11.03 -16.86 9.66
CA SER A 100 -11.03 -17.92 10.69
C SER A 100 -9.61 -18.50 10.98
N SER A 101 -9.53 -19.67 11.60
CA SER A 101 -8.29 -20.41 11.86
C SER A 101 -7.71 -21.07 10.60
N GLY A 102 -6.41 -21.41 10.65
CA GLY A 102 -5.66 -22.05 9.55
C GLY A 102 -4.29 -22.58 9.99
N GLY A 1 -6.05 14.72 -15.98
CA GLY A 1 -6.90 14.67 -14.76
C GLY A 1 -7.88 13.52 -14.80
N SER A 2 -8.33 13.04 -13.63
CA SER A 2 -9.22 11.87 -13.48
C SER A 2 -10.68 12.14 -13.87
N SER A 3 -11.11 13.41 -13.91
CA SER A 3 -12.48 13.84 -14.29
C SER A 3 -13.61 13.20 -13.47
N GLY A 4 -13.36 12.93 -12.18
CA GLY A 4 -14.31 12.36 -11.22
C GLY A 4 -15.32 13.37 -10.66
N SER A 5 -16.00 12.99 -9.56
CA SER A 5 -16.94 13.83 -8.82
C SER A 5 -16.26 15.06 -8.19
N SER A 6 -17.02 16.14 -7.98
CA SER A 6 -16.56 17.44 -7.46
C SER A 6 -17.63 18.14 -6.61
N GLY A 7 -17.21 19.06 -5.73
CA GLY A 7 -18.08 19.76 -4.77
C GLY A 7 -18.50 18.94 -3.54
N GLN A 8 -18.00 17.69 -3.42
CA GLN A 8 -18.27 16.76 -2.32
C GLN A 8 -16.99 15.96 -1.98
N LYS A 9 -16.80 15.63 -0.69
CA LYS A 9 -15.63 14.87 -0.20
C LYS A 9 -15.77 13.37 -0.54
N GLY A 10 -14.90 12.87 -1.43
CA GLY A 10 -14.82 11.45 -1.80
C GLY A 10 -13.95 10.59 -0.86
N ARG A 11 -13.10 11.23 -0.03
CA ARG A 11 -12.20 10.59 0.93
C ARG A 11 -12.94 9.96 2.12
N VAL A 12 -12.35 8.92 2.71
CA VAL A 12 -12.77 8.29 3.98
C VAL A 12 -11.61 8.15 4.97
N GLU A 13 -11.89 8.30 6.26
CA GLU A 13 -10.90 8.22 7.35
C GLU A 13 -10.65 6.78 7.84
N THR A 14 -11.58 5.85 7.58
CA THR A 14 -11.46 4.44 7.99
C THR A 14 -10.40 3.61 7.23
N ARG A 15 -9.81 2.62 7.90
CA ARG A 15 -8.73 1.73 7.44
C ARG A 15 -7.39 2.44 7.17
N ARG A 16 -6.29 1.71 7.38
CA ARG A 16 -4.91 2.24 7.44
C ARG A 16 -3.91 1.43 6.60
N VAL A 17 -4.39 0.86 5.49
CA VAL A 17 -3.62 -0.10 4.67
C VAL A 17 -3.36 0.39 3.25
N VAL A 18 -2.09 0.52 2.91
CA VAL A 18 -1.60 0.89 1.58
C VAL A 18 -1.53 -0.34 0.68
N HIS A 19 -2.24 -0.30 -0.44
CA HIS A 19 -2.22 -1.28 -1.53
C HIS A 19 -1.15 -0.88 -2.57
N ILE A 20 -0.31 -1.83 -2.97
CA ILE A 20 0.78 -1.66 -3.95
C ILE A 20 0.68 -2.76 -5.01
N MET A 21 0.78 -2.39 -6.28
CA MET A 21 0.55 -3.27 -7.44
C MET A 21 1.57 -3.07 -8.55
N ASP A 22 1.69 -4.06 -9.44
CA ASP A 22 2.47 -3.98 -10.70
C ASP A 22 4.00 -4.01 -10.60
N PHE A 23 4.52 -4.37 -9.42
CA PHE A 23 5.96 -4.45 -9.14
C PHE A 23 6.77 -5.58 -9.81
N GLN A 24 8.06 -5.34 -10.05
CA GLN A 24 9.03 -6.39 -10.39
C GLN A 24 9.48 -7.10 -9.10
N ARG A 25 9.84 -8.39 -9.18
CA ARG A 25 10.16 -9.22 -8.01
C ARG A 25 11.64 -9.62 -7.92
N GLY A 26 12.11 -9.86 -6.69
CA GLY A 26 13.51 -10.14 -6.36
C GLY A 26 13.76 -10.27 -4.85
N LYS A 27 15.02 -10.51 -4.44
CA LYS A 27 15.41 -10.82 -3.05
C LYS A 27 14.99 -9.76 -2.03
N ASN A 28 15.22 -8.48 -2.36
CA ASN A 28 14.92 -7.33 -1.49
C ASN A 28 13.51 -6.73 -1.68
N LEU A 29 12.57 -7.46 -2.30
CA LEU A 29 11.24 -6.96 -2.64
C LEU A 29 10.47 -6.38 -1.45
N ARG A 30 10.52 -7.05 -0.29
CA ARG A 30 9.87 -6.56 0.93
C ARG A 30 10.39 -5.17 1.34
N TYR A 31 11.71 -4.95 1.28
CA TYR A 31 12.30 -3.61 1.42
C TYR A 31 11.84 -2.58 0.39
N GLN A 32 11.86 -2.96 -0.89
CA GLN A 32 11.44 -2.09 -2.00
C GLN A 32 9.98 -1.60 -1.87
N LEU A 33 9.09 -2.42 -1.31
CA LEU A 33 7.71 -2.06 -1.04
C LEU A 33 7.54 -1.30 0.29
N LEU A 34 8.23 -1.70 1.37
CA LEU A 34 8.19 -0.99 2.66
C LEU A 34 8.73 0.45 2.54
N GLN A 35 9.81 0.67 1.80
CA GLN A 35 10.45 1.99 1.69
C GLN A 35 9.58 3.06 0.98
N LEU A 36 8.46 2.68 0.37
CA LEU A 36 7.45 3.60 -0.16
C LEU A 36 6.56 4.20 0.95
N VAL A 37 6.55 3.63 2.15
CA VAL A 37 5.67 4.03 3.28
C VAL A 37 6.39 4.16 4.64
N GLU A 38 7.57 3.56 4.81
CA GLU A 38 8.48 3.78 5.95
C GLU A 38 8.77 5.26 6.28
N PRO A 39 9.11 6.15 5.31
CA PRO A 39 9.30 7.57 5.59
C PRO A 39 7.99 8.30 5.95
N PHE A 40 6.84 7.72 5.64
CA PHE A 40 5.52 8.29 5.92
C PHE A 40 4.93 8.03 7.31
N GLY A 41 5.49 7.06 8.05
CA GLY A 41 5.04 6.69 9.39
C GLY A 41 5.45 5.28 9.81
N VAL A 42 4.96 4.89 10.99
CA VAL A 42 5.21 3.58 11.61
C VAL A 42 4.50 2.46 10.86
N ILE A 43 5.28 1.44 10.46
CA ILE A 43 4.77 0.18 9.91
C ILE A 43 4.15 -0.66 11.05
N SER A 44 2.90 -1.07 10.87
CA SER A 44 2.15 -1.94 11.79
C SER A 44 1.98 -3.38 11.30
N ASN A 45 2.02 -3.63 9.98
CA ASN A 45 2.10 -4.96 9.36
C ASN A 45 2.44 -4.89 7.87
N HIS A 46 2.87 -6.01 7.27
CA HIS A 46 3.07 -6.16 5.82
C HIS A 46 2.56 -7.53 5.32
N LEU A 47 2.16 -7.59 4.04
CA LEU A 47 1.68 -8.78 3.35
C LEU A 47 2.03 -8.66 1.85
N ILE A 48 2.93 -9.52 1.36
CA ILE A 48 3.32 -9.60 -0.06
C ILE A 48 2.71 -10.88 -0.66
N LEU A 49 1.86 -10.79 -1.69
CA LEU A 49 1.21 -11.98 -2.26
C LEU A 49 2.17 -12.85 -3.07
N ASN A 50 1.98 -14.17 -3.03
CA ASN A 50 2.82 -15.15 -3.73
C ASN A 50 2.49 -15.26 -5.24
N LYS A 51 1.21 -15.40 -5.59
CA LYS A 51 0.76 -15.72 -6.96
C LYS A 51 0.93 -14.56 -7.96
N ILE A 52 0.76 -13.32 -7.52
CA ILE A 52 0.77 -12.09 -8.32
C ILE A 52 1.57 -10.96 -7.64
N ASN A 53 1.99 -9.97 -8.43
CA ASN A 53 2.64 -8.74 -7.94
C ASN A 53 1.63 -7.74 -7.32
N GLU A 54 1.07 -8.14 -6.17
CA GLU A 54 0.21 -7.33 -5.30
C GLU A 54 0.70 -7.42 -3.84
N ALA A 55 0.58 -6.33 -3.09
CA ALA A 55 1.01 -6.24 -1.70
C ALA A 55 0.17 -5.24 -0.88
N PHE A 56 0.09 -5.49 0.43
CA PHE A 56 -0.62 -4.69 1.42
C PHE A 56 0.28 -4.33 2.61
N ILE A 57 0.38 -3.04 2.96
CA ILE A 57 1.18 -2.57 4.10
C ILE A 57 0.32 -1.71 5.02
N GLU A 58 0.15 -2.17 6.26
CA GLU A 58 -0.66 -1.56 7.30
C GLU A 58 0.19 -0.57 8.12
N MET A 59 -0.32 0.65 8.30
CA MET A 59 0.31 1.71 9.10
C MET A 59 -0.34 1.84 10.48
N ALA A 60 0.39 2.45 11.42
CA ALA A 60 -0.13 2.73 12.76
C ALA A 60 -1.30 3.73 12.74
N THR A 61 -1.29 4.69 11.80
CA THR A 61 -2.34 5.71 11.63
C THR A 61 -2.92 5.85 10.22
N THR A 62 -4.19 6.23 10.15
CA THR A 62 -4.85 6.64 8.89
C THR A 62 -4.17 7.82 8.23
N GLU A 63 -3.72 8.82 9.00
CA GLU A 63 -3.00 9.99 8.46
C GLU A 63 -1.66 9.61 7.81
N ASP A 64 -0.95 8.62 8.38
CA ASP A 64 0.29 8.09 7.82
C ASP A 64 0.08 7.32 6.50
N ALA A 65 -0.91 6.42 6.47
CA ALA A 65 -1.31 5.65 5.29
C ALA A 65 -1.83 6.58 4.18
N GLN A 66 -2.65 7.58 4.54
CA GLN A 66 -3.12 8.61 3.60
C GLN A 66 -1.96 9.44 3.04
N ALA A 67 -1.00 9.87 3.88
CA ALA A 67 0.12 10.70 3.43
C ALA A 67 1.02 9.98 2.41
N ALA A 68 1.26 8.67 2.59
CA ALA A 68 2.03 7.87 1.63
C ALA A 68 1.36 7.81 0.25
N VAL A 69 0.06 7.54 0.21
CA VAL A 69 -0.71 7.48 -1.04
C VAL A 69 -0.90 8.87 -1.65
N ASP A 70 -1.14 9.89 -0.84
CA ASP A 70 -1.23 11.29 -1.28
C ASP A 70 0.01 11.82 -2.03
N TYR A 71 1.19 11.31 -1.66
CA TYR A 71 2.44 11.56 -2.40
C TYR A 71 2.61 10.63 -3.62
N TYR A 72 2.39 9.32 -3.45
CA TYR A 72 2.60 8.31 -4.50
C TYR A 72 1.51 8.11 -5.57
N THR A 73 0.36 8.75 -5.41
CA THR A 73 -0.70 8.86 -6.44
C THR A 73 -0.36 9.84 -7.57
N THR A 74 0.52 10.81 -7.29
CA THR A 74 1.04 11.79 -8.26
C THR A 74 2.53 11.65 -8.59
N THR A 75 3.37 11.41 -7.59
CA THR A 75 4.78 11.02 -7.74
C THR A 75 4.95 9.57 -8.21
N PRO A 76 5.79 9.27 -9.22
CA PRO A 76 6.02 7.90 -9.69
C PRO A 76 6.69 7.03 -8.62
N ALA A 77 5.94 6.04 -8.09
CA ALA A 77 6.48 4.99 -7.23
C ALA A 77 7.29 3.99 -8.06
N LEU A 78 8.44 3.53 -7.55
CA LEU A 78 9.34 2.58 -8.24
C LEU A 78 9.70 1.38 -7.34
N VAL A 79 9.85 0.21 -7.95
CA VAL A 79 10.41 -1.02 -7.35
C VAL A 79 11.41 -1.61 -8.36
N PHE A 80 12.64 -1.90 -7.91
CA PHE A 80 13.73 -2.40 -8.74
C PHE A 80 14.11 -1.54 -9.98
N GLY A 81 13.82 -0.23 -9.91
CA GLY A 81 13.98 0.73 -11.01
C GLY A 81 12.84 0.74 -12.04
N LYS A 82 11.72 0.05 -11.79
CA LYS A 82 10.52 -0.01 -12.66
C LYS A 82 9.26 0.55 -11.95
N PRO A 83 8.34 1.20 -12.68
CA PRO A 83 7.20 1.90 -12.09
C PRO A 83 6.11 0.96 -11.55
N VAL A 84 5.45 1.41 -10.48
CA VAL A 84 4.40 0.70 -9.72
C VAL A 84 3.22 1.60 -9.34
N ARG A 85 2.12 1.01 -8.85
CA ARG A 85 0.91 1.73 -8.44
C ARG A 85 0.70 1.66 -6.92
N VAL A 86 0.26 2.75 -6.31
CA VAL A 86 0.14 2.92 -4.85
C VAL A 86 -1.18 3.62 -4.50
N HIS A 87 -2.05 2.95 -3.73
CA HIS A 87 -3.41 3.35 -3.39
C HIS A 87 -3.77 2.94 -1.95
N LEU A 88 -4.91 3.37 -1.40
CA LEU A 88 -5.43 2.80 -0.14
C LEU A 88 -6.33 1.59 -0.45
N SER A 89 -6.22 0.54 0.37
CA SER A 89 -6.90 -0.74 0.18
C SER A 89 -8.43 -0.63 0.24
N GLN A 90 -8.94 -0.08 1.34
CA GLN A 90 -10.37 -0.07 1.70
C GLN A 90 -11.03 -1.48 1.75
N LYS A 91 -10.23 -2.55 1.81
CA LYS A 91 -10.64 -3.94 2.07
C LYS A 91 -10.03 -4.47 3.37
N TYR A 92 -8.72 -4.30 3.54
CA TYR A 92 -7.99 -4.71 4.74
C TYR A 92 -8.21 -3.84 5.99
N LYS A 93 -8.69 -4.45 7.08
CA LYS A 93 -8.84 -3.81 8.40
C LYS A 93 -7.60 -4.00 9.29
N ARG A 94 -7.12 -5.25 9.37
CA ARG A 94 -5.96 -5.70 10.16
C ARG A 94 -5.34 -6.93 9.49
N ILE A 95 -4.13 -6.81 8.95
CA ILE A 95 -3.48 -7.86 8.15
C ILE A 95 -3.22 -9.14 8.97
N LYS A 96 -2.82 -8.98 10.24
CA LYS A 96 -2.57 -10.09 11.19
C LYS A 96 -3.85 -10.78 11.71
N SER A 97 -5.03 -10.21 11.40
CA SER A 97 -6.35 -10.62 11.92
C SER A 97 -6.49 -10.56 13.46
N GLY A 98 -5.61 -9.82 14.14
CA GLY A 98 -5.59 -9.63 15.60
C GLY A 98 -4.26 -9.07 16.12
N PRO A 99 -4.03 -9.11 17.45
CA PRO A 99 -2.73 -8.78 18.05
C PRO A 99 -1.62 -9.74 17.59
N SER A 100 -0.40 -9.21 17.41
CA SER A 100 0.76 -10.03 17.00
C SER A 100 1.46 -10.73 18.17
N SER A 101 1.15 -10.35 19.42
CA SER A 101 1.67 -10.92 20.66
C SER A 101 0.68 -10.71 21.83
N GLY A 102 0.80 -11.52 22.90
CA GLY A 102 -0.08 -11.51 24.08
C GLY A 102 -1.48 -12.08 23.80
N GLY A 1 -9.08 -0.91 -21.13
CA GLY A 1 -8.96 0.09 -20.04
C GLY A 1 -9.45 -0.46 -18.71
N SER A 2 -9.05 0.20 -17.60
CA SER A 2 -9.49 -0.14 -16.24
C SER A 2 -10.94 0.27 -15.95
N SER A 3 -11.49 -0.20 -14.82
CA SER A 3 -12.87 0.10 -14.38
C SER A 3 -13.11 1.56 -13.94
N GLY A 4 -12.05 2.35 -13.74
CA GLY A 4 -12.12 3.72 -13.23
C GLY A 4 -12.51 3.81 -11.75
N SER A 5 -12.89 5.01 -11.30
CA SER A 5 -13.36 5.27 -9.93
C SER A 5 -14.73 4.61 -9.65
N SER A 6 -14.92 4.12 -8.42
CA SER A 6 -16.14 3.43 -7.98
C SER A 6 -16.33 3.51 -6.45
N GLY A 7 -17.56 3.28 -5.96
CA GLY A 7 -17.90 3.25 -4.53
C GLY A 7 -17.91 4.61 -3.82
N GLN A 8 -17.84 5.73 -4.55
CA GLN A 8 -17.83 7.09 -4.00
C GLN A 8 -19.16 7.44 -3.31
N LYS A 9 -19.08 8.19 -2.20
CA LYS A 9 -20.23 8.62 -1.36
C LYS A 9 -19.93 9.89 -0.56
N GLY A 10 -18.73 9.98 0.03
CA GLY A 10 -18.25 11.09 0.86
C GLY A 10 -16.94 10.76 1.58
N ARG A 11 -16.50 11.62 2.50
CA ARG A 11 -15.30 11.38 3.32
C ARG A 11 -15.43 10.14 4.21
N VAL A 12 -14.33 9.40 4.32
CA VAL A 12 -14.12 8.28 5.26
C VAL A 12 -12.69 8.32 5.81
N GLU A 13 -12.52 7.89 7.06
CA GLU A 13 -11.23 7.82 7.77
C GLU A 13 -10.98 6.43 8.40
N THR A 14 -11.75 5.43 7.97
CA THR A 14 -11.52 4.01 8.29
C THR A 14 -10.36 3.36 7.51
N ARG A 15 -9.72 2.34 8.11
CA ARG A 15 -8.61 1.55 7.57
C ARG A 15 -7.31 2.36 7.41
N ARG A 16 -6.18 1.63 7.41
CA ARG A 16 -4.81 2.18 7.50
C ARG A 16 -3.84 1.40 6.62
N VAL A 17 -4.34 0.79 5.54
CA VAL A 17 -3.59 -0.17 4.69
C VAL A 17 -3.32 0.37 3.29
N VAL A 18 -2.04 0.53 2.95
CA VAL A 18 -1.56 0.90 1.62
C VAL A 18 -1.47 -0.33 0.72
N HIS A 19 -2.21 -0.32 -0.39
CA HIS A 19 -2.15 -1.28 -1.49
C HIS A 19 -1.07 -0.85 -2.51
N ILE A 20 -0.25 -1.78 -2.97
CA ILE A 20 0.81 -1.58 -3.95
C ILE A 20 0.71 -2.67 -5.03
N MET A 21 0.85 -2.30 -6.31
CA MET A 21 0.65 -3.18 -7.47
C MET A 21 1.73 -3.02 -8.55
N ASP A 22 1.84 -4.02 -9.42
CA ASP A 22 2.67 -4.00 -10.64
C ASP A 22 4.21 -4.07 -10.50
N PHE A 23 4.69 -4.43 -9.31
CA PHE A 23 6.11 -4.53 -8.97
C PHE A 23 6.94 -5.64 -9.65
N GLN A 24 8.22 -5.35 -9.94
CA GLN A 24 9.22 -6.37 -10.30
C GLN A 24 9.69 -7.11 -9.02
N ARG A 25 10.10 -8.38 -9.15
CA ARG A 25 10.52 -9.21 -7.99
C ARG A 25 12.04 -9.37 -7.88
N GLY A 26 12.50 -9.64 -6.66
CA GLY A 26 13.92 -9.83 -6.29
C GLY A 26 14.11 -10.04 -4.79
N LYS A 27 15.33 -10.36 -4.35
CA LYS A 27 15.63 -10.77 -2.95
C LYS A 27 15.27 -9.72 -1.88
N ASN A 28 15.29 -8.43 -2.25
CA ASN A 28 14.94 -7.30 -1.36
C ASN A 28 13.53 -6.73 -1.58
N LEU A 29 12.63 -7.47 -2.25
CA LEU A 29 11.27 -6.99 -2.62
C LEU A 29 10.47 -6.44 -1.42
N ARG A 30 10.50 -7.15 -0.29
CA ARG A 30 9.85 -6.74 0.97
C ARG A 30 10.32 -5.34 1.39
N TYR A 31 11.63 -5.11 1.39
CA TYR A 31 12.23 -3.81 1.61
C TYR A 31 11.87 -2.71 0.61
N GLN A 32 11.91 -3.03 -0.69
CA GLN A 32 11.55 -2.11 -1.76
C GLN A 32 10.11 -1.59 -1.62
N LEU A 33 9.17 -2.47 -1.27
CA LEU A 33 7.77 -2.10 -1.05
C LEU A 33 7.56 -1.35 0.28
N LEU A 34 8.24 -1.76 1.36
CA LEU A 34 8.23 -1.02 2.64
C LEU A 34 8.72 0.42 2.48
N GLN A 35 9.77 0.66 1.69
CA GLN A 35 10.32 2.00 1.46
C GLN A 35 9.36 3.00 0.79
N LEU A 36 8.22 2.55 0.24
CA LEU A 36 7.17 3.45 -0.27
C LEU A 36 6.32 4.07 0.86
N VAL A 37 6.41 3.55 2.10
CA VAL A 37 5.59 3.96 3.25
C VAL A 37 6.36 4.13 4.57
N GLU A 38 7.57 3.56 4.70
CA GLU A 38 8.53 3.80 5.80
C GLU A 38 8.79 5.28 6.14
N PRO A 39 9.07 6.19 5.16
CA PRO A 39 9.23 7.61 5.46
C PRO A 39 7.92 8.32 5.85
N PHE A 40 6.77 7.70 5.56
CA PHE A 40 5.43 8.25 5.83
C PHE A 40 4.83 7.99 7.20
N GLY A 41 5.41 7.07 7.97
CA GLY A 41 4.96 6.72 9.31
C GLY A 41 5.46 5.37 9.81
N VAL A 42 4.93 4.97 10.96
CA VAL A 42 5.24 3.69 11.62
C VAL A 42 4.57 2.52 10.89
N ILE A 43 5.37 1.56 10.44
CA ILE A 43 4.90 0.27 9.92
C ILE A 43 4.29 -0.55 11.06
N SER A 44 3.05 -1.00 10.90
CA SER A 44 2.34 -1.88 11.84
C SER A 44 2.24 -3.33 11.36
N ASN A 45 2.11 -3.57 10.05
CA ASN A 45 2.16 -4.92 9.45
C ASN A 45 2.44 -4.85 7.93
N HIS A 46 2.87 -5.95 7.31
CA HIS A 46 3.07 -6.08 5.86
C HIS A 46 2.64 -7.47 5.33
N LEU A 47 2.27 -7.54 4.06
CA LEU A 47 1.82 -8.75 3.35
C LEU A 47 2.14 -8.62 1.85
N ILE A 48 2.94 -9.54 1.31
CA ILE A 48 3.31 -9.60 -0.12
C ILE A 48 2.69 -10.86 -0.75
N LEU A 49 1.86 -10.72 -1.77
CA LEU A 49 1.15 -11.86 -2.41
C LEU A 49 2.10 -12.65 -3.32
N ASN A 50 1.95 -13.98 -3.33
CA ASN A 50 2.75 -14.90 -4.17
C ASN A 50 2.13 -15.09 -5.58
N LYS A 51 0.81 -15.27 -5.66
CA LYS A 51 0.09 -15.62 -6.91
C LYS A 51 0.03 -14.47 -7.92
N ILE A 52 -0.12 -13.24 -7.42
CA ILE A 52 -0.25 -11.99 -8.19
C ILE A 52 0.68 -10.92 -7.60
N ASN A 53 1.02 -9.90 -8.40
CA ASN A 53 1.82 -8.74 -7.99
C ASN A 53 0.97 -7.71 -7.22
N GLU A 54 0.44 -8.13 -6.07
CA GLU A 54 -0.22 -7.30 -5.05
C GLU A 54 0.58 -7.31 -3.74
N ALA A 55 0.58 -6.18 -3.03
CA ALA A 55 1.15 -6.08 -1.69
C ALA A 55 0.36 -5.08 -0.84
N PHE A 56 0.30 -5.36 0.46
CA PHE A 56 -0.45 -4.60 1.46
C PHE A 56 0.42 -4.25 2.65
N ILE A 57 0.46 -2.98 3.05
CA ILE A 57 1.24 -2.51 4.20
C ILE A 57 0.37 -1.66 5.12
N GLU A 58 0.18 -2.14 6.35
CA GLU A 58 -0.65 -1.50 7.38
C GLU A 58 0.19 -0.55 8.22
N MET A 59 -0.28 0.68 8.35
CA MET A 59 0.35 1.74 9.14
C MET A 59 -0.29 1.86 10.53
N ALA A 60 0.43 2.46 11.48
CA ALA A 60 -0.09 2.73 12.82
C ALA A 60 -1.30 3.70 12.81
N THR A 61 -1.37 4.62 11.85
CA THR A 61 -2.47 5.58 11.66
C THR A 61 -3.03 5.67 10.24
N THR A 62 -4.31 6.05 10.10
CA THR A 62 -4.89 6.38 8.79
C THR A 62 -4.20 7.57 8.11
N GLU A 63 -3.77 8.58 8.88
CA GLU A 63 -3.05 9.74 8.33
C GLU A 63 -1.68 9.36 7.76
N ASP A 64 -0.99 8.39 8.36
CA ASP A 64 0.26 7.83 7.86
C ASP A 64 0.11 7.06 6.54
N ALA A 65 -0.95 6.25 6.43
CA ALA A 65 -1.33 5.54 5.21
C ALA A 65 -1.78 6.51 4.11
N GLN A 66 -2.61 7.52 4.46
CA GLN A 66 -3.07 8.55 3.55
C GLN A 66 -1.93 9.41 2.99
N ALA A 67 -0.95 9.78 3.83
CA ALA A 67 0.19 10.60 3.41
C ALA A 67 1.06 9.91 2.34
N ALA A 68 1.29 8.60 2.48
CA ALA A 68 2.02 7.81 1.49
C ALA A 68 1.33 7.78 0.12
N VAL A 69 0.01 7.52 0.11
CA VAL A 69 -0.78 7.45 -1.13
C VAL A 69 -0.98 8.84 -1.74
N ASP A 70 -1.19 9.88 -0.94
CA ASP A 70 -1.30 11.26 -1.42
C ASP A 70 -0.05 11.76 -2.18
N TYR A 71 1.13 11.31 -1.74
CA TYR A 71 2.38 11.52 -2.45
C TYR A 71 2.56 10.62 -3.68
N TYR A 72 2.33 9.31 -3.55
CA TYR A 72 2.54 8.30 -4.61
C TYR A 72 1.46 8.13 -5.68
N THR A 73 0.29 8.77 -5.52
CA THR A 73 -0.75 8.89 -6.55
C THR A 73 -0.40 9.89 -7.67
N THR A 74 0.49 10.84 -7.37
CA THR A 74 1.04 11.84 -8.33
C THR A 74 2.53 11.69 -8.66
N THR A 75 3.36 11.43 -7.64
CA THR A 75 4.77 11.04 -7.79
C THR A 75 4.95 9.59 -8.28
N PRO A 76 5.81 9.32 -9.29
CA PRO A 76 6.04 7.96 -9.78
C PRO A 76 6.70 7.07 -8.72
N ALA A 77 5.96 6.08 -8.22
CA ALA A 77 6.48 5.02 -7.36
C ALA A 77 7.33 4.03 -8.18
N LEU A 78 8.46 3.58 -7.62
CA LEU A 78 9.39 2.63 -8.28
C LEU A 78 9.74 1.45 -7.35
N VAL A 79 9.92 0.26 -7.94
CA VAL A 79 10.49 -0.94 -7.31
C VAL A 79 11.49 -1.56 -8.28
N PHE A 80 12.71 -1.84 -7.81
CA PHE A 80 13.84 -2.31 -8.63
C PHE A 80 14.23 -1.43 -9.84
N GLY A 81 13.91 -0.13 -9.77
CA GLY A 81 14.08 0.85 -10.85
C GLY A 81 12.95 0.87 -11.90
N LYS A 82 11.87 0.09 -11.72
CA LYS A 82 10.71 0.00 -12.62
C LYS A 82 9.43 0.54 -11.95
N PRO A 83 8.50 1.15 -12.71
CA PRO A 83 7.33 1.83 -12.16
C PRO A 83 6.27 0.88 -11.57
N VAL A 84 5.61 1.35 -10.52
CA VAL A 84 4.54 0.66 -9.76
C VAL A 84 3.36 1.60 -9.45
N ARG A 85 2.30 1.09 -8.80
CA ARG A 85 1.13 1.88 -8.38
C ARG A 85 0.81 1.72 -6.91
N VAL A 86 0.31 2.78 -6.28
CA VAL A 86 0.13 2.92 -4.82
C VAL A 86 -1.21 3.59 -4.47
N HIS A 87 -2.04 2.92 -3.69
CA HIS A 87 -3.42 3.30 -3.35
C HIS A 87 -3.79 2.88 -1.91
N LEU A 88 -4.94 3.28 -1.38
CA LEU A 88 -5.48 2.73 -0.12
C LEU A 88 -6.38 1.51 -0.40
N SER A 89 -6.24 0.46 0.42
CA SER A 89 -6.88 -0.84 0.19
C SER A 89 -8.38 -0.83 0.47
N GLN A 90 -9.16 -1.43 -0.44
CA GLN A 90 -10.57 -1.76 -0.22
C GLN A 90 -10.75 -3.15 0.40
N LYS A 91 -9.76 -4.04 0.21
CA LYS A 91 -9.78 -5.46 0.62
C LYS A 91 -9.35 -5.67 2.09
N TYR A 92 -8.45 -4.84 2.61
CA TYR A 92 -7.85 -4.97 3.93
C TYR A 92 -8.11 -3.85 4.95
N LYS A 93 -8.82 -4.16 6.05
CA LYS A 93 -8.96 -3.29 7.24
C LYS A 93 -7.91 -3.59 8.33
N ARG A 94 -7.42 -4.84 8.35
CA ARG A 94 -6.39 -5.42 9.22
C ARG A 94 -5.71 -6.54 8.43
N ILE A 95 -4.38 -6.54 8.32
CA ILE A 95 -3.65 -7.51 7.46
C ILE A 95 -3.78 -8.96 7.97
N LYS A 96 -3.71 -9.18 9.30
CA LYS A 96 -3.87 -10.51 9.90
C LYS A 96 -5.30 -11.03 9.78
N SER A 97 -5.44 -12.29 9.34
CA SER A 97 -6.71 -13.02 9.21
C SER A 97 -6.48 -14.53 9.38
N GLY A 98 -7.51 -15.35 9.26
CA GLY A 98 -7.43 -16.82 9.23
C GLY A 98 -6.97 -17.38 7.86
N PRO A 99 -6.53 -18.65 7.81
CA PRO A 99 -6.15 -19.32 6.57
C PRO A 99 -7.37 -19.63 5.67
N SER A 100 -7.14 -19.81 4.37
CA SER A 100 -8.19 -20.13 3.38
C SER A 100 -8.88 -21.48 3.61
N SER A 101 -8.26 -22.38 4.36
CA SER A 101 -8.82 -23.67 4.81
C SER A 101 -9.78 -23.57 6.01
N GLY A 102 -9.88 -22.41 6.65
CA GLY A 102 -10.75 -22.14 7.82
C GLY A 102 -12.25 -22.20 7.52
N GLY A 1 -3.78 11.63 -19.20
CA GLY A 1 -4.20 10.27 -19.58
C GLY A 1 -5.37 9.78 -18.73
N SER A 2 -6.14 8.82 -19.25
CA SER A 2 -7.37 8.26 -18.66
C SER A 2 -8.48 9.32 -18.43
N SER A 3 -9.60 8.94 -17.81
CA SER A 3 -10.78 9.78 -17.53
C SER A 3 -11.53 9.29 -16.29
N GLY A 4 -12.26 10.19 -15.61
CA GLY A 4 -12.96 9.92 -14.35
C GLY A 4 -12.02 9.77 -13.15
N SER A 5 -12.54 9.17 -12.06
CA SER A 5 -11.80 8.92 -10.81
C SER A 5 -12.35 7.72 -10.03
N SER A 6 -11.47 6.98 -9.35
CA SER A 6 -11.82 5.90 -8.42
C SER A 6 -12.32 6.40 -7.05
N GLY A 7 -12.26 7.71 -6.79
CA GLY A 7 -12.62 8.36 -5.52
C GLY A 7 -14.12 8.44 -5.20
N GLN A 8 -14.89 7.39 -5.48
CA GLN A 8 -16.32 7.28 -5.21
C GLN A 8 -16.62 7.48 -3.71
N LYS A 9 -17.58 8.37 -3.40
CA LYS A 9 -17.93 8.84 -2.03
C LYS A 9 -16.75 9.47 -1.24
N GLY A 10 -15.73 9.97 -1.92
CA GLY A 10 -14.57 10.63 -1.32
C GLY A 10 -13.67 9.67 -0.52
N ARG A 11 -13.23 10.10 0.67
CA ARG A 11 -12.40 9.32 1.61
C ARG A 11 -12.80 9.58 3.07
N VAL A 12 -12.63 8.57 3.93
CA VAL A 12 -12.93 8.58 5.37
C VAL A 12 -11.75 8.04 6.19
N GLU A 13 -11.76 8.29 7.51
CA GLU A 13 -10.71 7.92 8.46
C GLU A 13 -10.63 6.41 8.80
N THR A 14 -11.58 5.61 8.32
CA THR A 14 -11.53 4.13 8.40
C THR A 14 -10.49 3.48 7.47
N ARG A 15 -9.90 2.36 7.92
CA ARG A 15 -8.77 1.63 7.28
C ARG A 15 -7.45 2.41 7.19
N ARG A 16 -6.35 1.67 7.16
CA ARG A 16 -4.96 2.16 7.29
C ARG A 16 -3.98 1.35 6.42
N VAL A 17 -4.47 0.71 5.35
CA VAL A 17 -3.69 -0.19 4.48
C VAL A 17 -3.32 0.44 3.14
N VAL A 18 -2.02 0.54 2.89
CA VAL A 18 -1.45 0.89 1.59
C VAL A 18 -1.33 -0.36 0.71
N HIS A 19 -2.07 -0.37 -0.40
CA HIS A 19 -1.99 -1.33 -1.48
C HIS A 19 -0.90 -0.91 -2.49
N ILE A 20 -0.01 -1.83 -2.84
CA ILE A 20 1.05 -1.63 -3.85
C ILE A 20 0.92 -2.72 -4.92
N MET A 21 0.98 -2.31 -6.20
CA MET A 21 0.71 -3.17 -7.36
C MET A 21 1.77 -3.04 -8.45
N ASP A 22 1.88 -4.05 -9.32
CA ASP A 22 2.70 -4.04 -10.53
C ASP A 22 4.24 -4.08 -10.37
N PHE A 23 4.72 -4.43 -9.17
CA PHE A 23 6.15 -4.54 -8.85
C PHE A 23 6.95 -5.64 -9.57
N GLN A 24 8.24 -5.38 -9.80
CA GLN A 24 9.20 -6.42 -10.23
C GLN A 24 9.63 -7.29 -9.04
N ARG A 25 9.73 -8.60 -9.25
CA ARG A 25 10.15 -9.58 -8.24
C ARG A 25 11.67 -9.61 -8.05
N GLY A 26 12.12 -9.85 -6.81
CA GLY A 26 13.55 -9.96 -6.45
C GLY A 26 13.76 -10.12 -4.93
N LYS A 27 14.96 -10.53 -4.51
CA LYS A 27 15.25 -10.90 -3.10
C LYS A 27 15.05 -9.77 -2.09
N ASN A 28 15.25 -8.52 -2.50
CA ASN A 28 15.05 -7.32 -1.67
C ASN A 28 13.64 -6.69 -1.79
N LEU A 29 12.68 -7.33 -2.45
CA LEU A 29 11.33 -6.80 -2.69
C LEU A 29 10.62 -6.35 -1.40
N ARG A 30 10.82 -7.11 -0.31
CA ARG A 30 10.30 -6.80 1.03
C ARG A 30 10.73 -5.40 1.50
N TYR A 31 12.01 -5.05 1.32
CA TYR A 31 12.51 -3.68 1.50
C TYR A 31 11.99 -2.63 0.51
N GLN A 32 12.00 -2.97 -0.77
CA GLN A 32 11.58 -2.07 -1.87
C GLN A 32 10.12 -1.58 -1.71
N LEU A 33 9.23 -2.41 -1.15
CA LEU A 33 7.84 -2.05 -0.86
C LEU A 33 7.69 -1.28 0.46
N LEU A 34 8.46 -1.61 1.51
CA LEU A 34 8.46 -0.86 2.78
C LEU A 34 8.95 0.58 2.59
N GLN A 35 10.03 0.79 1.85
CA GLN A 35 10.69 2.10 1.74
C GLN A 35 9.84 3.17 1.00
N LEU A 36 8.73 2.76 0.36
CA LEU A 36 7.72 3.66 -0.22
C LEU A 36 6.80 4.27 0.86
N VAL A 37 6.74 3.73 2.08
CA VAL A 37 5.83 4.14 3.16
C VAL A 37 6.50 4.30 4.54
N GLU A 38 7.69 3.73 4.76
CA GLU A 38 8.57 3.98 5.92
C GLU A 38 8.82 5.47 6.24
N PRO A 39 9.16 6.35 5.27
CA PRO A 39 9.31 7.79 5.54
C PRO A 39 7.97 8.49 5.86
N PHE A 40 6.85 7.89 5.50
CA PHE A 40 5.50 8.44 5.71
C PHE A 40 4.85 8.20 7.09
N GLY A 41 5.38 7.24 7.85
CA GLY A 41 4.85 6.88 9.16
C GLY A 41 5.29 5.52 9.68
N VAL A 42 4.66 5.09 10.76
CA VAL A 42 4.95 3.83 11.46
C VAL A 42 4.32 2.63 10.75
N ILE A 43 5.16 1.67 10.35
CA ILE A 43 4.71 0.37 9.83
C ILE A 43 4.09 -0.45 10.98
N SER A 44 2.83 -0.85 10.82
CA SER A 44 2.14 -1.78 11.73
C SER A 44 2.36 -3.23 11.30
N ASN A 45 2.19 -3.54 10.01
CA ASN A 45 2.17 -4.90 9.47
C ASN A 45 2.43 -4.90 7.94
N HIS A 46 2.75 -6.07 7.36
CA HIS A 46 3.03 -6.24 5.94
C HIS A 46 2.52 -7.59 5.38
N LEU A 47 2.27 -7.66 4.07
CA LEU A 47 1.92 -8.86 3.31
C LEU A 47 2.33 -8.69 1.85
N ILE A 48 3.03 -9.68 1.28
CA ILE A 48 3.35 -9.77 -0.16
C ILE A 48 2.61 -11.00 -0.74
N LEU A 49 1.78 -10.81 -1.78
CA LEU A 49 1.04 -11.92 -2.42
C LEU A 49 1.97 -12.76 -3.32
N ASN A 50 1.76 -14.08 -3.35
CA ASN A 50 2.51 -15.02 -4.19
C ASN A 50 1.93 -15.16 -5.61
N LYS A 51 0.60 -15.34 -5.73
CA LYS A 51 -0.09 -15.64 -7.00
C LYS A 51 -0.13 -14.47 -7.98
N ILE A 52 -0.27 -13.25 -7.46
CA ILE A 52 -0.38 -11.99 -8.20
C ILE A 52 0.57 -10.93 -7.59
N ASN A 53 0.93 -9.92 -8.38
CA ASN A 53 1.77 -8.79 -7.96
C ASN A 53 0.98 -7.73 -7.17
N GLU A 54 0.40 -8.16 -6.05
CA GLU A 54 -0.23 -7.32 -5.02
C GLU A 54 0.58 -7.37 -3.71
N ALA A 55 0.59 -6.26 -2.97
CA ALA A 55 1.18 -6.18 -1.64
C ALA A 55 0.40 -5.19 -0.76
N PHE A 56 0.34 -5.48 0.53
CA PHE A 56 -0.45 -4.75 1.52
C PHE A 56 0.37 -4.39 2.76
N ILE A 57 0.47 -3.11 3.09
CA ILE A 57 1.19 -2.63 4.27
C ILE A 57 0.24 -1.82 5.14
N GLU A 58 0.07 -2.27 6.38
CA GLU A 58 -0.78 -1.64 7.38
C GLU A 58 0.06 -0.60 8.13
N MET A 59 -0.40 0.64 8.18
CA MET A 59 0.22 1.70 8.97
C MET A 59 -0.44 1.77 10.36
N ALA A 60 0.29 2.27 11.36
CA ALA A 60 -0.25 2.43 12.70
C ALA A 60 -1.42 3.44 12.76
N THR A 61 -1.43 4.43 11.85
CA THR A 61 -2.50 5.43 11.69
C THR A 61 -3.07 5.58 10.28
N THR A 62 -4.32 6.01 10.18
CA THR A 62 -4.92 6.40 8.87
C THR A 62 -4.18 7.56 8.21
N GLU A 63 -3.73 8.56 8.96
CA GLU A 63 -2.98 9.71 8.42
C GLU A 63 -1.63 9.29 7.82
N ASP A 64 -0.97 8.31 8.43
CA ASP A 64 0.27 7.70 7.93
C ASP A 64 0.10 6.95 6.59
N ALA A 65 -1.00 6.21 6.44
CA ALA A 65 -1.38 5.53 5.21
C ALA A 65 -1.83 6.54 4.13
N GLN A 66 -2.65 7.51 4.52
CA GLN A 66 -3.16 8.57 3.62
C GLN A 66 -2.03 9.43 3.06
N ALA A 67 -1.05 9.83 3.87
CA ALA A 67 0.06 10.69 3.44
C ALA A 67 0.97 10.03 2.40
N ALA A 68 1.25 8.71 2.53
CA ALA A 68 2.04 7.97 1.55
C ALA A 68 1.36 7.93 0.16
N VAL A 69 0.05 7.62 0.14
CA VAL A 69 -0.74 7.55 -1.10
C VAL A 69 -0.99 8.95 -1.66
N ASP A 70 -1.24 9.95 -0.82
CA ASP A 70 -1.36 11.35 -1.24
C ASP A 70 -0.14 11.93 -1.98
N TYR A 71 1.04 11.38 -1.72
CA TYR A 71 2.26 11.65 -2.49
C TYR A 71 2.43 10.74 -3.72
N TYR A 72 2.26 9.41 -3.55
CA TYR A 72 2.47 8.41 -4.61
C TYR A 72 1.33 8.17 -5.62
N THR A 73 0.17 8.79 -5.41
CA THR A 73 -0.92 8.86 -6.40
C THR A 73 -0.58 9.77 -7.58
N THR A 74 0.20 10.82 -7.33
CA THR A 74 0.78 11.73 -8.34
C THR A 74 2.24 11.44 -8.73
N THR A 75 3.10 11.18 -7.74
CA THR A 75 4.51 10.77 -7.93
C THR A 75 4.68 9.35 -8.45
N PRO A 76 5.58 9.08 -9.43
CA PRO A 76 5.91 7.73 -9.86
C PRO A 76 6.65 6.95 -8.75
N ALA A 77 5.97 5.98 -8.14
CA ALA A 77 6.58 5.00 -7.24
C ALA A 77 7.43 4.00 -8.07
N LEU A 78 8.58 3.59 -7.55
CA LEU A 78 9.50 2.66 -8.22
C LEU A 78 9.89 1.48 -7.32
N VAL A 79 10.03 0.28 -7.92
CA VAL A 79 10.61 -0.93 -7.32
C VAL A 79 11.61 -1.51 -8.31
N PHE A 80 12.83 -1.79 -7.86
CA PHE A 80 13.95 -2.25 -8.71
C PHE A 80 14.32 -1.35 -9.92
N GLY A 81 14.01 -0.05 -9.80
CA GLY A 81 14.15 0.94 -10.88
C GLY A 81 13.03 0.90 -11.94
N LYS A 82 11.94 0.14 -11.71
CA LYS A 82 10.76 0.02 -12.59
C LYS A 82 9.49 0.56 -11.92
N PRO A 83 8.56 1.16 -12.67
CA PRO A 83 7.39 1.84 -12.12
C PRO A 83 6.33 0.89 -11.52
N VAL A 84 5.71 1.36 -10.44
CA VAL A 84 4.64 0.68 -9.67
C VAL A 84 3.50 1.64 -9.30
N ARG A 85 2.41 1.12 -8.73
CA ARG A 85 1.26 1.90 -8.26
C ARG A 85 1.02 1.72 -6.76
N VAL A 86 0.67 2.80 -6.07
CA VAL A 86 0.54 2.90 -4.60
C VAL A 86 -0.76 3.65 -4.25
N HIS A 87 -1.71 2.94 -3.62
CA HIS A 87 -3.08 3.40 -3.33
C HIS A 87 -3.58 2.86 -1.98
N LEU A 88 -4.75 3.28 -1.50
CA LEU A 88 -5.38 2.70 -0.29
C LEU A 88 -6.33 1.56 -0.64
N SER A 89 -6.59 0.66 0.32
CA SER A 89 -7.55 -0.44 0.17
C SER A 89 -8.24 -0.83 1.49
N GLN A 90 -9.49 -1.29 1.39
CA GLN A 90 -10.24 -1.92 2.48
C GLN A 90 -10.09 -3.46 2.53
N LYS A 91 -9.42 -4.07 1.53
CA LYS A 91 -9.27 -5.53 1.37
C LYS A 91 -8.64 -6.24 2.58
N TYR A 92 -7.81 -5.50 3.35
CA TYR A 92 -7.19 -5.96 4.59
C TYR A 92 -7.46 -5.11 5.85
N LYS A 93 -7.39 -5.75 7.02
CA LYS A 93 -7.39 -5.17 8.37
C LYS A 93 -6.86 -6.22 9.36
N ARG A 94 -5.90 -5.86 10.22
CA ARG A 94 -5.12 -6.79 11.07
C ARG A 94 -4.53 -7.93 10.23
N ILE A 95 -3.55 -7.58 9.39
CA ILE A 95 -2.85 -8.51 8.49
C ILE A 95 -2.24 -9.71 9.26
N LYS A 96 -2.09 -10.86 8.59
CA LYS A 96 -1.58 -12.15 9.09
C LYS A 96 -2.24 -12.64 10.39
N SER A 97 -3.51 -13.03 10.30
CA SER A 97 -4.25 -13.74 11.36
C SER A 97 -3.65 -15.12 11.72
N GLY A 98 -2.90 -15.73 10.81
CA GLY A 98 -2.10 -16.95 11.03
C GLY A 98 -2.87 -18.27 10.88
N PRO A 99 -2.17 -19.43 11.04
CA PRO A 99 -2.74 -20.76 10.88
C PRO A 99 -3.87 -21.09 11.88
N SER A 100 -4.76 -22.01 11.50
CA SER A 100 -5.84 -22.52 12.36
C SER A 100 -5.35 -23.30 13.60
N SER A 101 -4.11 -23.80 13.57
CA SER A 101 -3.41 -24.44 14.70
C SER A 101 -2.84 -23.45 15.74
N GLY A 102 -2.87 -22.13 15.46
CA GLY A 102 -2.36 -21.06 16.33
C GLY A 102 -3.17 -20.88 17.63
N GLY A 1 -12.77 3.00 -23.72
CA GLY A 1 -11.55 2.73 -22.94
C GLY A 1 -11.71 3.19 -21.50
N SER A 2 -11.12 2.43 -20.56
CA SER A 2 -11.25 2.57 -19.09
C SER A 2 -12.68 2.34 -18.54
N SER A 3 -12.76 1.88 -17.28
CA SER A 3 -14.00 1.78 -16.51
C SER A 3 -14.54 3.14 -16.00
N GLY A 4 -13.67 4.16 -15.92
CA GLY A 4 -14.02 5.53 -15.50
C GLY A 4 -14.58 5.61 -14.07
N SER A 5 -15.49 6.58 -13.84
CA SER A 5 -16.29 6.81 -12.62
C SER A 5 -15.51 6.96 -11.30
N SER A 6 -14.21 7.26 -11.36
CA SER A 6 -13.35 7.53 -10.20
C SER A 6 -13.70 8.85 -9.49
N GLY A 7 -13.39 8.95 -8.18
CA GLY A 7 -13.65 10.14 -7.36
C GLY A 7 -12.68 11.28 -7.68
N GLN A 8 -13.21 12.40 -8.19
CA GLN A 8 -12.41 13.58 -8.58
C GLN A 8 -11.96 14.47 -7.39
N LYS A 9 -12.56 14.29 -6.21
CA LYS A 9 -12.33 15.11 -5.00
C LYS A 9 -12.59 14.31 -3.72
N GLY A 10 -11.83 14.60 -2.66
CA GLY A 10 -11.96 13.98 -1.33
C GLY A 10 -11.30 12.61 -1.19
N ARG A 11 -11.13 12.18 0.08
CA ARG A 11 -10.53 10.90 0.49
C ARG A 11 -11.07 10.48 1.87
N VAL A 12 -11.44 9.21 2.00
CA VAL A 12 -11.99 8.63 3.25
C VAL A 12 -10.93 8.35 4.32
N GLU A 13 -11.29 8.56 5.59
CA GLU A 13 -10.43 8.30 6.75
C GLU A 13 -10.42 6.81 7.18
N THR A 14 -11.38 6.01 6.70
CA THR A 14 -11.49 4.57 7.02
C THR A 14 -10.42 3.68 6.40
N ARG A 15 -9.98 2.65 7.16
CA ARG A 15 -8.84 1.76 6.87
C ARG A 15 -7.49 2.51 6.85
N ARG A 16 -6.41 1.74 7.04
CA ARG A 16 -5.04 2.24 7.21
C ARG A 16 -4.04 1.40 6.39
N VAL A 17 -4.50 0.84 5.27
CA VAL A 17 -3.78 -0.15 4.45
C VAL A 17 -3.43 0.38 3.06
N VAL A 18 -2.14 0.56 2.81
CA VAL A 18 -1.57 0.88 1.51
C VAL A 18 -1.50 -0.38 0.63
N HIS A 19 -2.24 -0.38 -0.47
CA HIS A 19 -2.18 -1.36 -1.55
C HIS A 19 -1.10 -0.97 -2.56
N ILE A 20 -0.21 -1.91 -2.90
CA ILE A 20 0.87 -1.72 -3.88
C ILE A 20 0.77 -2.83 -4.95
N MET A 21 0.87 -2.45 -6.22
CA MET A 21 0.61 -3.32 -7.38
C MET A 21 1.61 -3.11 -8.52
N ASP A 22 1.70 -4.07 -9.44
CA ASP A 22 2.45 -3.98 -10.70
C ASP A 22 3.99 -4.02 -10.64
N PHE A 23 4.55 -4.35 -9.48
CA PHE A 23 5.99 -4.44 -9.24
C PHE A 23 6.77 -5.57 -9.92
N GLN A 24 8.07 -5.35 -10.15
CA GLN A 24 9.01 -6.43 -10.51
C GLN A 24 9.46 -7.14 -9.23
N ARG A 25 9.74 -8.44 -9.32
CA ARG A 25 10.09 -9.28 -8.15
C ARG A 25 11.59 -9.64 -8.08
N GLY A 26 12.09 -9.85 -6.86
CA GLY A 26 13.51 -10.09 -6.58
C GLY A 26 13.82 -10.21 -5.08
N LYS A 27 15.09 -10.41 -4.73
CA LYS A 27 15.56 -10.72 -3.35
C LYS A 27 15.11 -9.70 -2.30
N ASN A 28 15.31 -8.42 -2.57
CA ASN A 28 15.01 -7.30 -1.66
C ASN A 28 13.58 -6.73 -1.81
N LEU A 29 12.66 -7.44 -2.47
CA LEU A 29 11.30 -6.96 -2.78
C LEU A 29 10.53 -6.47 -1.55
N ARG A 30 10.63 -7.19 -0.43
CA ARG A 30 9.96 -6.84 0.84
C ARG A 30 10.43 -5.47 1.34
N TYR A 31 11.73 -5.19 1.25
CA TYR A 31 12.29 -3.84 1.47
C TYR A 31 11.81 -2.78 0.48
N GLN A 32 11.87 -3.09 -0.83
CA GLN A 32 11.46 -2.18 -1.90
C GLN A 32 9.99 -1.70 -1.76
N LEU A 33 9.11 -2.56 -1.23
CA LEU A 33 7.71 -2.23 -0.96
C LEU A 33 7.52 -1.47 0.37
N LEU A 34 8.18 -1.90 1.45
CA LEU A 34 8.13 -1.21 2.75
C LEU A 34 8.68 0.22 2.66
N GLN A 35 9.81 0.43 1.99
CA GLN A 35 10.50 1.72 1.94
C GLN A 35 9.71 2.83 1.18
N LEU A 36 8.63 2.48 0.48
CA LEU A 36 7.68 3.44 -0.11
C LEU A 36 6.77 4.10 0.95
N VAL A 37 6.68 3.52 2.16
CA VAL A 37 5.78 3.96 3.24
C VAL A 37 6.45 4.10 4.61
N GLU A 38 7.61 3.48 4.82
CA GLU A 38 8.49 3.69 5.99
C GLU A 38 8.78 5.17 6.34
N PRO A 39 9.17 6.06 5.40
CA PRO A 39 9.39 7.47 5.71
C PRO A 39 8.09 8.25 5.98
N PHE A 40 6.94 7.69 5.61
CA PHE A 40 5.61 8.28 5.80
C PHE A 40 4.93 8.07 7.15
N GLY A 41 5.43 7.13 7.95
CA GLY A 41 4.89 6.82 9.26
C GLY A 41 5.28 5.45 9.81
N VAL A 42 4.60 5.05 10.88
CA VAL A 42 4.83 3.79 11.59
C VAL A 42 4.21 2.59 10.86
N ILE A 43 5.05 1.63 10.44
CA ILE A 43 4.60 0.34 9.93
C ILE A 43 3.93 -0.45 11.07
N SER A 44 2.66 -0.82 10.90
CA SER A 44 1.97 -1.76 11.79
C SER A 44 2.26 -3.21 11.40
N ASN A 45 2.13 -3.52 10.09
CA ASN A 45 2.36 -4.85 9.51
C ASN A 45 2.46 -4.77 7.97
N HIS A 46 2.98 -5.82 7.32
CA HIS A 46 3.00 -5.96 5.86
C HIS A 46 2.66 -7.40 5.41
N LEU A 47 2.19 -7.53 4.17
CA LEU A 47 1.78 -8.76 3.51
C LEU A 47 2.14 -8.70 2.01
N ILE A 48 3.00 -9.61 1.54
CA ILE A 48 3.36 -9.73 0.12
C ILE A 48 2.68 -10.98 -0.46
N LEU A 49 1.94 -10.84 -1.57
CA LEU A 49 1.26 -11.97 -2.22
C LEU A 49 2.27 -12.91 -2.91
N ASN A 50 2.01 -14.22 -2.85
CA ASN A 50 2.85 -15.25 -3.47
C ASN A 50 2.61 -15.38 -4.99
N LYS A 51 1.34 -15.48 -5.41
CA LYS A 51 0.95 -15.78 -6.80
C LYS A 51 1.15 -14.62 -7.79
N ILE A 52 1.00 -13.38 -7.33
CA ILE A 52 0.96 -12.16 -8.16
C ILE A 52 1.77 -11.02 -7.52
N ASN A 53 2.11 -10.01 -8.31
CA ASN A 53 2.74 -8.76 -7.88
C ASN A 53 1.74 -7.79 -7.21
N GLU A 54 1.26 -8.18 -6.04
CA GLU A 54 0.41 -7.40 -5.14
C GLU A 54 0.95 -7.44 -3.70
N ALA A 55 0.80 -6.35 -2.94
CA ALA A 55 1.18 -6.27 -1.54
C ALA A 55 0.29 -5.29 -0.76
N PHE A 56 0.11 -5.57 0.53
CA PHE A 56 -0.65 -4.75 1.48
C PHE A 56 0.21 -4.35 2.68
N ILE A 57 0.26 -3.07 3.02
CA ILE A 57 1.02 -2.56 4.17
C ILE A 57 0.12 -1.72 5.07
N GLU A 58 -0.08 -2.20 6.30
CA GLU A 58 -0.87 -1.55 7.33
C GLU A 58 0.01 -0.54 8.08
N MET A 59 -0.44 0.72 8.15
CA MET A 59 0.17 1.74 9.00
C MET A 59 -0.55 1.80 10.35
N ALA A 60 0.14 2.27 11.39
CA ALA A 60 -0.46 2.46 12.71
C ALA A 60 -1.61 3.50 12.70
N THR A 61 -1.54 4.49 11.80
CA THR A 61 -2.55 5.56 11.63
C THR A 61 -3.08 5.78 10.22
N THR A 62 -4.31 6.30 10.11
CA THR A 62 -4.88 6.77 8.84
C THR A 62 -4.09 7.92 8.22
N GLU A 63 -3.57 8.85 9.01
CA GLU A 63 -2.74 9.96 8.51
C GLU A 63 -1.41 9.45 7.92
N ASP A 64 -0.82 8.42 8.52
CA ASP A 64 0.37 7.74 8.03
C ASP A 64 0.18 6.99 6.71
N ALA A 65 -0.94 6.27 6.58
CA ALA A 65 -1.35 5.58 5.36
C ALA A 65 -1.71 6.58 4.25
N GLN A 66 -2.48 7.62 4.58
CA GLN A 66 -2.86 8.67 3.63
C GLN A 66 -1.65 9.46 3.13
N ALA A 67 -0.69 9.81 3.99
CA ALA A 67 0.48 10.61 3.59
C ALA A 67 1.32 9.94 2.49
N ALA A 68 1.53 8.62 2.58
CA ALA A 68 2.24 7.85 1.56
C ALA A 68 1.52 7.88 0.20
N VAL A 69 0.22 7.61 0.19
CA VAL A 69 -0.60 7.55 -1.04
C VAL A 69 -0.82 8.95 -1.62
N ASP A 70 -0.99 9.98 -0.79
CA ASP A 70 -1.16 11.37 -1.22
C ASP A 70 0.08 11.91 -1.96
N TYR A 71 1.26 11.41 -1.61
CA TYR A 71 2.51 11.65 -2.35
C TYR A 71 2.66 10.77 -3.60
N TYR A 72 2.40 9.46 -3.49
CA TYR A 72 2.57 8.48 -4.57
C TYR A 72 1.46 8.35 -5.62
N THR A 73 0.32 9.01 -5.42
CA THR A 73 -0.74 9.18 -6.42
C THR A 73 -0.35 10.19 -7.51
N THR A 74 0.45 11.20 -7.16
CA THR A 74 1.05 12.18 -8.08
C THR A 74 2.50 11.91 -8.51
N THR A 75 3.37 11.55 -7.56
CA THR A 75 4.75 11.10 -7.78
C THR A 75 4.86 9.66 -8.30
N PRO A 76 5.67 9.35 -9.33
CA PRO A 76 5.85 7.99 -9.82
C PRO A 76 6.54 7.10 -8.77
N ALA A 77 5.80 6.13 -8.23
CA ALA A 77 6.34 5.06 -7.38
C ALA A 77 7.14 4.05 -8.22
N LEU A 78 8.28 3.58 -7.69
CA LEU A 78 9.19 2.63 -8.37
C LEU A 78 9.58 1.45 -7.45
N VAL A 79 9.75 0.27 -8.04
CA VAL A 79 10.36 -0.94 -7.41
C VAL A 79 11.34 -1.53 -8.42
N PHE A 80 12.58 -1.80 -7.97
CA PHE A 80 13.67 -2.27 -8.83
C PHE A 80 14.04 -1.39 -10.04
N GLY A 81 13.71 -0.09 -9.96
CA GLY A 81 13.84 0.89 -11.04
C GLY A 81 12.70 0.86 -12.09
N LYS A 82 11.61 0.10 -11.85
CA LYS A 82 10.43 0.00 -12.72
C LYS A 82 9.16 0.53 -12.04
N PRO A 83 8.22 1.14 -12.78
CA PRO A 83 7.06 1.82 -12.20
C PRO A 83 6.00 0.88 -11.61
N VAL A 84 5.36 1.35 -10.55
CA VAL A 84 4.33 0.65 -9.74
C VAL A 84 3.13 1.54 -9.42
N ARG A 85 2.07 0.96 -8.85
CA ARG A 85 0.89 1.67 -8.34
C ARG A 85 0.78 1.59 -6.83
N VAL A 86 0.30 2.66 -6.20
CA VAL A 86 0.25 2.86 -4.73
C VAL A 86 -1.06 3.59 -4.39
N HIS A 87 -1.95 2.92 -3.66
CA HIS A 87 -3.32 3.36 -3.33
C HIS A 87 -3.74 2.92 -1.92
N LEU A 88 -4.89 3.36 -1.41
CA LEU A 88 -5.50 2.83 -0.18
C LEU A 88 -6.56 1.77 -0.52
N SER A 89 -6.57 0.65 0.22
CA SER A 89 -7.65 -0.33 0.14
C SER A 89 -8.78 0.00 1.13
N GLN A 90 -10.02 0.10 0.64
CA GLN A 90 -11.23 0.17 1.48
C GLN A 90 -11.69 -1.22 1.98
N LYS A 91 -11.26 -2.30 1.30
CA LYS A 91 -11.56 -3.70 1.66
C LYS A 91 -10.68 -4.19 2.81
N TYR A 92 -9.37 -4.01 2.70
CA TYR A 92 -8.38 -4.50 3.69
C TYR A 92 -8.43 -3.88 5.09
N LYS A 93 -8.11 -4.70 6.10
CA LYS A 93 -8.29 -4.42 7.53
C LYS A 93 -6.97 -4.73 8.27
N ARG A 94 -7.02 -5.12 9.55
CA ARG A 94 -5.83 -5.65 10.27
C ARG A 94 -5.17 -6.80 9.50
N ILE A 95 -3.90 -6.61 9.12
CA ILE A 95 -3.04 -7.67 8.57
C ILE A 95 -2.59 -8.60 9.70
N LYS A 96 -2.30 -8.04 10.88
CA LYS A 96 -2.07 -8.77 12.13
C LYS A 96 -3.39 -9.38 12.64
N SER A 97 -3.58 -10.67 12.37
CA SER A 97 -4.79 -11.42 12.75
C SER A 97 -4.91 -11.64 14.26
N GLY A 98 -6.14 -11.76 14.74
CA GLY A 98 -6.50 -12.04 16.14
C GLY A 98 -7.93 -11.60 16.47
N PRO A 99 -8.71 -12.35 17.26
CA PRO A 99 -10.11 -12.05 17.56
C PRO A 99 -10.26 -10.85 18.51
N SER A 100 -11.38 -10.12 18.39
CA SER A 100 -11.74 -9.00 19.27
C SER A 100 -12.01 -9.44 20.73
N SER A 101 -12.46 -10.69 20.91
CA SER A 101 -12.84 -11.28 22.21
C SER A 101 -11.66 -11.54 23.18
N GLY A 102 -10.41 -11.49 22.71
CA GLY A 102 -9.21 -11.74 23.52
C GLY A 102 -7.90 -11.62 22.74
N GLY A 1 -7.66 -1.61 -20.59
CA GLY A 1 -8.01 -2.07 -19.24
C GLY A 1 -9.44 -1.71 -18.87
N SER A 2 -10.05 -2.48 -17.97
CA SER A 2 -11.43 -2.27 -17.48
C SER A 2 -11.59 -1.14 -16.46
N SER A 3 -10.50 -0.71 -15.81
CA SER A 3 -10.45 0.41 -14.86
C SER A 3 -10.63 1.79 -15.52
N GLY A 4 -11.05 2.78 -14.72
CA GLY A 4 -11.26 4.16 -15.16
C GLY A 4 -11.71 5.10 -14.03
N SER A 5 -11.81 6.40 -14.32
CA SER A 5 -12.22 7.45 -13.38
C SER A 5 -13.68 7.33 -12.93
N SER A 6 -13.97 7.82 -11.71
CA SER A 6 -15.32 7.86 -11.11
C SER A 6 -15.47 9.03 -10.13
N GLY A 7 -16.72 9.44 -9.88
CA GLY A 7 -17.07 10.51 -8.92
C GLY A 7 -17.27 10.00 -7.48
N GLN A 8 -16.92 10.84 -6.50
CA GLN A 8 -17.07 10.59 -5.07
C GLN A 8 -17.11 11.93 -4.27
N LYS A 9 -17.64 11.90 -3.05
CA LYS A 9 -17.72 13.08 -2.15
C LYS A 9 -16.34 13.53 -1.65
N GLY A 10 -15.42 12.58 -1.43
CA GLY A 10 -14.05 12.82 -0.97
C GLY A 10 -13.36 11.56 -0.42
N ARG A 11 -12.18 11.73 0.19
CA ARG A 11 -11.45 10.68 0.94
C ARG A 11 -12.17 10.27 2.23
N VAL A 12 -11.88 9.07 2.73
CA VAL A 12 -12.40 8.51 4.00
C VAL A 12 -11.29 8.18 5.00
N GLU A 13 -11.60 8.28 6.29
CA GLU A 13 -10.65 8.00 7.39
C GLU A 13 -10.52 6.50 7.75
N THR A 14 -11.48 5.66 7.31
CA THR A 14 -11.47 4.21 7.57
C THR A 14 -10.41 3.42 6.80
N ARG A 15 -9.85 2.38 7.45
CA ARG A 15 -8.69 1.57 7.02
C ARG A 15 -7.38 2.36 6.93
N ARG A 16 -6.26 1.64 7.12
CA ARG A 16 -4.90 2.22 7.29
C ARG A 16 -3.87 1.43 6.47
N VAL A 17 -4.30 0.85 5.35
CA VAL A 17 -3.51 -0.08 4.54
C VAL A 17 -3.24 0.52 3.16
N VAL A 18 -1.95 0.64 2.84
CA VAL A 18 -1.46 0.98 1.50
C VAL A 18 -1.40 -0.27 0.62
N HIS A 19 -2.19 -0.27 -0.46
CA HIS A 19 -2.20 -1.27 -1.53
C HIS A 19 -1.18 -0.88 -2.61
N ILE A 20 -0.36 -1.83 -3.05
CA ILE A 20 0.71 -1.63 -4.04
C ILE A 20 0.67 -2.76 -5.08
N MET A 21 0.76 -2.41 -6.36
CA MET A 21 0.60 -3.31 -7.50
C MET A 21 1.67 -3.10 -8.58
N ASP A 22 1.87 -4.10 -9.43
CA ASP A 22 2.69 -4.03 -10.65
C ASP A 22 4.23 -4.00 -10.49
N PHE A 23 4.73 -4.33 -9.30
CA PHE A 23 6.17 -4.44 -9.01
C PHE A 23 6.92 -5.57 -9.74
N GLN A 24 8.24 -5.40 -9.90
CA GLN A 24 9.14 -6.49 -10.30
C GLN A 24 9.59 -7.28 -9.06
N ARG A 25 9.79 -8.59 -9.20
CA ARG A 25 10.28 -9.48 -8.15
C ARG A 25 11.81 -9.39 -7.96
N GLY A 26 12.29 -9.72 -6.76
CA GLY A 26 13.72 -9.75 -6.42
C GLY A 26 13.99 -10.11 -4.95
N LYS A 27 15.27 -10.25 -4.58
CA LYS A 27 15.71 -10.70 -3.24
C LYS A 27 15.23 -9.80 -2.10
N ASN A 28 15.35 -8.49 -2.27
CA ASN A 28 15.00 -7.45 -1.29
C ASN A 28 13.57 -6.89 -1.47
N LEU A 29 12.65 -7.65 -2.07
CA LEU A 29 11.32 -7.17 -2.47
C LEU A 29 10.53 -6.54 -1.31
N ARG A 30 10.42 -7.21 -0.16
CA ARG A 30 9.71 -6.69 1.03
C ARG A 30 10.24 -5.32 1.45
N TYR A 31 11.56 -5.14 1.45
CA TYR A 31 12.20 -3.84 1.65
C TYR A 31 11.81 -2.75 0.64
N GLN A 32 11.77 -3.09 -0.64
CA GLN A 32 11.35 -2.17 -1.71
C GLN A 32 9.90 -1.69 -1.53
N LEU A 33 8.94 -2.56 -1.20
CA LEU A 33 7.57 -2.16 -0.87
C LEU A 33 7.51 -1.29 0.41
N LEU A 34 8.23 -1.69 1.47
CA LEU A 34 8.27 -0.93 2.73
C LEU A 34 8.81 0.48 2.55
N GLN A 35 9.85 0.68 1.73
CA GLN A 35 10.45 2.00 1.49
C GLN A 35 9.50 3.02 0.82
N LEU A 36 8.38 2.60 0.25
CA LEU A 36 7.34 3.50 -0.28
C LEU A 36 6.47 4.13 0.83
N VAL A 37 6.56 3.63 2.07
CA VAL A 37 5.71 4.04 3.21
C VAL A 37 6.47 4.24 4.55
N GLU A 38 7.66 3.66 4.70
CA GLU A 38 8.61 3.90 5.81
C GLU A 38 8.87 5.39 6.13
N PRO A 39 9.18 6.27 5.14
CA PRO A 39 9.36 7.70 5.42
C PRO A 39 8.05 8.42 5.79
N PHE A 40 6.88 7.81 5.49
CA PHE A 40 5.56 8.38 5.73
C PHE A 40 4.95 8.16 7.12
N GLY A 41 5.50 7.23 7.89
CA GLY A 41 5.04 6.91 9.23
C GLY A 41 5.45 5.54 9.74
N VAL A 42 4.76 5.09 10.80
CA VAL A 42 5.02 3.83 11.50
C VAL A 42 4.40 2.63 10.78
N ILE A 43 5.23 1.68 10.35
CA ILE A 43 4.80 0.36 9.84
C ILE A 43 4.17 -0.43 11.00
N SER A 44 2.91 -0.84 10.82
CA SER A 44 2.23 -1.79 11.71
C SER A 44 2.56 -3.23 11.28
N ASN A 45 2.27 -3.56 10.02
CA ASN A 45 2.32 -4.94 9.47
C ASN A 45 2.46 -4.95 7.93
N HIS A 46 2.91 -6.05 7.33
CA HIS A 46 3.14 -6.20 5.89
C HIS A 46 2.60 -7.55 5.35
N LEU A 47 2.24 -7.57 4.06
CA LEU A 47 1.72 -8.73 3.33
C LEU A 47 2.12 -8.62 1.85
N ILE A 48 2.90 -9.59 1.34
CA ILE A 48 3.30 -9.69 -0.07
C ILE A 48 2.66 -10.94 -0.69
N LEU A 49 1.89 -10.78 -1.76
CA LEU A 49 1.21 -11.90 -2.45
C LEU A 49 2.20 -12.71 -3.31
N ASN A 50 2.01 -14.03 -3.34
CA ASN A 50 2.83 -14.97 -4.11
C ASN A 50 2.30 -15.24 -5.54
N LYS A 51 0.98 -15.47 -5.68
CA LYS A 51 0.33 -15.84 -6.95
C LYS A 51 0.29 -14.69 -7.98
N ILE A 52 0.14 -13.46 -7.50
CA ILE A 52 0.06 -12.22 -8.27
C ILE A 52 0.94 -11.14 -7.62
N ASN A 53 1.37 -10.15 -8.42
CA ASN A 53 2.24 -9.06 -7.98
C ASN A 53 1.44 -7.94 -7.28
N GLU A 54 0.88 -8.29 -6.12
CA GLU A 54 0.14 -7.43 -5.20
C GLU A 54 0.81 -7.41 -3.82
N ALA A 55 0.69 -6.28 -3.11
CA ALA A 55 1.23 -6.10 -1.77
C ALA A 55 0.36 -5.15 -0.95
N PHE A 56 0.32 -5.37 0.36
CA PHE A 56 -0.44 -4.60 1.34
C PHE A 56 0.43 -4.29 2.56
N ILE A 57 0.53 -3.02 2.97
CA ILE A 57 1.23 -2.62 4.19
C ILE A 57 0.31 -1.78 5.06
N GLU A 58 0.11 -2.19 6.31
CA GLU A 58 -0.67 -1.47 7.31
C GLU A 58 0.23 -0.48 8.05
N MET A 59 -0.24 0.76 8.17
CA MET A 59 0.36 1.77 9.03
C MET A 59 -0.33 1.82 10.38
N ALA A 60 0.36 2.27 11.42
CA ALA A 60 -0.22 2.45 12.75
C ALA A 60 -1.38 3.47 12.75
N THR A 61 -1.35 4.47 11.86
CA THR A 61 -2.38 5.52 11.71
C THR A 61 -2.95 5.69 10.30
N THR A 62 -4.19 6.16 10.21
CA THR A 62 -4.80 6.59 8.94
C THR A 62 -4.08 7.75 8.28
N GLU A 63 -3.57 8.71 9.05
CA GLU A 63 -2.81 9.85 8.53
C GLU A 63 -1.48 9.40 7.89
N ASP A 64 -0.82 8.39 8.49
CA ASP A 64 0.40 7.78 7.97
C ASP A 64 0.21 7.05 6.64
N ALA A 65 -0.89 6.28 6.52
CA ALA A 65 -1.29 5.60 5.31
C ALA A 65 -1.74 6.59 4.21
N GLN A 66 -2.54 7.59 4.58
CA GLN A 66 -3.01 8.63 3.66
C GLN A 66 -1.86 9.47 3.10
N ALA A 67 -0.87 9.84 3.94
CA ALA A 67 0.27 10.65 3.50
C ALA A 67 1.13 9.96 2.42
N ALA A 68 1.34 8.65 2.55
CA ALA A 68 2.08 7.85 1.56
C ALA A 68 1.38 7.83 0.19
N VAL A 69 0.08 7.54 0.18
CA VAL A 69 -0.71 7.48 -1.06
C VAL A 69 -0.92 8.88 -1.66
N ASP A 70 -1.14 9.90 -0.85
CA ASP A 70 -1.30 11.28 -1.31
C ASP A 70 -0.06 11.82 -2.07
N TYR A 71 1.13 11.37 -1.69
CA TYR A 71 2.36 11.59 -2.43
C TYR A 71 2.50 10.68 -3.66
N TYR A 72 2.32 9.36 -3.48
CA TYR A 72 2.54 8.35 -4.53
C TYR A 72 1.45 8.18 -5.61
N THR A 73 0.32 8.87 -5.45
CA THR A 73 -0.70 9.03 -6.50
C THR A 73 -0.32 10.05 -7.58
N THR A 74 0.45 11.08 -7.19
CA THR A 74 1.03 12.10 -8.10
C THR A 74 2.49 11.87 -8.52
N THR A 75 3.37 11.56 -7.56
CA THR A 75 4.76 11.13 -7.78
C THR A 75 4.85 9.66 -8.23
N PRO A 76 5.67 9.31 -9.24
CA PRO A 76 5.84 7.91 -9.67
C PRO A 76 6.50 7.06 -8.58
N ALA A 77 5.80 6.04 -8.10
CA ALA A 77 6.35 5.01 -7.22
C ALA A 77 7.20 4.01 -8.04
N LEU A 78 8.32 3.55 -7.48
CA LEU A 78 9.26 2.62 -8.12
C LEU A 78 9.63 1.43 -7.21
N VAL A 79 9.79 0.24 -7.80
CA VAL A 79 10.37 -0.96 -7.16
C VAL A 79 11.40 -1.55 -8.13
N PHE A 80 12.62 -1.81 -7.66
CA PHE A 80 13.75 -2.27 -8.47
C PHE A 80 14.15 -1.40 -9.67
N GLY A 81 13.81 -0.10 -9.62
CA GLY A 81 13.96 0.86 -10.71
C GLY A 81 12.85 0.83 -11.78
N LYS A 82 11.76 0.08 -11.57
CA LYS A 82 10.60 -0.03 -12.46
C LYS A 82 9.31 0.52 -11.81
N PRO A 83 8.40 1.15 -12.57
CA PRO A 83 7.24 1.84 -12.03
C PRO A 83 6.15 0.91 -11.48
N VAL A 84 5.47 1.37 -10.42
CA VAL A 84 4.41 0.66 -9.67
C VAL A 84 3.21 1.57 -9.36
N ARG A 85 2.10 0.97 -8.91
CA ARG A 85 0.85 1.68 -8.55
C ARG A 85 0.60 1.62 -7.05
N VAL A 86 0.11 2.71 -6.45
CA VAL A 86 -0.02 2.89 -4.99
C VAL A 86 -1.35 3.56 -4.63
N HIS A 87 -2.16 2.89 -3.82
CA HIS A 87 -3.54 3.26 -3.44
C HIS A 87 -3.84 2.89 -1.98
N LEU A 88 -4.98 3.29 -1.42
CA LEU A 88 -5.47 2.76 -0.12
C LEU A 88 -6.40 1.55 -0.36
N SER A 89 -6.29 0.51 0.46
CA SER A 89 -7.11 -0.70 0.34
C SER A 89 -8.57 -0.47 0.75
N GLN A 90 -9.51 -0.92 -0.08
CA GLN A 90 -10.94 -0.98 0.24
C GLN A 90 -11.33 -2.30 0.95
N LYS A 91 -10.36 -3.15 1.28
CA LYS A 91 -10.53 -4.50 1.84
C LYS A 91 -9.93 -4.63 3.24
N TYR A 92 -8.61 -4.43 3.36
CA TYR A 92 -7.85 -4.74 4.58
C TYR A 92 -8.07 -3.82 5.79
N LYS A 93 -8.93 -4.24 6.72
CA LYS A 93 -9.14 -3.57 8.03
C LYS A 93 -7.96 -3.82 8.99
N ARG A 94 -7.36 -5.01 8.91
CA ARG A 94 -6.20 -5.46 9.70
C ARG A 94 -5.39 -6.50 8.90
N ILE A 95 -4.07 -6.36 8.87
CA ILE A 95 -3.15 -7.35 8.26
C ILE A 95 -2.63 -8.35 9.31
N LYS A 96 -2.65 -9.64 8.96
CA LYS A 96 -2.00 -10.74 9.68
C LYS A 96 -0.71 -11.15 8.94
N SER A 97 0.38 -11.37 9.68
CA SER A 97 1.70 -11.72 9.12
C SER A 97 2.54 -12.57 10.08
N GLY A 98 3.54 -13.28 9.53
CA GLY A 98 4.43 -14.18 10.28
C GLY A 98 5.50 -14.86 9.40
N PRO A 99 6.26 -15.83 9.95
CA PRO A 99 7.32 -16.53 9.23
C PRO A 99 6.84 -17.28 7.97
N SER A 100 7.71 -17.38 6.96
CA SER A 100 7.44 -18.09 5.69
C SER A 100 7.26 -19.60 5.84
N SER A 101 7.74 -20.19 6.93
CA SER A 101 7.53 -21.60 7.31
C SER A 101 6.10 -21.93 7.80
N GLY A 102 5.28 -20.91 8.12
CA GLY A 102 3.88 -21.04 8.58
C GLY A 102 3.75 -21.68 9.96
N GLY A 1 -17.35 -5.28 -6.74
CA GLY A 1 -18.76 -4.90 -7.02
C GLY A 1 -19.15 -5.23 -8.45
N SER A 2 -20.42 -5.59 -8.68
CA SER A 2 -20.95 -6.02 -9.99
C SER A 2 -20.91 -4.94 -11.09
N SER A 3 -20.77 -3.66 -10.72
CA SER A 3 -20.54 -2.52 -11.63
C SER A 3 -19.15 -2.54 -12.30
N GLY A 4 -18.19 -3.31 -11.78
CA GLY A 4 -16.79 -3.29 -12.20
C GLY A 4 -15.99 -2.05 -11.76
N SER A 5 -16.56 -1.20 -10.89
CA SER A 5 -15.92 0.02 -10.39
C SER A 5 -14.66 -0.28 -9.56
N SER A 6 -13.58 0.47 -9.80
CA SER A 6 -12.28 0.34 -9.10
C SER A 6 -11.47 1.64 -9.19
N GLY A 7 -10.52 1.86 -8.28
CA GLY A 7 -9.62 3.01 -8.27
C GLY A 7 -10.33 4.36 -8.03
N GLN A 8 -11.38 4.36 -7.20
CA GLN A 8 -12.26 5.51 -6.97
C GLN A 8 -11.55 6.71 -6.33
N LYS A 9 -12.02 7.93 -6.65
CA LYS A 9 -11.48 9.21 -6.15
C LYS A 9 -11.74 9.44 -4.64
N GLY A 10 -12.83 8.88 -4.11
CA GLY A 10 -13.25 9.04 -2.72
C GLY A 10 -12.23 8.50 -1.70
N ARG A 11 -11.95 9.29 -0.66
CA ARG A 11 -11.02 8.95 0.45
C ARG A 11 -11.63 7.94 1.42
N VAL A 12 -10.78 7.24 2.18
CA VAL A 12 -11.15 6.32 3.26
C VAL A 12 -10.36 6.61 4.54
N GLU A 13 -11.03 6.47 5.69
CA GLU A 13 -10.44 6.62 7.04
C GLU A 13 -10.47 5.31 7.86
N THR A 14 -11.11 4.25 7.33
CA THR A 14 -11.12 2.90 7.92
C THR A 14 -9.83 2.10 7.67
N ARG A 15 -9.30 1.46 8.72
CA ARG A 15 -7.95 0.83 8.73
C ARG A 15 -6.85 1.78 8.24
N ARG A 16 -5.67 1.23 7.90
CA ARG A 16 -4.48 1.99 7.47
C ARG A 16 -3.73 1.31 6.31
N VAL A 17 -4.44 0.53 5.47
CA VAL A 17 -3.82 -0.35 4.46
C VAL A 17 -3.51 0.35 3.14
N VAL A 18 -2.23 0.49 2.85
CA VAL A 18 -1.68 0.88 1.53
C VAL A 18 -1.60 -0.35 0.63
N HIS A 19 -2.31 -0.33 -0.49
CA HIS A 19 -2.25 -1.30 -1.58
C HIS A 19 -1.16 -0.91 -2.58
N ILE A 20 -0.32 -1.87 -2.98
CA ILE A 20 0.78 -1.69 -3.95
C ILE A 20 0.69 -2.81 -5.01
N MET A 21 0.78 -2.43 -6.29
CA MET A 21 0.58 -3.30 -7.45
C MET A 21 1.65 -3.12 -8.53
N ASP A 22 1.77 -4.11 -9.42
CA ASP A 22 2.59 -4.04 -10.64
C ASP A 22 4.12 -4.07 -10.49
N PHE A 23 4.61 -4.47 -9.31
CA PHE A 23 6.04 -4.57 -9.00
C PHE A 23 6.86 -5.65 -9.73
N GLN A 24 8.16 -5.42 -9.89
CA GLN A 24 9.12 -6.45 -10.30
C GLN A 24 9.65 -7.18 -9.05
N ARG A 25 9.96 -8.47 -9.16
CA ARG A 25 10.43 -9.31 -8.04
C ARG A 25 11.96 -9.41 -7.93
N GLY A 26 12.44 -9.68 -6.72
CA GLY A 26 13.86 -9.83 -6.37
C GLY A 26 14.08 -10.07 -4.87
N LYS A 27 15.33 -10.29 -4.46
CA LYS A 27 15.71 -10.66 -3.07
C LYS A 27 15.20 -9.67 -2.01
N ASN A 28 15.30 -8.36 -2.31
CA ASN A 28 14.92 -7.26 -1.41
C ASN A 28 13.49 -6.72 -1.62
N LEU A 29 12.59 -7.48 -2.26
CA LEU A 29 11.24 -7.03 -2.65
C LEU A 29 10.42 -6.46 -1.48
N ARG A 30 10.43 -7.12 -0.31
CA ARG A 30 9.74 -6.63 0.90
C ARG A 30 10.26 -5.24 1.32
N TYR A 31 11.57 -5.04 1.31
CA TYR A 31 12.18 -3.71 1.48
C TYR A 31 11.76 -2.65 0.44
N GLN A 32 11.79 -3.02 -0.84
CA GLN A 32 11.39 -2.14 -1.95
C GLN A 32 9.93 -1.66 -1.84
N LEU A 33 9.04 -2.49 -1.29
CA LEU A 33 7.65 -2.13 -1.03
C LEU A 33 7.46 -1.36 0.28
N LEU A 34 8.16 -1.74 1.36
CA LEU A 34 8.14 -1.02 2.65
C LEU A 34 8.69 0.41 2.52
N GLN A 35 9.78 0.62 1.79
CA GLN A 35 10.45 1.93 1.69
C GLN A 35 9.61 3.00 0.96
N LEU A 36 8.50 2.62 0.32
CA LEU A 36 7.49 3.55 -0.21
C LEU A 36 6.60 4.18 0.89
N VAL A 37 6.57 3.61 2.10
CA VAL A 37 5.69 4.03 3.21
C VAL A 37 6.40 4.18 4.57
N GLU A 38 7.56 3.55 4.77
CA GLU A 38 8.47 3.78 5.90
C GLU A 38 8.79 5.26 6.22
N PRO A 39 9.12 6.13 5.22
CA PRO A 39 9.33 7.56 5.48
C PRO A 39 8.03 8.31 5.84
N PHE A 40 6.86 7.73 5.56
CA PHE A 40 5.54 8.31 5.84
C PHE A 40 4.95 8.07 7.23
N GLY A 41 5.52 7.11 7.99
CA GLY A 41 5.10 6.78 9.34
C GLY A 41 5.56 5.40 9.81
N VAL A 42 5.04 4.99 10.97
CA VAL A 42 5.27 3.68 11.58
C VAL A 42 4.51 2.58 10.81
N ILE A 43 5.21 1.52 10.44
CA ILE A 43 4.61 0.29 9.89
C ILE A 43 3.91 -0.49 11.02
N SER A 44 2.61 -0.75 10.88
CA SER A 44 1.84 -1.66 11.74
C SER A 44 2.09 -3.11 11.34
N ASN A 45 1.97 -3.42 10.03
CA ASN A 45 2.14 -4.77 9.47
C ASN A 45 2.35 -4.76 7.94
N HIS A 46 2.80 -5.89 7.37
CA HIS A 46 2.97 -6.09 5.93
C HIS A 46 2.45 -7.47 5.46
N LEU A 47 2.09 -7.56 4.18
CA LEU A 47 1.67 -8.77 3.48
C LEU A 47 2.00 -8.66 1.98
N ILE A 48 2.87 -9.54 1.47
CA ILE A 48 3.26 -9.60 0.05
C ILE A 48 2.67 -10.88 -0.57
N LEU A 49 1.85 -10.77 -1.62
CA LEU A 49 1.26 -11.94 -2.30
C LEU A 49 2.25 -12.57 -3.30
N ASN A 50 2.16 -13.89 -3.50
CA ASN A 50 3.05 -14.66 -4.40
C ASN A 50 2.39 -15.15 -5.70
N LYS A 51 1.06 -15.37 -5.71
CA LYS A 51 0.30 -15.79 -6.90
C LYS A 51 0.20 -14.68 -7.95
N ILE A 52 0.06 -13.43 -7.49
CA ILE A 52 -0.03 -12.18 -8.27
C ILE A 52 0.85 -11.11 -7.62
N ASN A 53 1.30 -10.13 -8.41
CA ASN A 53 2.16 -9.03 -7.95
C ASN A 53 1.34 -7.91 -7.26
N GLU A 54 0.79 -8.27 -6.11
CA GLU A 54 0.02 -7.43 -5.19
C GLU A 54 0.61 -7.47 -3.77
N ALA A 55 0.55 -6.36 -3.04
CA ALA A 55 1.03 -6.24 -1.67
C ALA A 55 0.20 -5.23 -0.86
N PHE A 56 0.11 -5.48 0.44
CA PHE A 56 -0.68 -4.71 1.39
C PHE A 56 0.17 -4.38 2.62
N ILE A 57 0.29 -3.09 2.95
CA ILE A 57 1.08 -2.62 4.10
C ILE A 57 0.21 -1.72 4.98
N GLU A 58 0.01 -2.11 6.22
CA GLU A 58 -0.77 -1.36 7.19
C GLU A 58 0.14 -0.40 7.96
N MET A 59 -0.18 0.89 7.98
CA MET A 59 0.47 1.89 8.82
C MET A 59 -0.11 1.91 10.24
N ALA A 60 0.55 2.53 11.20
CA ALA A 60 0.01 2.66 12.56
C ALA A 60 -1.16 3.66 12.66
N THR A 61 -1.24 4.63 11.74
CA THR A 61 -2.35 5.59 11.60
C THR A 61 -2.91 5.73 10.18
N THR A 62 -4.21 6.02 10.04
CA THR A 62 -4.80 6.33 8.73
C THR A 62 -4.16 7.55 8.07
N GLU A 63 -3.76 8.56 8.84
CA GLU A 63 -3.10 9.76 8.33
C GLU A 63 -1.72 9.46 7.73
N ASP A 64 -0.98 8.50 8.30
CA ASP A 64 0.30 8.01 7.76
C ASP A 64 0.16 7.28 6.41
N ALA A 65 -0.84 6.40 6.30
CA ALA A 65 -1.20 5.71 5.07
C ALA A 65 -1.71 6.68 3.99
N GLN A 66 -2.57 7.62 4.38
CA GLN A 66 -3.08 8.67 3.51
C GLN A 66 -1.95 9.56 2.98
N ALA A 67 -1.00 9.98 3.82
CA ALA A 67 0.14 10.79 3.40
C ALA A 67 1.04 10.09 2.37
N ALA A 68 1.28 8.78 2.52
CA ALA A 68 2.04 7.99 1.56
C ALA A 68 1.37 7.95 0.17
N VAL A 69 0.06 7.65 0.13
CA VAL A 69 -0.71 7.58 -1.12
C VAL A 69 -0.92 8.98 -1.72
N ASP A 70 -1.14 10.00 -0.90
CA ASP A 70 -1.22 11.41 -1.33
C ASP A 70 0.03 11.93 -2.06
N TYR A 71 1.21 11.40 -1.71
CA TYR A 71 2.45 11.64 -2.44
C TYR A 71 2.65 10.73 -3.66
N TYR A 72 2.41 9.41 -3.51
CA TYR A 72 2.60 8.40 -4.55
C TYR A 72 1.53 8.23 -5.63
N THR A 73 0.39 8.90 -5.47
CA THR A 73 -0.64 9.05 -6.53
C THR A 73 -0.22 10.03 -7.64
N THR A 74 0.55 11.07 -7.27
CA THR A 74 1.15 12.05 -8.20
C THR A 74 2.62 11.78 -8.59
N THR A 75 3.46 11.44 -7.61
CA THR A 75 4.84 10.98 -7.80
C THR A 75 4.95 9.53 -8.28
N PRO A 76 5.78 9.19 -9.28
CA PRO A 76 5.97 7.81 -9.71
C PRO A 76 6.65 6.96 -8.62
N ALA A 77 5.91 5.98 -8.08
CA ALA A 77 6.47 4.95 -7.20
C ALA A 77 7.30 3.95 -8.01
N LEU A 78 8.44 3.49 -7.48
CA LEU A 78 9.36 2.56 -8.13
C LEU A 78 9.71 1.35 -7.23
N VAL A 79 9.87 0.18 -7.85
CA VAL A 79 10.43 -1.05 -7.25
C VAL A 79 11.47 -1.61 -8.21
N PHE A 80 12.70 -1.84 -7.72
CA PHE A 80 13.87 -2.22 -8.54
C PHE A 80 14.23 -1.26 -9.69
N GLY A 81 13.81 0.00 -9.57
CA GLY A 81 13.88 1.05 -10.61
C GLY A 81 12.71 1.06 -11.61
N LYS A 82 11.75 0.12 -11.52
CA LYS A 82 10.61 -0.02 -12.43
C LYS A 82 9.32 0.53 -11.81
N PRO A 83 8.43 1.17 -12.59
CA PRO A 83 7.25 1.85 -12.07
C PRO A 83 6.17 0.90 -11.51
N VAL A 84 5.54 1.34 -10.42
CA VAL A 84 4.48 0.63 -9.67
C VAL A 84 3.31 1.55 -9.31
N ARG A 85 2.20 0.97 -8.81
CA ARG A 85 0.98 1.70 -8.42
C ARG A 85 0.74 1.62 -6.92
N VAL A 86 0.29 2.71 -6.30
CA VAL A 86 0.17 2.88 -4.84
C VAL A 86 -1.15 3.59 -4.50
N HIS A 87 -2.02 2.93 -3.74
CA HIS A 87 -3.40 3.34 -3.42
C HIS A 87 -3.78 2.92 -1.98
N LEU A 88 -4.94 3.35 -1.46
CA LEU A 88 -5.51 2.81 -0.22
C LEU A 88 -6.48 1.66 -0.54
N SER A 89 -6.39 0.55 0.19
CA SER A 89 -7.22 -0.64 -0.08
C SER A 89 -8.70 -0.37 0.16
N GLN A 90 -9.53 -0.79 -0.80
CA GLN A 90 -10.99 -0.76 -0.72
C GLN A 90 -11.58 -2.08 -0.17
N LYS A 91 -10.72 -3.04 0.20
CA LYS A 91 -11.10 -4.43 0.54
C LYS A 91 -10.54 -4.94 1.88
N TYR A 92 -9.28 -4.64 2.19
CA TYR A 92 -8.56 -5.21 3.34
C TYR A 92 -8.94 -4.74 4.76
N LYS A 93 -9.11 -5.72 5.65
CA LYS A 93 -9.24 -5.54 7.11
C LYS A 93 -7.83 -5.39 7.74
N ARG A 94 -7.72 -5.41 9.07
CA ARG A 94 -6.42 -5.44 9.78
C ARG A 94 -5.58 -6.64 9.30
N ILE A 95 -4.33 -6.40 8.95
CA ILE A 95 -3.47 -7.39 8.27
C ILE A 95 -3.00 -8.50 9.22
N LYS A 96 -2.98 -9.73 8.70
CA LYS A 96 -2.38 -10.94 9.29
C LYS A 96 -1.65 -11.72 8.20
N SER A 97 -0.33 -11.90 8.34
CA SER A 97 0.48 -12.69 7.40
C SER A 97 0.29 -14.19 7.64
N GLY A 98 -0.05 -14.94 6.59
CA GLY A 98 -0.36 -16.38 6.62
C GLY A 98 -1.70 -16.74 7.30
N PRO A 99 -2.26 -17.95 7.06
CA PRO A 99 -3.49 -18.42 7.69
C PRO A 99 -3.43 -18.55 9.22
N SER A 100 -4.59 -18.69 9.85
CA SER A 100 -4.72 -19.07 11.27
C SER A 100 -4.47 -20.58 11.49
N SER A 101 -4.91 -21.41 10.54
CA SER A 101 -4.73 -22.87 10.52
C SER A 101 -3.26 -23.29 10.32
N GLY A 102 -2.92 -24.48 10.82
CA GLY A 102 -1.58 -25.09 10.68
C GLY A 102 -1.48 -26.47 11.37
N GLY A 1 -25.73 7.45 -10.50
CA GLY A 1 -24.64 6.47 -10.37
C GLY A 1 -25.13 5.18 -9.74
N SER A 2 -24.55 4.04 -10.13
CA SER A 2 -24.93 2.67 -9.70
C SER A 2 -24.44 2.30 -8.29
N SER A 3 -24.79 3.12 -7.29
CA SER A 3 -24.30 3.04 -5.89
C SER A 3 -22.77 3.16 -5.75
N GLY A 4 -22.24 2.99 -4.54
CA GLY A 4 -20.82 3.13 -4.21
C GLY A 4 -20.30 4.57 -4.33
N SER A 5 -19.09 4.73 -4.88
CA SER A 5 -18.37 6.01 -5.04
C SER A 5 -18.05 6.72 -3.70
N SER A 6 -17.51 7.94 -3.77
CA SER A 6 -17.10 8.78 -2.64
C SER A 6 -18.29 9.25 -1.77
N GLY A 7 -18.00 9.65 -0.53
CA GLY A 7 -18.99 10.15 0.44
C GLY A 7 -19.60 11.51 0.06
N GLN A 8 -20.71 11.87 0.73
CA GLN A 8 -21.40 13.15 0.53
C GLN A 8 -20.48 14.35 0.87
N LYS A 9 -20.46 15.36 -0.03
CA LYS A 9 -19.54 16.52 -0.08
C LYS A 9 -18.04 16.17 -0.26
N GLY A 10 -17.56 15.06 0.27
CA GLY A 10 -16.20 14.54 0.08
C GLY A 10 -15.91 13.25 0.87
N ARG A 11 -14.74 12.66 0.65
CA ARG A 11 -14.23 11.49 1.37
C ARG A 11 -13.81 11.84 2.81
N VAL A 12 -14.03 10.91 3.75
CA VAL A 12 -13.52 10.96 5.14
C VAL A 12 -12.39 9.96 5.40
N GLU A 13 -11.56 10.21 6.41
CA GLU A 13 -10.41 9.37 6.74
C GLU A 13 -10.83 8.01 7.37
N THR A 14 -10.68 6.94 6.60
CA THR A 14 -10.86 5.53 7.01
C THR A 14 -9.77 4.58 6.49
N ARG A 15 -9.55 3.46 7.19
CA ARG A 15 -8.51 2.44 6.91
C ARG A 15 -7.07 2.97 7.01
N ARG A 16 -6.11 2.03 7.08
CA ARG A 16 -4.68 2.30 7.32
C ARG A 16 -3.77 1.45 6.43
N VAL A 17 -4.32 0.82 5.39
CA VAL A 17 -3.60 -0.17 4.56
C VAL A 17 -3.32 0.35 3.16
N VAL A 18 -2.03 0.52 2.86
CA VAL A 18 -1.52 0.84 1.52
C VAL A 18 -1.43 -0.41 0.66
N HIS A 19 -2.18 -0.43 -0.44
CA HIS A 19 -2.12 -1.42 -1.52
C HIS A 19 -1.06 -1.01 -2.55
N ILE A 20 -0.19 -1.94 -2.93
CA ILE A 20 0.90 -1.75 -3.90
C ILE A 20 0.83 -2.86 -4.95
N MET A 21 0.88 -2.49 -6.23
CA MET A 21 0.63 -3.37 -7.38
C MET A 21 1.64 -3.16 -8.52
N ASP A 22 1.74 -4.13 -9.43
CA ASP A 22 2.53 -4.06 -10.67
C ASP A 22 4.06 -4.07 -10.55
N PHE A 23 4.59 -4.42 -9.37
CA PHE A 23 6.02 -4.51 -9.08
C PHE A 23 6.83 -5.58 -9.83
N GLN A 24 8.13 -5.32 -10.03
CA GLN A 24 9.11 -6.34 -10.43
C GLN A 24 9.61 -7.08 -9.19
N ARG A 25 9.96 -8.36 -9.32
CA ARG A 25 10.44 -9.20 -8.20
C ARG A 25 11.97 -9.29 -8.12
N GLY A 26 12.47 -9.56 -6.91
CA GLY A 26 13.89 -9.70 -6.57
C GLY A 26 14.10 -9.93 -5.06
N LYS A 27 15.33 -10.25 -4.64
CA LYS A 27 15.65 -10.66 -3.25
C LYS A 27 15.31 -9.62 -2.18
N ASN A 28 15.37 -8.32 -2.51
CA ASN A 28 15.02 -7.19 -1.64
C ASN A 28 13.56 -6.68 -1.80
N LEU A 29 12.66 -7.41 -2.49
CA LEU A 29 11.30 -6.96 -2.81
C LEU A 29 10.50 -6.46 -1.60
N ARG A 30 10.59 -7.17 -0.47
CA ARG A 30 9.92 -6.81 0.79
C ARG A 30 10.36 -5.43 1.28
N TYR A 31 11.66 -5.14 1.22
CA TYR A 31 12.21 -3.80 1.43
C TYR A 31 11.77 -2.73 0.43
N GLN A 32 11.82 -3.06 -0.86
CA GLN A 32 11.42 -2.15 -1.96
C GLN A 32 9.96 -1.69 -1.84
N LEU A 33 9.08 -2.53 -1.28
CA LEU A 33 7.68 -2.21 -1.00
C LEU A 33 7.50 -1.45 0.33
N LEU A 34 8.19 -1.85 1.40
CA LEU A 34 8.16 -1.16 2.70
C LEU A 34 8.69 0.28 2.60
N GLN A 35 9.79 0.52 1.87
CA GLN A 35 10.44 1.83 1.77
C GLN A 35 9.59 2.91 1.06
N LEU A 36 8.48 2.52 0.41
CA LEU A 36 7.48 3.46 -0.13
C LEU A 36 6.59 4.09 0.96
N VAL A 37 6.55 3.51 2.17
CA VAL A 37 5.67 3.92 3.27
C VAL A 37 6.36 4.05 4.65
N GLU A 38 7.53 3.44 4.84
CA GLU A 38 8.43 3.64 5.99
C GLU A 38 8.71 5.13 6.34
N PRO A 39 9.06 6.02 5.38
CA PRO A 39 9.25 7.45 5.68
C PRO A 39 7.94 8.18 6.02
N PHE A 40 6.77 7.60 5.68
CA PHE A 40 5.46 8.18 5.92
C PHE A 40 4.82 7.94 7.29
N GLY A 41 5.36 6.99 8.07
CA GLY A 41 4.88 6.65 9.40
C GLY A 41 5.35 5.28 9.90
N VAL A 42 4.83 4.90 11.07
CA VAL A 42 5.11 3.62 11.72
C VAL A 42 4.44 2.46 10.98
N ILE A 43 5.23 1.49 10.53
CA ILE A 43 4.73 0.22 9.99
C ILE A 43 4.10 -0.59 11.13
N SER A 44 2.82 -0.91 10.99
CA SER A 44 2.09 -1.81 11.89
C SER A 44 2.10 -3.28 11.43
N ASN A 45 2.02 -3.54 10.12
CA ASN A 45 2.25 -4.87 9.52
C ASN A 45 2.47 -4.77 7.99
N HIS A 46 2.93 -5.86 7.36
CA HIS A 46 3.00 -6.01 5.90
C HIS A 46 2.66 -7.44 5.43
N LEU A 47 2.20 -7.56 4.18
CA LEU A 47 1.80 -8.80 3.52
C LEU A 47 2.16 -8.70 2.02
N ILE A 48 2.97 -9.65 1.50
CA ILE A 48 3.37 -9.72 0.10
C ILE A 48 2.75 -10.97 -0.54
N LEU A 49 1.98 -10.81 -1.63
CA LEU A 49 1.33 -11.93 -2.33
C LEU A 49 2.34 -12.68 -3.23
N ASN A 50 2.17 -14.01 -3.33
CA ASN A 50 3.00 -14.90 -4.15
C ASN A 50 2.42 -15.18 -5.56
N LYS A 51 1.11 -15.47 -5.65
CA LYS A 51 0.42 -15.84 -6.90
C LYS A 51 0.31 -14.68 -7.91
N ILE A 52 0.13 -13.46 -7.39
CA ILE A 52 0.01 -12.21 -8.14
C ILE A 52 0.91 -11.13 -7.49
N ASN A 53 1.31 -10.13 -8.28
CA ASN A 53 2.19 -9.04 -7.86
C ASN A 53 1.40 -7.93 -7.14
N GLU A 54 0.93 -8.29 -5.94
CA GLU A 54 0.18 -7.45 -5.00
C GLU A 54 0.86 -7.44 -3.62
N ALA A 55 0.75 -6.34 -2.88
CA ALA A 55 1.19 -6.23 -1.49
C ALA A 55 0.33 -5.25 -0.69
N PHE A 56 0.15 -5.55 0.59
CA PHE A 56 -0.64 -4.77 1.55
C PHE A 56 0.18 -4.38 2.78
N ILE A 57 0.30 -3.09 3.08
CA ILE A 57 1.11 -2.59 4.20
C ILE A 57 0.27 -1.71 5.11
N GLU A 58 0.09 -2.15 6.35
CA GLU A 58 -0.71 -1.49 7.38
C GLU A 58 0.14 -0.51 8.18
N MET A 59 -0.32 0.73 8.30
CA MET A 59 0.27 1.79 9.11
C MET A 59 -0.39 1.88 10.48
N ALA A 60 0.29 2.49 11.46
CA ALA A 60 -0.28 2.75 12.78
C ALA A 60 -1.44 3.78 12.76
N THR A 61 -1.50 4.65 11.74
CA THR A 61 -2.57 5.65 11.54
C THR A 61 -3.13 5.76 10.12
N THR A 62 -4.39 6.16 10.00
CA THR A 62 -4.99 6.55 8.72
C THR A 62 -4.30 7.76 8.07
N GLU A 63 -3.81 8.71 8.87
CA GLU A 63 -3.08 9.88 8.35
C GLU A 63 -1.72 9.48 7.75
N ASP A 64 -1.03 8.50 8.35
CA ASP A 64 0.24 7.94 7.85
C ASP A 64 0.08 7.18 6.52
N ALA A 65 -0.96 6.35 6.43
CA ALA A 65 -1.33 5.62 5.21
C ALA A 65 -1.78 6.59 4.09
N GLN A 66 -2.62 7.57 4.43
CA GLN A 66 -3.08 8.59 3.49
C GLN A 66 -1.94 9.45 2.97
N ALA A 67 -0.98 9.85 3.81
CA ALA A 67 0.16 10.68 3.40
C ALA A 67 1.06 9.98 2.36
N ALA A 68 1.29 8.67 2.51
CA ALA A 68 2.06 7.88 1.54
C ALA A 68 1.38 7.85 0.17
N VAL A 69 0.07 7.57 0.11
CA VAL A 69 -0.70 7.52 -1.14
C VAL A 69 -0.89 8.92 -1.74
N ASP A 70 -1.12 9.94 -0.91
CA ASP A 70 -1.19 11.34 -1.33
C ASP A 70 0.07 11.87 -2.06
N TYR A 71 1.24 11.36 -1.68
CA TYR A 71 2.50 11.61 -2.38
C TYR A 71 2.70 10.70 -3.61
N TYR A 72 2.44 9.39 -3.48
CA TYR A 72 2.65 8.39 -4.54
C TYR A 72 1.58 8.23 -5.63
N THR A 73 0.44 8.90 -5.48
CA THR A 73 -0.57 9.06 -6.54
C THR A 73 -0.17 10.08 -7.61
N THR A 74 0.58 11.12 -7.21
CA THR A 74 1.17 12.14 -8.11
C THR A 74 2.64 11.89 -8.50
N THR A 75 3.49 11.53 -7.54
CA THR A 75 4.86 11.08 -7.74
C THR A 75 4.96 9.62 -8.22
N PRO A 76 5.77 9.29 -9.24
CA PRO A 76 5.93 7.90 -9.70
C PRO A 76 6.62 7.02 -8.63
N ALA A 77 5.88 6.05 -8.09
CA ALA A 77 6.43 5.00 -7.23
C ALA A 77 7.23 4.00 -8.07
N LEU A 78 8.40 3.56 -7.57
CA LEU A 78 9.30 2.62 -8.25
C LEU A 78 9.69 1.42 -7.36
N VAL A 79 9.83 0.25 -7.98
CA VAL A 79 10.43 -0.97 -7.38
C VAL A 79 11.43 -1.53 -8.39
N PHE A 80 12.66 -1.78 -7.95
CA PHE A 80 13.77 -2.22 -8.80
C PHE A 80 14.12 -1.32 -10.01
N GLY A 81 13.78 -0.03 -9.91
CA GLY A 81 13.90 0.95 -10.99
C GLY A 81 12.76 0.95 -12.03
N LYS A 82 11.67 0.18 -11.79
CA LYS A 82 10.48 0.09 -12.66
C LYS A 82 9.21 0.59 -11.96
N PRO A 83 8.27 1.22 -12.67
CA PRO A 83 7.11 1.89 -12.07
C PRO A 83 6.06 0.92 -11.51
N VAL A 84 5.40 1.36 -10.42
CA VAL A 84 4.38 0.63 -9.65
C VAL A 84 3.17 1.51 -9.29
N ARG A 85 2.07 0.87 -8.84
CA ARG A 85 0.87 1.57 -8.33
C ARG A 85 0.83 1.57 -6.81
N VAL A 86 0.33 2.64 -6.20
CA VAL A 86 0.24 2.84 -4.75
C VAL A 86 -1.09 3.53 -4.41
N HIS A 87 -1.96 2.84 -3.67
CA HIS A 87 -3.34 3.24 -3.36
C HIS A 87 -3.75 2.79 -1.94
N LEU A 88 -4.91 3.19 -1.42
CA LEU A 88 -5.47 2.64 -0.16
C LEU A 88 -6.44 1.48 -0.44
N SER A 89 -6.36 0.42 0.36
CA SER A 89 -7.31 -0.71 0.33
C SER A 89 -8.57 -0.43 1.16
N GLN A 90 -9.75 -0.60 0.56
CA GLN A 90 -11.03 -0.61 1.27
C GLN A 90 -11.29 -1.96 1.96
N LYS A 91 -10.76 -3.06 1.41
CA LYS A 91 -10.90 -4.43 1.93
C LYS A 91 -10.08 -4.65 3.22
N TYR A 92 -8.79 -4.32 3.17
CA TYR A 92 -7.85 -4.62 4.25
C TYR A 92 -7.89 -3.73 5.52
N LYS A 93 -7.88 -4.38 6.68
CA LYS A 93 -7.75 -3.79 8.03
C LYS A 93 -7.25 -4.87 9.00
N ARG A 94 -6.30 -4.52 9.88
CA ARG A 94 -5.64 -5.44 10.83
C ARG A 94 -5.13 -6.75 10.20
N ILE A 95 -4.06 -6.61 9.41
CA ILE A 95 -3.35 -7.72 8.77
C ILE A 95 -2.80 -8.67 9.85
N LYS A 96 -2.96 -9.98 9.66
CA LYS A 96 -2.59 -11.02 10.64
C LYS A 96 -2.19 -12.33 9.93
N SER A 97 -1.25 -13.08 10.54
CA SER A 97 -0.77 -14.37 10.05
C SER A 97 -1.85 -15.47 10.03
N GLY A 98 -1.66 -16.49 9.19
CA GLY A 98 -2.58 -17.63 9.08
C GLY A 98 -2.61 -18.53 10.33
N PRO A 99 -3.67 -19.37 10.50
CA PRO A 99 -3.87 -20.21 11.69
C PRO A 99 -2.82 -21.32 11.87
N SER A 100 -2.03 -21.63 10.83
CA SER A 100 -0.87 -22.53 10.89
C SER A 100 0.35 -21.95 11.61
N SER A 101 0.38 -20.64 11.88
CA SER A 101 1.47 -19.96 12.61
C SER A 101 1.53 -20.38 14.10
N GLY A 102 2.74 -20.40 14.67
CA GLY A 102 3.02 -20.77 16.07
C GLY A 102 2.60 -19.70 17.09
N GLY A 1 -3.30 26.14 -8.59
CA GLY A 1 -3.05 25.01 -7.68
C GLY A 1 -2.25 23.90 -8.35
N SER A 2 -1.71 22.99 -7.54
CA SER A 2 -0.98 21.78 -8.00
C SER A 2 -1.92 20.70 -8.58
N SER A 3 -1.33 19.74 -9.31
CA SER A 3 -2.00 18.65 -10.06
C SER A 3 -2.99 19.14 -11.15
N GLY A 4 -3.72 18.21 -11.78
CA GLY A 4 -4.67 18.50 -12.87
C GLY A 4 -5.89 19.33 -12.44
N SER A 5 -6.54 19.97 -13.43
CA SER A 5 -7.73 20.81 -13.23
C SER A 5 -9.03 20.02 -12.95
N SER A 6 -9.07 18.73 -13.31
CA SER A 6 -10.19 17.82 -13.03
C SER A 6 -10.30 17.42 -11.55
N GLY A 7 -11.50 17.02 -11.11
CA GLY A 7 -11.76 16.54 -9.74
C GLY A 7 -11.12 15.18 -9.45
N GLN A 8 -10.68 14.98 -8.20
CA GLN A 8 -10.08 13.72 -7.74
C GLN A 8 -11.12 12.58 -7.64
N LYS A 9 -10.70 11.34 -7.90
CA LYS A 9 -11.59 10.15 -7.96
C LYS A 9 -12.24 9.81 -6.61
N GLY A 10 -11.47 9.94 -5.52
CA GLY A 10 -11.93 9.70 -4.14
C GLY A 10 -10.80 9.45 -3.15
N ARG A 11 -11.12 9.55 -1.85
CA ARG A 11 -10.23 9.31 -0.70
C ARG A 11 -10.97 8.61 0.44
N VAL A 12 -10.25 7.90 1.32
CA VAL A 12 -10.78 7.19 2.49
C VAL A 12 -10.05 7.53 3.79
N GLU A 13 -10.78 7.54 4.90
CA GLU A 13 -10.26 7.75 6.27
C GLU A 13 -10.45 6.51 7.18
N THR A 14 -11.20 5.50 6.71
CA THR A 14 -11.28 4.19 7.38
C THR A 14 -10.02 3.34 7.25
N ARG A 15 -9.56 2.80 8.39
CA ARG A 15 -8.37 1.92 8.53
C ARG A 15 -7.07 2.54 7.98
N ARG A 16 -6.00 1.74 7.89
CA ARG A 16 -4.62 2.22 7.63
C ARG A 16 -3.86 1.44 6.52
N VAL A 17 -4.57 0.73 5.64
CA VAL A 17 -3.93 -0.19 4.67
C VAL A 17 -3.62 0.43 3.30
N VAL A 18 -2.32 0.50 2.97
CA VAL A 18 -1.79 0.85 1.65
C VAL A 18 -1.70 -0.40 0.77
N HIS A 19 -2.28 -0.35 -0.43
CA HIS A 19 -2.19 -1.35 -1.50
C HIS A 19 -1.11 -0.93 -2.51
N ILE A 20 -0.24 -1.87 -2.89
CA ILE A 20 0.84 -1.67 -3.89
C ILE A 20 0.74 -2.77 -4.95
N MET A 21 0.86 -2.38 -6.23
CA MET A 21 0.67 -3.26 -7.41
C MET A 21 1.73 -3.03 -8.50
N ASP A 22 1.81 -3.95 -9.47
CA ASP A 22 2.63 -3.85 -10.69
C ASP A 22 4.16 -3.99 -10.56
N PHE A 23 4.64 -4.35 -9.37
CA PHE A 23 6.08 -4.45 -9.07
C PHE A 23 6.90 -5.52 -9.81
N GLN A 24 8.19 -5.26 -10.01
CA GLN A 24 9.17 -6.27 -10.42
C GLN A 24 9.67 -7.03 -9.18
N ARG A 25 10.01 -8.32 -9.32
CA ARG A 25 10.49 -9.16 -8.20
C ARG A 25 12.02 -9.25 -8.11
N GLY A 26 12.50 -9.54 -6.91
CA GLY A 26 13.93 -9.67 -6.56
C GLY A 26 14.16 -9.95 -5.07
N LYS A 27 15.41 -10.16 -4.66
CA LYS A 27 15.79 -10.58 -3.30
C LYS A 27 15.24 -9.66 -2.20
N ASN A 28 15.35 -8.36 -2.40
CA ASN A 28 14.95 -7.30 -1.44
C ASN A 28 13.53 -6.76 -1.67
N LEU A 29 12.65 -7.47 -2.38
CA LEU A 29 11.30 -7.00 -2.76
C LEU A 29 10.46 -6.49 -1.58
N ARG A 30 10.43 -7.26 -0.48
CA ARG A 30 9.71 -6.91 0.76
C ARG A 30 10.18 -5.56 1.31
N TYR A 31 11.51 -5.34 1.33
CA TYR A 31 12.13 -4.05 1.64
C TYR A 31 11.80 -2.89 0.70
N GLN A 32 11.84 -3.13 -0.61
CA GLN A 32 11.52 -2.13 -1.64
C GLN A 32 10.06 -1.64 -1.51
N LEU A 33 9.13 -2.56 -1.22
CA LEU A 33 7.71 -2.25 -1.01
C LEU A 33 7.48 -1.53 0.33
N LEU A 34 8.15 -1.95 1.41
CA LEU A 34 8.13 -1.23 2.69
C LEU A 34 8.66 0.21 2.55
N GLN A 35 9.71 0.44 1.78
CA GLN A 35 10.27 1.78 1.55
C GLN A 35 9.33 2.79 0.86
N LEU A 36 8.19 2.36 0.30
CA LEU A 36 7.15 3.26 -0.22
C LEU A 36 6.30 3.89 0.90
N VAL A 37 6.38 3.38 2.14
CA VAL A 37 5.57 3.82 3.28
C VAL A 37 6.33 3.98 4.60
N GLU A 38 7.51 3.36 4.76
CA GLU A 38 8.47 3.59 5.85
C GLU A 38 8.79 5.07 6.15
N PRO A 39 9.12 5.92 5.16
CA PRO A 39 9.34 7.35 5.41
C PRO A 39 8.05 8.12 5.79
N PHE A 40 6.88 7.55 5.50
CA PHE A 40 5.57 8.14 5.78
C PHE A 40 4.98 7.91 7.17
N GLY A 41 5.52 6.95 7.93
CA GLY A 41 5.08 6.63 9.28
C GLY A 41 5.50 5.25 9.78
N VAL A 42 4.92 4.86 10.91
CA VAL A 42 5.15 3.57 11.57
C VAL A 42 4.42 2.42 10.86
N ILE A 43 5.18 1.41 10.42
CA ILE A 43 4.64 0.13 9.91
C ILE A 43 3.99 -0.62 11.07
N SER A 44 2.69 -0.90 10.96
CA SER A 44 1.95 -1.79 11.86
C SER A 44 2.07 -3.26 11.42
N ASN A 45 1.83 -3.56 10.14
CA ASN A 45 1.91 -4.90 9.55
C ASN A 45 2.18 -4.82 8.02
N HIS A 46 2.74 -5.88 7.42
CA HIS A 46 2.90 -6.00 5.95
C HIS A 46 2.60 -7.42 5.44
N LEU A 47 2.19 -7.53 4.18
CA LEU A 47 1.83 -8.77 3.48
C LEU A 47 2.20 -8.64 1.98
N ILE A 48 3.00 -9.56 1.46
CA ILE A 48 3.39 -9.63 0.04
C ILE A 48 2.78 -10.89 -0.60
N LEU A 49 2.01 -10.74 -1.68
CA LEU A 49 1.36 -11.87 -2.38
C LEU A 49 2.38 -12.61 -3.27
N ASN A 50 2.26 -13.95 -3.33
CA ASN A 50 3.12 -14.82 -4.14
C ASN A 50 2.56 -15.09 -5.56
N LYS A 51 1.24 -15.37 -5.65
CA LYS A 51 0.56 -15.76 -6.92
C LYS A 51 0.45 -14.61 -7.92
N ILE A 52 0.22 -13.39 -7.42
CA ILE A 52 0.07 -12.13 -8.17
C ILE A 52 0.95 -11.05 -7.53
N ASN A 53 1.33 -10.05 -8.32
CA ASN A 53 2.21 -8.94 -7.90
C ASN A 53 1.40 -7.85 -7.18
N GLU A 54 0.92 -8.20 -5.99
CA GLU A 54 0.16 -7.37 -5.04
C GLU A 54 0.83 -7.36 -3.66
N ALA A 55 0.72 -6.26 -2.92
CA ALA A 55 1.17 -6.16 -1.54
C ALA A 55 0.29 -5.21 -0.72
N PHE A 56 0.12 -5.51 0.56
CA PHE A 56 -0.68 -4.77 1.52
C PHE A 56 0.11 -4.39 2.76
N ILE A 57 0.19 -3.11 3.09
CA ILE A 57 0.95 -2.60 4.23
C ILE A 57 0.07 -1.71 5.11
N GLU A 58 -0.18 -2.15 6.34
CA GLU A 58 -0.98 -1.43 7.32
C GLU A 58 -0.07 -0.53 8.17
N MET A 59 -0.38 0.76 8.21
CA MET A 59 0.30 1.75 9.04
C MET A 59 -0.30 1.80 10.45
N ALA A 60 0.37 2.42 11.42
CA ALA A 60 -0.20 2.68 12.75
C ALA A 60 -1.29 3.78 12.78
N THR A 61 -1.31 4.68 11.78
CA THR A 61 -2.32 5.74 11.61
C THR A 61 -2.91 5.85 10.20
N THR A 62 -4.17 6.25 10.08
CA THR A 62 -4.77 6.53 8.76
C THR A 62 -4.07 7.69 8.05
N GLU A 63 -3.66 8.72 8.78
CA GLU A 63 -2.94 9.88 8.25
C GLU A 63 -1.58 9.48 7.65
N ASP A 64 -0.87 8.52 8.24
CA ASP A 64 0.38 7.96 7.72
C ASP A 64 0.22 7.19 6.41
N ALA A 65 -0.83 6.37 6.31
CA ALA A 65 -1.22 5.66 5.09
C ALA A 65 -1.67 6.63 3.99
N GLN A 66 -2.50 7.63 4.36
CA GLN A 66 -2.99 8.66 3.45
C GLN A 66 -1.84 9.52 2.90
N ALA A 67 -0.85 9.88 3.72
CA ALA A 67 0.31 10.68 3.29
C ALA A 67 1.15 9.97 2.22
N ALA A 68 1.37 8.65 2.36
CA ALA A 68 2.09 7.85 1.37
C ALA A 68 1.38 7.83 0.01
N VAL A 69 0.07 7.56 0.00
CA VAL A 69 -0.73 7.50 -1.23
C VAL A 69 -0.93 8.89 -1.84
N ASP A 70 -1.13 9.94 -1.03
CA ASP A 70 -1.24 11.33 -1.50
C ASP A 70 0.02 11.83 -2.25
N TYR A 71 1.20 11.37 -1.82
CA TYR A 71 2.45 11.58 -2.53
C TYR A 71 2.63 10.68 -3.77
N TYR A 72 2.36 9.38 -3.64
CA TYR A 72 2.55 8.38 -4.71
C TYR A 72 1.47 8.24 -5.80
N THR A 73 0.32 8.90 -5.62
CA THR A 73 -0.70 9.05 -6.66
C THR A 73 -0.31 10.07 -7.74
N THR A 74 0.45 11.10 -7.36
CA THR A 74 1.06 12.11 -8.27
C THR A 74 2.52 11.86 -8.66
N THR A 75 3.37 11.51 -7.70
CA THR A 75 4.77 11.09 -7.89
C THR A 75 4.92 9.64 -8.35
N PRO A 76 5.73 9.32 -9.37
CA PRO A 76 5.93 7.93 -9.81
C PRO A 76 6.62 7.08 -8.72
N ALA A 77 5.89 6.08 -8.20
CA ALA A 77 6.44 5.06 -7.32
C ALA A 77 7.28 4.05 -8.12
N LEU A 78 8.43 3.62 -7.57
CA LEU A 78 9.36 2.68 -8.22
C LEU A 78 9.75 1.51 -7.29
N VAL A 79 9.93 0.32 -7.87
CA VAL A 79 10.51 -0.87 -7.24
C VAL A 79 11.53 -1.46 -8.22
N PHE A 80 12.75 -1.72 -7.76
CA PHE A 80 13.88 -2.15 -8.61
C PHE A 80 14.25 -1.23 -9.79
N GLY A 81 13.90 0.06 -9.69
CA GLY A 81 14.03 1.06 -10.76
C GLY A 81 12.91 1.03 -11.82
N LYS A 82 11.85 0.24 -11.63
CA LYS A 82 10.69 0.11 -12.54
C LYS A 82 9.38 0.58 -11.87
N PRO A 83 8.44 1.17 -12.62
CA PRO A 83 7.27 1.83 -12.05
C PRO A 83 6.22 0.88 -11.46
N VAL A 84 5.54 1.34 -10.40
CA VAL A 84 4.51 0.65 -9.62
C VAL A 84 3.30 1.54 -9.30
N ARG A 85 2.21 0.96 -8.78
CA ARG A 85 0.98 1.67 -8.41
C ARG A 85 0.75 1.61 -6.90
N VAL A 86 0.26 2.68 -6.30
CA VAL A 86 0.09 2.85 -4.83
C VAL A 86 -1.24 3.53 -4.48
N HIS A 87 -2.08 2.86 -3.69
CA HIS A 87 -3.46 3.24 -3.35
C HIS A 87 -3.82 2.85 -1.90
N LEU A 88 -5.01 3.25 -1.39
CA LEU A 88 -5.55 2.73 -0.13
C LEU A 88 -6.53 1.58 -0.39
N SER A 89 -6.43 0.49 0.39
CA SER A 89 -7.32 -0.67 0.26
C SER A 89 -8.64 -0.47 1.02
N GLN A 90 -9.77 -0.65 0.32
CA GLN A 90 -11.10 -0.74 0.93
C GLN A 90 -11.42 -2.15 1.45
N LYS A 91 -10.67 -3.18 1.04
CA LYS A 91 -10.86 -4.60 1.40
C LYS A 91 -10.08 -5.02 2.65
N TYR A 92 -8.79 -4.75 2.70
CA TYR A 92 -7.89 -5.24 3.75
C TYR A 92 -8.00 -4.61 5.15
N LYS A 93 -7.76 -5.40 6.20
CA LYS A 93 -7.83 -5.02 7.62
C LYS A 93 -6.99 -5.94 8.50
N ARG A 94 -6.38 -5.39 9.56
CA ARG A 94 -5.69 -6.09 10.67
C ARG A 94 -4.83 -7.27 10.20
N ILE A 95 -3.91 -6.97 9.28
CA ILE A 95 -3.12 -7.96 8.53
C ILE A 95 -2.43 -8.96 9.47
N LYS A 96 -2.73 -10.26 9.29
CA LYS A 96 -2.20 -11.40 10.06
C LYS A 96 -2.42 -11.34 11.59
N SER A 97 -3.34 -10.50 12.06
CA SER A 97 -3.70 -10.40 13.49
C SER A 97 -4.50 -11.63 13.97
N GLY A 98 -4.47 -11.91 15.27
CA GLY A 98 -5.21 -13.00 15.91
C GLY A 98 -6.73 -12.75 16.06
N PRO A 99 -7.51 -13.76 16.48
CA PRO A 99 -8.97 -13.68 16.66
C PRO A 99 -9.40 -12.93 17.93
N SER A 100 -8.83 -11.73 18.16
CA SER A 100 -9.06 -10.90 19.36
C SER A 100 -10.50 -10.36 19.45
N SER A 101 -11.14 -10.10 18.30
CA SER A 101 -12.53 -9.63 18.17
C SER A 101 -13.14 -10.06 16.83
N GLY A 102 -14.48 -10.10 16.76
CA GLY A 102 -15.26 -10.52 15.58
C GLY A 102 -16.77 -10.33 15.77
N GLY A 1 -26.08 8.90 -22.64
CA GLY A 1 -26.12 9.14 -21.19
C GLY A 1 -25.00 8.41 -20.45
N SER A 2 -24.71 8.84 -19.23
CA SER A 2 -23.68 8.27 -18.35
C SER A 2 -23.97 8.51 -16.86
N SER A 3 -23.15 7.95 -15.96
CA SER A 3 -23.22 8.15 -14.50
C SER A 3 -22.85 9.58 -14.05
N GLY A 4 -22.32 10.43 -14.93
CA GLY A 4 -21.86 11.78 -14.62
C GLY A 4 -20.51 11.84 -13.87
N SER A 5 -20.09 13.04 -13.49
CA SER A 5 -18.84 13.33 -12.78
C SER A 5 -18.92 14.67 -12.01
N SER A 6 -17.99 14.90 -11.09
CA SER A 6 -17.87 16.15 -10.31
C SER A 6 -16.40 16.45 -9.96
N GLY A 7 -16.03 17.73 -9.92
CA GLY A 7 -14.66 18.19 -9.66
C GLY A 7 -14.22 18.01 -8.21
N GLN A 8 -14.99 18.56 -7.26
CA GLN A 8 -14.67 18.59 -5.83
C GLN A 8 -15.21 17.35 -5.08
N LYS A 9 -14.31 16.62 -4.40
CA LYS A 9 -14.60 15.49 -3.49
C LYS A 9 -13.41 15.22 -2.56
N GLY A 10 -13.68 14.81 -1.32
CA GLY A 10 -12.67 14.52 -0.29
C GLY A 10 -12.25 13.05 -0.23
N ARG A 11 -11.02 12.78 0.22
CA ARG A 11 -10.50 11.44 0.53
C ARG A 11 -11.09 10.93 1.85
N VAL A 12 -11.60 9.68 1.87
CA VAL A 12 -12.05 9.01 3.11
C VAL A 12 -10.90 8.54 3.99
N GLU A 13 -11.06 8.68 5.31
CA GLU A 13 -10.04 8.35 6.31
C GLU A 13 -10.19 6.95 6.94
N THR A 14 -11.21 6.17 6.53
CA THR A 14 -11.38 4.77 6.95
C THR A 14 -10.35 3.80 6.38
N ARG A 15 -9.92 2.81 7.19
CA ARG A 15 -8.82 1.85 6.92
C ARG A 15 -7.43 2.53 6.85
N ARG A 16 -6.39 1.74 7.11
CA ARG A 16 -5.00 2.22 7.32
C ARG A 16 -3.98 1.34 6.56
N VAL A 17 -4.40 0.76 5.44
CA VAL A 17 -3.63 -0.20 4.65
C VAL A 17 -3.36 0.30 3.22
N VAL A 18 -2.09 0.48 2.90
CA VAL A 18 -1.59 0.87 1.58
C VAL A 18 -1.50 -0.36 0.67
N HIS A 19 -2.28 -0.37 -0.40
CA HIS A 19 -2.26 -1.33 -1.50
C HIS A 19 -1.18 -0.93 -2.52
N ILE A 20 -0.33 -1.87 -2.93
CA ILE A 20 0.75 -1.68 -3.90
C ILE A 20 0.65 -2.78 -4.97
N MET A 21 0.73 -2.38 -6.24
CA MET A 21 0.48 -3.26 -7.40
C MET A 21 1.54 -3.07 -8.50
N ASP A 22 1.67 -4.07 -9.38
CA ASP A 22 2.49 -4.02 -10.60
C ASP A 22 4.03 -4.05 -10.47
N PHE A 23 4.55 -4.46 -9.30
CA PHE A 23 6.00 -4.56 -9.06
C PHE A 23 6.77 -5.64 -9.83
N GLN A 24 8.09 -5.50 -9.90
CA GLN A 24 9.02 -6.55 -10.36
C GLN A 24 9.59 -7.33 -9.16
N ARG A 25 9.78 -8.64 -9.34
CA ARG A 25 10.29 -9.56 -8.29
C ARG A 25 11.80 -9.44 -8.06
N GLY A 26 12.23 -9.75 -6.83
CA GLY A 26 13.64 -9.77 -6.42
C GLY A 26 13.82 -10.02 -4.91
N LYS A 27 15.04 -10.35 -4.47
CA LYS A 27 15.31 -10.79 -3.08
C LYS A 27 15.01 -9.72 -2.01
N ASN A 28 15.15 -8.43 -2.35
CA ASN A 28 14.84 -7.28 -1.48
C ASN A 28 13.41 -6.72 -1.66
N LEU A 29 12.50 -7.43 -2.33
CA LEU A 29 11.17 -6.91 -2.69
C LEU A 29 10.37 -6.36 -1.50
N ARG A 30 10.35 -7.08 -0.37
CA ARG A 30 9.68 -6.61 0.86
C ARG A 30 10.24 -5.26 1.33
N TYR A 31 11.57 -5.11 1.32
CA TYR A 31 12.22 -3.83 1.57
C TYR A 31 11.86 -2.70 0.59
N GLN A 32 11.89 -3.00 -0.71
CA GLN A 32 11.53 -2.04 -1.76
C GLN A 32 10.09 -1.50 -1.60
N LEU A 33 9.15 -2.38 -1.25
CA LEU A 33 7.75 -2.01 -1.01
C LEU A 33 7.58 -1.26 0.32
N LEU A 34 8.27 -1.68 1.40
CA LEU A 34 8.28 -0.96 2.68
C LEU A 34 8.80 0.47 2.52
N GLN A 35 9.86 0.70 1.73
CA GLN A 35 10.39 2.05 1.48
C GLN A 35 9.42 3.04 0.79
N LEU A 36 8.28 2.58 0.26
CA LEU A 36 7.22 3.46 -0.24
C LEU A 36 6.37 4.08 0.89
N VAL A 37 6.48 3.57 2.12
CA VAL A 37 5.66 3.97 3.28
C VAL A 37 6.43 4.15 4.60
N GLU A 38 7.63 3.59 4.73
CA GLU A 38 8.59 3.82 5.83
C GLU A 38 8.86 5.30 6.17
N PRO A 39 9.18 6.20 5.20
CA PRO A 39 9.35 7.62 5.50
C PRO A 39 8.04 8.34 5.87
N PHE A 40 6.90 7.74 5.55
CA PHE A 40 5.55 8.29 5.79
C PHE A 40 4.92 8.07 7.16
N GLY A 41 5.47 7.13 7.93
CA GLY A 41 4.96 6.80 9.26
C GLY A 41 5.42 5.44 9.80
N VAL A 42 4.76 5.02 10.87
CA VAL A 42 5.04 3.77 11.58
C VAL A 42 4.43 2.56 10.86
N ILE A 43 5.27 1.63 10.43
CA ILE A 43 4.85 0.32 9.90
C ILE A 43 4.24 -0.50 11.05
N SER A 44 3.02 -1.00 10.85
CA SER A 44 2.32 -1.90 11.78
C SER A 44 2.24 -3.36 11.30
N ASN A 45 2.16 -3.60 9.98
CA ASN A 45 2.29 -4.94 9.38
C ASN A 45 2.57 -4.87 7.86
N HIS A 46 2.99 -5.98 7.26
CA HIS A 46 3.18 -6.15 5.81
C HIS A 46 2.62 -7.50 5.31
N LEU A 47 2.25 -7.56 4.03
CA LEU A 47 1.76 -8.76 3.33
C LEU A 47 2.14 -8.66 1.84
N ILE A 48 2.98 -9.59 1.35
CA ILE A 48 3.39 -9.66 -0.06
C ILE A 48 2.79 -10.93 -0.69
N LEU A 49 1.99 -10.78 -1.75
CA LEU A 49 1.32 -11.91 -2.42
C LEU A 49 2.32 -12.73 -3.26
N ASN A 50 2.16 -14.06 -3.25
CA ASN A 50 3.00 -14.99 -4.01
C ASN A 50 2.46 -15.27 -5.43
N LYS A 51 1.15 -15.47 -5.57
CA LYS A 51 0.49 -15.85 -6.84
C LYS A 51 0.45 -14.72 -7.87
N ILE A 52 0.29 -13.48 -7.41
CA ILE A 52 0.18 -12.25 -8.20
C ILE A 52 1.08 -11.16 -7.58
N ASN A 53 1.51 -10.20 -8.39
CA ASN A 53 2.43 -9.10 -8.01
C ASN A 53 1.71 -7.94 -7.28
N GLU A 54 0.99 -8.31 -6.22
CA GLU A 54 0.24 -7.42 -5.32
C GLU A 54 0.86 -7.43 -3.91
N ALA A 55 0.71 -6.35 -3.15
CA ALA A 55 1.13 -6.26 -1.75
C ALA A 55 0.29 -5.27 -0.94
N PHE A 56 0.27 -5.46 0.37
CA PHE A 56 -0.42 -4.62 1.34
C PHE A 56 0.51 -4.25 2.51
N ILE A 57 0.50 -2.99 2.95
CA ILE A 57 1.25 -2.55 4.15
C ILE A 57 0.34 -1.74 5.07
N GLU A 58 0.20 -2.21 6.31
CA GLU A 58 -0.63 -1.60 7.36
C GLU A 58 0.20 -0.58 8.16
N MET A 59 -0.32 0.63 8.29
CA MET A 59 0.27 1.69 9.12
C MET A 59 -0.41 1.77 10.50
N ALA A 60 0.29 2.34 11.47
CA ALA A 60 -0.29 2.62 12.79
C ALA A 60 -1.49 3.59 12.73
N THR A 61 -1.45 4.57 11.81
CA THR A 61 -2.46 5.63 11.64
C THR A 61 -3.01 5.82 10.23
N THR A 62 -4.23 6.35 10.14
CA THR A 62 -4.81 6.81 8.87
C THR A 62 -4.02 7.96 8.24
N GLU A 63 -3.49 8.90 9.02
CA GLU A 63 -2.67 9.98 8.50
C GLU A 63 -1.35 9.47 7.89
N ASP A 64 -0.76 8.43 8.49
CA ASP A 64 0.43 7.74 7.98
C ASP A 64 0.20 6.99 6.67
N ALA A 65 -0.93 6.28 6.57
CA ALA A 65 -1.37 5.57 5.37
C ALA A 65 -1.76 6.55 4.25
N GLN A 66 -2.51 7.60 4.58
CA GLN A 66 -2.93 8.63 3.63
C GLN A 66 -1.74 9.43 3.08
N ALA A 67 -0.77 9.79 3.91
CA ALA A 67 0.38 10.61 3.48
C ALA A 67 1.23 9.91 2.40
N ALA A 68 1.44 8.59 2.52
CA ALA A 68 2.16 7.81 1.51
C ALA A 68 1.43 7.80 0.16
N VAL A 69 0.12 7.54 0.16
CA VAL A 69 -0.69 7.47 -1.06
C VAL A 69 -0.90 8.85 -1.67
N ASP A 70 -1.07 9.90 -0.86
CA ASP A 70 -1.25 11.28 -1.33
C ASP A 70 0.00 11.79 -2.07
N TYR A 71 1.19 11.32 -1.68
CA TYR A 71 2.44 11.55 -2.41
C TYR A 71 2.62 10.65 -3.65
N TYR A 72 2.36 9.34 -3.51
CA TYR A 72 2.56 8.35 -4.58
C TYR A 72 1.46 8.20 -5.65
N THR A 73 0.31 8.85 -5.45
CA THR A 73 -0.73 9.02 -6.49
C THR A 73 -0.35 10.02 -7.58
N THR A 74 0.43 11.05 -7.21
CA THR A 74 1.02 12.06 -8.13
C THR A 74 2.47 11.79 -8.55
N THR A 75 3.34 11.45 -7.58
CA THR A 75 4.72 11.02 -7.80
C THR A 75 4.86 9.57 -8.26
N PRO A 76 5.68 9.24 -9.28
CA PRO A 76 5.88 7.86 -9.73
C PRO A 76 6.57 7.00 -8.66
N ALA A 77 5.85 6.00 -8.13
CA ALA A 77 6.41 4.97 -7.27
C ALA A 77 7.27 3.98 -8.08
N LEU A 78 8.40 3.54 -7.53
CA LEU A 78 9.33 2.60 -8.18
C LEU A 78 9.69 1.41 -7.27
N VAL A 79 9.86 0.22 -7.86
CA VAL A 79 10.42 -0.99 -7.23
C VAL A 79 11.48 -1.56 -8.18
N PHE A 80 12.70 -1.75 -7.69
CA PHE A 80 13.88 -2.11 -8.48
C PHE A 80 14.21 -1.14 -9.64
N GLY A 81 13.76 0.11 -9.54
CA GLY A 81 13.80 1.13 -10.60
C GLY A 81 12.66 1.08 -11.63
N LYS A 82 11.74 0.09 -11.55
CA LYS A 82 10.59 -0.09 -12.43
C LYS A 82 9.30 0.47 -11.82
N PRO A 83 8.39 1.10 -12.60
CA PRO A 83 7.22 1.80 -12.07
C PRO A 83 6.14 0.86 -11.50
N VAL A 84 5.50 1.33 -10.42
CA VAL A 84 4.43 0.64 -9.67
C VAL A 84 3.27 1.56 -9.30
N ARG A 85 2.16 1.00 -8.78
CA ARG A 85 0.95 1.73 -8.38
C ARG A 85 0.71 1.64 -6.87
N VAL A 86 0.25 2.73 -6.25
CA VAL A 86 0.14 2.89 -4.78
C VAL A 86 -1.18 3.60 -4.41
N HIS A 87 -2.03 2.92 -3.64
CA HIS A 87 -3.39 3.34 -3.30
C HIS A 87 -3.77 2.90 -1.87
N LEU A 88 -4.93 3.35 -1.33
CA LEU A 88 -5.49 2.78 -0.09
C LEU A 88 -6.46 1.64 -0.43
N SER A 89 -6.41 0.53 0.31
CA SER A 89 -7.25 -0.64 0.03
C SER A 89 -8.74 -0.39 0.31
N GLN A 90 -9.61 -0.86 -0.60
CA GLN A 90 -11.06 -0.90 -0.39
C GLN A 90 -11.49 -2.00 0.60
N LYS A 91 -10.68 -3.06 0.76
CA LYS A 91 -11.00 -4.27 1.55
C LYS A 91 -10.22 -4.37 2.86
N TYR A 92 -8.90 -4.17 2.83
CA TYR A 92 -8.01 -4.34 3.97
C TYR A 92 -8.15 -3.32 5.09
N LYS A 93 -8.93 -3.67 6.13
CA LYS A 93 -9.10 -2.87 7.36
C LYS A 93 -7.84 -2.90 8.22
N ARG A 94 -7.30 -4.11 8.40
CA ARG A 94 -6.00 -4.47 8.98
C ARG A 94 -5.43 -5.69 8.25
N ILE A 95 -4.12 -5.86 8.27
CA ILE A 95 -3.42 -7.08 7.83
C ILE A 95 -3.27 -8.02 9.04
N LYS A 96 -2.89 -7.47 10.20
CA LYS A 96 -2.63 -8.21 11.44
C LYS A 96 -3.91 -8.92 11.95
N SER A 97 -3.74 -10.15 12.45
CA SER A 97 -4.83 -11.09 12.79
C SER A 97 -5.55 -10.75 14.12
N GLY A 98 -6.50 -11.59 14.54
CA GLY A 98 -7.29 -11.45 15.77
C GLY A 98 -6.51 -11.66 17.08
N PRO A 99 -7.21 -11.86 18.22
CA PRO A 99 -6.60 -12.02 19.54
C PRO A 99 -5.64 -13.23 19.69
N SER A 100 -5.83 -14.27 18.86
CA SER A 100 -4.97 -15.45 18.75
C SER A 100 -5.05 -16.06 17.35
N SER A 101 -3.95 -16.66 16.88
CA SER A 101 -3.83 -17.27 15.54
C SER A 101 -2.69 -18.30 15.51
N GLY A 102 -2.76 -19.27 14.58
CA GLY A 102 -1.80 -20.38 14.42
C GLY A 102 -1.86 -21.42 15.54
#